data_2LLZ
#
_entry.id   2LLZ
#
_entity_poly.entity_id   1
_entity_poly.type   'polypeptide(L)'
_entity_poly.pdbx_seq_one_letter_code
;GHMEGKNKFNTYVVSFDYPSSYSSVFLRLRSLMYDMNFSSIVADEYGIPRQLNENSFAITTSLAASEIEDLIRLKCLDLP
DIDFDLNIMTVDDYFRQFYK
;
_entity_poly.pdbx_strand_id   A
#
# COMPACT_ATOMS: atom_id res chain seq x y z
N GLY A 1 9.57 -22.98 16.04
CA GLY A 1 9.65 -21.66 15.43
C GLY A 1 8.38 -20.89 15.65
N HIS A 2 8.46 -19.57 15.68
CA HIS A 2 7.29 -18.75 15.91
C HIS A 2 6.46 -18.59 14.64
N MET A 3 5.79 -19.65 14.31
CA MET A 3 4.84 -19.69 13.22
C MET A 3 3.57 -18.99 13.67
N GLU A 4 3.39 -18.98 14.98
CA GLU A 4 2.28 -18.40 15.63
C GLU A 4 2.55 -16.91 15.79
N GLY A 5 1.51 -16.14 15.93
CA GLY A 5 1.64 -14.72 16.02
C GLY A 5 1.42 -14.14 14.67
N LYS A 6 2.24 -14.59 13.75
CA LYS A 6 2.16 -14.19 12.39
C LYS A 6 1.51 -15.25 11.59
N ASN A 7 0.44 -15.68 12.14
CA ASN A 7 -0.47 -16.57 11.49
C ASN A 7 -1.69 -15.75 11.16
N LYS A 8 -1.59 -14.50 11.55
CA LYS A 8 -2.61 -13.52 11.39
C LYS A 8 -2.11 -12.46 10.44
N PHE A 9 -2.29 -12.69 9.18
CA PHE A 9 -1.94 -11.74 8.17
C PHE A 9 -3.07 -10.79 8.01
N ASN A 10 -2.79 -9.54 8.26
CA ASN A 10 -3.82 -8.53 8.30
C ASN A 10 -4.01 -7.95 6.93
N THR A 11 -4.73 -6.88 6.83
CA THR A 11 -4.93 -6.27 5.57
C THR A 11 -4.90 -4.74 5.73
N TYR A 12 -4.00 -4.13 5.03
CA TYR A 12 -3.80 -2.71 5.09
C TYR A 12 -4.01 -2.08 3.75
N VAL A 13 -4.16 -0.80 3.77
CA VAL A 13 -4.30 0.02 2.60
C VAL A 13 -3.30 1.17 2.68
N VAL A 14 -2.69 1.49 1.56
CA VAL A 14 -1.75 2.55 1.53
C VAL A 14 -2.20 3.61 0.56
N SER A 15 -2.24 4.79 1.01
CA SER A 15 -2.66 5.90 0.25
C SER A 15 -1.45 6.74 -0.11
N PHE A 16 -1.09 6.75 -1.38
CA PHE A 16 0.07 7.50 -1.83
C PHE A 16 -0.31 8.88 -2.27
N ASP A 17 0.52 9.82 -1.94
CA ASP A 17 0.33 11.20 -2.35
C ASP A 17 1.49 11.60 -3.13
N TYR A 18 1.23 12.15 -4.25
CA TYR A 18 2.25 12.53 -5.16
C TYR A 18 1.60 13.27 -6.32
N PRO A 19 2.27 14.28 -6.87
CA PRO A 19 1.76 14.98 -8.03
C PRO A 19 1.86 14.09 -9.28
N SER A 20 0.96 14.32 -10.22
CA SER A 20 0.84 13.48 -11.41
C SER A 20 2.07 13.59 -12.34
N SER A 21 2.87 14.62 -12.15
CA SER A 21 4.09 14.80 -12.91
C SER A 21 5.09 13.64 -12.63
N TYR A 22 4.91 12.95 -11.51
CA TYR A 22 5.79 11.85 -11.16
C TYR A 22 5.17 10.50 -11.44
N SER A 23 4.11 10.45 -12.20
CA SER A 23 3.47 9.18 -12.49
C SER A 23 4.42 8.24 -13.23
N SER A 24 5.18 8.78 -14.18
CA SER A 24 6.13 8.02 -14.98
C SER A 24 7.25 7.43 -14.11
N VAL A 25 7.49 8.09 -13.01
CA VAL A 25 8.50 7.69 -12.05
C VAL A 25 7.91 6.67 -11.10
N PHE A 26 6.69 6.87 -10.80
CA PHE A 26 6.00 6.10 -9.83
C PHE A 26 5.66 4.72 -10.37
N LEU A 27 5.66 4.60 -11.66
CA LEU A 27 5.39 3.33 -12.32
C LEU A 27 6.42 2.28 -11.90
N ARG A 28 7.55 2.75 -11.44
CA ARG A 28 8.59 1.86 -10.98
C ARG A 28 8.16 1.33 -9.63
N LEU A 29 7.78 2.26 -8.77
CA LEU A 29 7.37 1.99 -7.39
C LEU A 29 6.13 1.09 -7.37
N ARG A 30 5.25 1.27 -8.36
CA ARG A 30 4.02 0.46 -8.42
C ARG A 30 4.36 -0.96 -8.76
N SER A 31 5.32 -1.10 -9.63
CA SER A 31 5.80 -2.40 -10.05
C SER A 31 6.48 -3.10 -8.87
N LEU A 32 7.05 -2.31 -7.97
CA LEU A 32 7.66 -2.81 -6.76
C LEU A 32 6.59 -3.34 -5.81
N MET A 33 5.47 -2.63 -5.74
CA MET A 33 4.34 -3.00 -4.89
C MET A 33 3.87 -4.40 -5.17
N TYR A 34 3.64 -4.67 -6.44
CA TYR A 34 3.11 -5.95 -6.85
C TYR A 34 4.19 -7.01 -6.88
N ASP A 35 5.42 -6.57 -6.84
CA ASP A 35 6.53 -7.49 -6.71
C ASP A 35 6.60 -7.94 -5.26
N MET A 36 6.13 -7.05 -4.39
CA MET A 36 5.98 -7.30 -2.99
C MET A 36 4.56 -7.84 -2.72
N ASN A 37 4.04 -7.64 -1.52
CA ASN A 37 2.76 -8.24 -1.14
C ASN A 37 1.54 -7.37 -1.42
N PHE A 38 1.75 -6.21 -1.99
CA PHE A 38 0.64 -5.31 -2.29
C PHE A 38 -0.26 -5.83 -3.42
N SER A 39 -1.50 -5.40 -3.41
CA SER A 39 -2.47 -5.83 -4.39
C SER A 39 -3.29 -4.64 -4.95
N SER A 40 -4.03 -4.91 -6.02
CA SER A 40 -4.86 -3.93 -6.70
C SER A 40 -6.32 -4.03 -6.28
N ILE A 41 -6.70 -5.17 -5.77
CA ILE A 41 -8.06 -5.44 -5.34
C ILE A 41 -8.07 -5.89 -3.89
N VAL A 42 -9.10 -5.51 -3.17
CA VAL A 42 -9.35 -5.96 -1.83
C VAL A 42 -10.86 -5.80 -1.58
N ALA A 43 -11.43 -6.66 -0.78
CA ALA A 43 -12.85 -6.56 -0.50
C ALA A 43 -13.13 -5.47 0.49
N ASP A 44 -14.20 -4.76 0.24
CA ASP A 44 -14.64 -3.70 1.13
C ASP A 44 -15.39 -4.29 2.32
N GLU A 45 -16.04 -3.44 3.10
CA GLU A 45 -16.73 -3.88 4.29
C GLU A 45 -18.04 -4.59 3.96
N TYR A 46 -18.52 -4.41 2.73
CA TYR A 46 -19.73 -5.04 2.32
C TYR A 46 -19.35 -6.43 1.83
N GLY A 47 -18.23 -6.47 1.14
CA GLY A 47 -17.69 -7.68 0.62
C GLY A 47 -17.41 -7.60 -0.86
N ILE A 48 -17.34 -6.39 -1.40
CA ILE A 48 -17.11 -6.23 -2.81
C ILE A 48 -15.63 -6.02 -3.09
N PRO A 49 -15.06 -6.79 -4.02
CA PRO A 49 -13.67 -6.64 -4.44
C PRO A 49 -13.48 -5.29 -5.15
N ARG A 50 -12.93 -4.36 -4.44
CA ARG A 50 -12.71 -3.04 -4.95
C ARG A 50 -11.36 -2.92 -5.57
N GLN A 51 -11.27 -2.09 -6.57
CA GLN A 51 -10.02 -1.74 -7.17
C GLN A 51 -9.47 -0.57 -6.42
N LEU A 52 -8.22 -0.60 -6.23
CA LEU A 52 -7.53 0.42 -5.46
C LEU A 52 -6.79 1.36 -6.34
N ASN A 53 -6.60 0.93 -7.58
CA ASN A 53 -5.75 1.60 -8.61
C ASN A 53 -6.25 2.97 -9.05
N GLU A 54 -6.37 3.80 -8.11
CA GLU A 54 -6.65 5.19 -8.28
C GLU A 54 -5.53 5.93 -7.61
N ASN A 55 -5.36 5.58 -6.35
CA ASN A 55 -4.50 6.30 -5.44
C ASN A 55 -4.02 5.43 -4.26
N SER A 56 -4.85 4.51 -3.81
CA SER A 56 -4.49 3.63 -2.72
C SER A 56 -4.25 2.22 -3.20
N PHE A 57 -3.67 1.39 -2.35
CA PHE A 57 -3.40 -0.01 -2.65
C PHE A 57 -3.55 -0.79 -1.36
N ALA A 58 -3.54 -2.11 -1.42
CA ALA A 58 -3.72 -2.91 -0.20
C ALA A 58 -2.61 -3.92 -0.07
N ILE A 59 -2.48 -4.47 1.10
CA ILE A 59 -1.48 -5.47 1.38
C ILE A 59 -1.92 -6.38 2.54
N THR A 60 -1.61 -7.65 2.43
CA THR A 60 -1.99 -8.64 3.43
C THR A 60 -0.90 -8.81 4.52
N THR A 61 -0.18 -7.76 4.80
CA THR A 61 0.91 -7.86 5.74
C THR A 61 0.37 -7.78 7.21
N SER A 62 1.23 -8.08 8.16
CA SER A 62 0.88 -8.01 9.55
C SER A 62 1.90 -7.17 10.31
N LEU A 63 2.82 -6.55 9.59
CA LEU A 63 3.74 -5.63 10.20
C LEU A 63 3.06 -4.30 10.46
N ALA A 64 3.76 -3.38 11.04
CA ALA A 64 3.12 -2.17 11.40
C ALA A 64 3.10 -1.18 10.27
N ALA A 65 2.31 -0.15 10.42
CA ALA A 65 2.12 0.87 9.41
C ALA A 65 3.44 1.52 8.99
N SER A 66 4.22 1.89 9.95
CA SER A 66 5.48 2.53 9.67
C SER A 66 6.52 1.54 9.19
N GLU A 67 6.20 0.25 9.30
CA GLU A 67 7.07 -0.77 8.82
C GLU A 67 6.81 -0.91 7.34
N ILE A 68 5.51 -0.86 6.96
CA ILE A 68 5.14 -0.88 5.53
C ILE A 68 5.80 0.28 4.85
N GLU A 69 5.73 1.45 5.49
CA GLU A 69 6.35 2.66 5.00
C GLU A 69 7.82 2.44 4.70
N ASP A 70 8.53 1.86 5.67
CA ASP A 70 9.99 1.67 5.53
C ASP A 70 10.29 0.74 4.38
N LEU A 71 9.47 -0.29 4.25
CA LEU A 71 9.56 -1.25 3.16
C LEU A 71 9.49 -0.55 1.82
N ILE A 72 8.51 0.28 1.67
CA ILE A 72 8.26 0.97 0.43
C ILE A 72 9.33 2.02 0.18
N ARG A 73 9.68 2.75 1.21
CA ARG A 73 10.60 3.85 1.05
C ARG A 73 12.03 3.36 0.78
N LEU A 74 12.35 2.12 1.16
CA LEU A 74 13.66 1.59 0.84
C LEU A 74 13.68 1.07 -0.60
N LYS A 75 12.50 0.90 -1.18
CA LYS A 75 12.38 0.49 -2.58
C LYS A 75 12.42 1.69 -3.50
N CYS A 76 12.48 2.87 -2.89
CA CYS A 76 12.58 4.12 -3.63
C CYS A 76 14.00 4.29 -4.16
N LEU A 77 14.90 3.43 -3.71
CA LEU A 77 16.28 3.42 -4.15
C LEU A 77 16.36 2.82 -5.57
N ASP A 78 15.28 2.16 -5.98
CA ASP A 78 15.19 1.55 -7.30
C ASP A 78 14.83 2.61 -8.29
N LEU A 79 13.83 3.36 -7.93
CA LEU A 79 13.31 4.41 -8.79
C LEU A 79 14.25 5.61 -8.78
N PRO A 80 14.16 6.51 -9.79
CA PRO A 80 15.00 7.71 -9.84
C PRO A 80 14.75 8.62 -8.63
N ASP A 81 13.64 9.35 -8.64
CA ASP A 81 13.28 10.22 -7.53
C ASP A 81 11.84 10.69 -7.65
N ILE A 82 11.14 10.68 -6.54
CA ILE A 82 9.77 11.13 -6.45
C ILE A 82 9.45 11.49 -5.01
N ASP A 83 9.03 12.70 -4.82
CA ASP A 83 8.54 13.13 -3.52
C ASP A 83 7.14 12.60 -3.32
N PHE A 84 7.06 11.47 -2.70
CA PHE A 84 5.80 10.88 -2.39
C PHE A 84 5.62 10.87 -0.90
N ASP A 85 4.41 10.82 -0.49
CA ASP A 85 4.08 10.78 0.89
C ASP A 85 2.98 9.76 1.03
N LEU A 86 3.15 8.75 1.83
CA LEU A 86 2.13 7.73 1.92
C LEU A 86 1.50 7.72 3.29
N ASN A 87 0.29 7.29 3.33
CA ASN A 87 -0.41 7.08 4.55
C ASN A 87 -0.88 5.64 4.60
N ILE A 88 -0.37 4.89 5.52
CA ILE A 88 -0.83 3.54 5.73
C ILE A 88 -2.05 3.58 6.63
N MET A 89 -3.01 2.77 6.33
CA MET A 89 -4.18 2.63 7.13
C MET A 89 -4.65 1.21 6.95
N THR A 90 -5.48 0.74 7.81
CA THR A 90 -6.09 -0.54 7.60
C THR A 90 -7.18 -0.42 6.52
N VAL A 91 -7.44 -1.52 5.85
CA VAL A 91 -8.48 -1.60 4.81
C VAL A 91 -9.84 -1.08 5.32
N ASP A 92 -10.17 -1.41 6.56
CA ASP A 92 -11.45 -0.97 7.14
C ASP A 92 -11.49 0.53 7.26
N ASP A 93 -10.33 1.10 7.58
CA ASP A 93 -10.15 2.53 7.79
C ASP A 93 -10.22 3.26 6.48
N TYR A 94 -10.02 2.52 5.45
CA TYR A 94 -10.03 3.04 4.15
C TYR A 94 -11.43 3.16 3.61
N PHE A 95 -12.11 2.05 3.57
CA PHE A 95 -13.44 1.99 3.00
C PHE A 95 -14.48 2.76 3.79
N ARG A 96 -14.18 3.03 5.02
CA ARG A 96 -15.04 3.84 5.85
C ARG A 96 -15.06 5.31 5.36
N GLN A 97 -14.09 5.68 4.51
CA GLN A 97 -14.03 7.01 3.94
C GLN A 97 -14.69 6.99 2.56
N PHE A 98 -14.40 5.95 1.81
CA PHE A 98 -14.88 5.79 0.43
C PHE A 98 -15.94 4.73 0.38
N TYR A 99 -17.13 5.14 0.07
CA TYR A 99 -18.29 4.27 0.15
C TYR A 99 -18.58 3.55 -1.16
N LYS A 100 -19.74 2.88 -1.13
CA LYS A 100 -20.35 2.13 -2.21
C LYS A 100 -20.18 2.80 -3.58
N GLY A 1 11.88 -23.55 15.18
CA GLY A 1 12.28 -23.08 16.49
C GLY A 1 11.41 -21.95 16.93
N HIS A 2 11.71 -21.37 18.06
CA HIS A 2 10.91 -20.27 18.53
C HIS A 2 11.43 -18.95 18.09
N MET A 3 11.28 -18.69 16.84
CA MET A 3 11.53 -17.41 16.29
C MET A 3 10.25 -17.04 15.64
N GLU A 4 9.27 -16.80 16.47
CA GLU A 4 7.94 -16.59 16.05
C GLU A 4 7.81 -15.30 15.31
N GLY A 5 7.33 -15.38 14.12
CA GLY A 5 7.00 -14.23 13.40
C GLY A 5 5.56 -13.92 13.61
N LYS A 6 4.80 -13.96 12.56
CA LYS A 6 3.40 -13.74 12.65
C LYS A 6 2.68 -14.62 11.69
N ASN A 7 1.68 -15.25 12.20
CA ASN A 7 0.82 -16.11 11.44
C ASN A 7 -0.39 -15.30 11.05
N LYS A 8 -0.53 -14.14 11.69
CA LYS A 8 -1.54 -13.22 11.36
C LYS A 8 -0.96 -12.04 10.61
N PHE A 9 -1.03 -12.16 9.33
CA PHE A 9 -0.77 -11.10 8.41
C PHE A 9 -1.94 -10.19 8.43
N ASN A 10 -1.67 -8.98 8.68
CA ASN A 10 -2.71 -8.01 8.83
C ASN A 10 -2.98 -7.35 7.50
N THR A 11 -3.80 -6.36 7.46
CA THR A 11 -4.13 -5.79 6.22
C THR A 11 -4.15 -4.24 6.31
N TYR A 12 -3.28 -3.63 5.57
CA TYR A 12 -3.12 -2.21 5.59
C TYR A 12 -3.37 -1.60 4.25
N VAL A 13 -3.59 -0.33 4.25
CA VAL A 13 -3.81 0.46 3.08
C VAL A 13 -2.85 1.64 3.08
N VAL A 14 -2.27 1.90 1.96
CA VAL A 14 -1.37 3.00 1.81
C VAL A 14 -1.94 3.97 0.83
N SER A 15 -1.89 5.19 1.17
CA SER A 15 -2.38 6.24 0.33
C SER A 15 -1.20 7.06 -0.17
N PHE A 16 -0.87 6.93 -1.45
CA PHE A 16 0.26 7.64 -2.02
C PHE A 16 -0.13 8.98 -2.60
N ASP A 17 0.71 9.93 -2.34
CA ASP A 17 0.61 11.24 -2.88
C ASP A 17 1.86 11.57 -3.62
N TYR A 18 1.72 11.93 -4.84
CA TYR A 18 2.83 12.24 -5.71
C TYR A 18 2.30 13.04 -6.89
N PRO A 19 3.03 14.07 -7.34
CA PRO A 19 2.64 14.83 -8.51
C PRO A 19 2.77 13.97 -9.76
N SER A 20 1.96 14.26 -10.74
CA SER A 20 1.87 13.49 -11.97
C SER A 20 3.13 13.68 -12.84
N SER A 21 4.00 14.57 -12.42
CA SER A 21 5.28 14.81 -13.03
C SER A 21 6.17 13.56 -12.90
N TYR A 22 5.85 12.72 -11.92
CA TYR A 22 6.60 11.50 -11.70
C TYR A 22 5.77 10.30 -12.07
N SER A 23 4.79 10.46 -12.92
CA SER A 23 3.92 9.36 -13.30
C SER A 23 4.72 8.21 -13.92
N SER A 24 5.65 8.52 -14.81
CA SER A 24 6.47 7.51 -15.47
C SER A 24 7.43 6.82 -14.49
N VAL A 25 7.75 7.55 -13.46
CA VAL A 25 8.74 7.14 -12.48
C VAL A 25 8.10 6.26 -11.44
N PHE A 26 6.89 6.57 -11.12
CA PHE A 26 6.18 5.91 -10.10
C PHE A 26 5.74 4.54 -10.56
N LEU A 27 5.67 4.34 -11.85
CA LEU A 27 5.27 3.05 -12.38
C LEU A 27 6.31 2.01 -12.01
N ARG A 28 7.50 2.47 -11.67
CA ARG A 28 8.56 1.58 -11.25
C ARG A 28 8.27 1.16 -9.82
N LEU A 29 7.86 2.14 -9.01
CA LEU A 29 7.54 1.96 -7.60
C LEU A 29 6.30 1.06 -7.44
N ARG A 30 5.37 1.15 -8.40
CA ARG A 30 4.18 0.32 -8.32
C ARG A 30 4.53 -1.12 -8.52
N SER A 31 5.51 -1.34 -9.36
CA SER A 31 6.03 -2.67 -9.59
C SER A 31 6.68 -3.24 -8.31
N LEU A 32 7.26 -2.36 -7.50
CA LEU A 32 7.85 -2.76 -6.21
C LEU A 32 6.76 -3.26 -5.29
N MET A 33 5.62 -2.61 -5.35
CA MET A 33 4.46 -2.94 -4.54
C MET A 33 4.07 -4.41 -4.70
N TYR A 34 3.90 -4.84 -5.95
CA TYR A 34 3.44 -6.20 -6.23
C TYR A 34 4.57 -7.18 -6.09
N ASP A 35 5.78 -6.66 -6.14
CA ASP A 35 6.99 -7.44 -5.92
C ASP A 35 7.06 -7.82 -4.44
N MET A 36 6.48 -6.95 -3.63
CA MET A 36 6.31 -7.16 -2.23
C MET A 36 4.88 -7.72 -1.97
N ASN A 37 4.26 -7.35 -0.87
CA ASN A 37 2.93 -7.90 -0.53
C ASN A 37 1.77 -6.96 -0.84
N PHE A 38 2.07 -5.81 -1.40
CA PHE A 38 1.01 -4.87 -1.75
C PHE A 38 0.09 -5.44 -2.85
N SER A 39 -1.12 -4.96 -2.88
CA SER A 39 -2.10 -5.36 -3.84
C SER A 39 -2.94 -4.18 -4.27
N SER A 40 -3.64 -4.36 -5.36
CA SER A 40 -4.52 -3.37 -5.90
C SER A 40 -5.97 -3.67 -5.60
N ILE A 41 -6.22 -4.86 -5.11
CA ILE A 41 -7.54 -5.27 -4.72
C ILE A 41 -7.47 -5.78 -3.29
N VAL A 42 -8.45 -5.46 -2.51
CA VAL A 42 -8.57 -5.95 -1.16
C VAL A 42 -10.05 -5.94 -0.80
N ALA A 43 -10.46 -6.83 0.06
CA ALA A 43 -11.82 -6.89 0.48
C ALA A 43 -12.15 -5.77 1.43
N ASP A 44 -13.30 -5.18 1.24
CA ASP A 44 -13.80 -4.14 2.11
C ASP A 44 -14.42 -4.73 3.37
N GLU A 45 -15.16 -3.91 4.10
CA GLU A 45 -15.80 -4.33 5.34
C GLU A 45 -16.93 -5.31 5.07
N TYR A 46 -17.49 -5.26 3.87
CA TYR A 46 -18.60 -6.11 3.52
C TYR A 46 -18.04 -7.43 3.04
N GLY A 47 -16.92 -7.35 2.39
CA GLY A 47 -16.23 -8.51 1.88
C GLY A 47 -16.06 -8.43 0.39
N ILE A 48 -16.20 -7.25 -0.15
CA ILE A 48 -16.12 -7.05 -1.57
C ILE A 48 -14.71 -6.61 -1.97
N PRO A 49 -14.09 -7.34 -2.90
CA PRO A 49 -12.77 -7.00 -3.41
C PRO A 49 -12.79 -5.69 -4.21
N ARG A 50 -12.33 -4.66 -3.59
CA ARG A 50 -12.31 -3.33 -4.18
C ARG A 50 -10.98 -3.06 -4.82
N GLN A 51 -11.00 -2.22 -5.83
CA GLN A 51 -9.80 -1.68 -6.41
C GLN A 51 -9.37 -0.48 -5.63
N LEU A 52 -8.11 -0.32 -5.51
CA LEU A 52 -7.51 0.72 -4.70
C LEU A 52 -6.88 1.78 -5.54
N ASN A 53 -6.64 1.42 -6.81
CA ASN A 53 -5.83 2.22 -7.78
C ASN A 53 -6.42 3.55 -8.17
N GLU A 54 -6.57 4.34 -7.20
CA GLU A 54 -6.98 5.70 -7.29
C GLU A 54 -5.88 6.57 -6.69
N ASN A 55 -5.28 6.05 -5.61
CA ASN A 55 -4.15 6.67 -4.89
C ASN A 55 -3.69 5.68 -3.81
N SER A 56 -4.65 4.94 -3.29
CA SER A 56 -4.42 3.97 -2.29
C SER A 56 -4.09 2.59 -2.86
N PHE A 57 -3.51 1.77 -2.03
CA PHE A 57 -3.18 0.40 -2.31
C PHE A 57 -3.26 -0.33 -0.99
N ALA A 58 -3.19 -1.62 -0.99
CA ALA A 58 -3.27 -2.37 0.24
C ALA A 58 -2.14 -3.31 0.32
N ILE A 59 -1.94 -3.87 1.48
CA ILE A 59 -0.92 -4.82 1.69
C ILE A 59 -1.30 -5.73 2.83
N THR A 60 -0.93 -6.97 2.72
CA THR A 60 -1.10 -7.86 3.77
C THR A 60 0.27 -8.04 4.43
N THR A 61 0.49 -7.26 5.43
CA THR A 61 1.70 -7.29 6.15
C THR A 61 1.33 -7.28 7.62
N SER A 62 2.19 -7.70 8.45
CA SER A 62 1.87 -7.78 9.82
C SER A 62 2.67 -6.74 10.63
N LEU A 63 3.48 -5.96 9.95
CA LEU A 63 4.27 -4.92 10.59
C LEU A 63 3.48 -3.64 10.74
N ALA A 64 4.09 -2.64 11.30
CA ALA A 64 3.37 -1.44 11.57
C ALA A 64 3.54 -0.40 10.47
N ALA A 65 2.79 0.68 10.60
CA ALA A 65 2.77 1.78 9.64
C ALA A 65 4.14 2.34 9.37
N SER A 66 4.88 2.53 10.43
CA SER A 66 6.22 3.07 10.36
C SER A 66 7.17 2.10 9.64
N GLU A 67 6.77 0.85 9.60
CA GLU A 67 7.58 -0.16 9.01
C GLU A 67 7.24 -0.26 7.54
N ILE A 68 5.95 -0.16 7.21
CA ILE A 68 5.53 -0.17 5.80
C ILE A 68 6.17 0.98 5.07
N GLU A 69 6.11 2.17 5.67
CA GLU A 69 6.73 3.35 5.10
C GLU A 69 8.19 3.10 4.82
N ASP A 70 8.87 2.62 5.84
CA ASP A 70 10.29 2.30 5.76
C ASP A 70 10.60 1.32 4.64
N LEU A 71 9.78 0.28 4.54
CA LEU A 71 9.90 -0.73 3.51
C LEU A 71 9.85 -0.11 2.14
N ILE A 72 8.86 0.74 1.94
CA ILE A 72 8.64 1.35 0.66
C ILE A 72 9.75 2.34 0.34
N ARG A 73 10.12 3.12 1.32
CA ARG A 73 11.08 4.16 1.10
C ARG A 73 12.50 3.60 0.96
N LEU A 74 12.75 2.39 1.46
CA LEU A 74 14.07 1.80 1.28
C LEU A 74 14.11 1.09 -0.08
N LYS A 75 12.91 0.79 -0.63
CA LYS A 75 12.80 0.21 -1.97
C LYS A 75 12.85 1.30 -3.02
N CYS A 76 12.90 2.54 -2.57
CA CYS A 76 12.99 3.67 -3.45
C CYS A 76 14.42 3.80 -3.98
N LEU A 77 15.31 2.98 -3.45
CA LEU A 77 16.68 2.95 -3.90
C LEU A 77 16.77 2.12 -5.19
N ASP A 78 15.72 1.35 -5.45
CA ASP A 78 15.65 0.51 -6.65
C ASP A 78 15.29 1.38 -7.81
N LEU A 79 14.32 2.24 -7.57
CA LEU A 79 13.85 3.16 -8.58
C LEU A 79 14.80 4.37 -8.67
N PRO A 80 14.74 5.20 -9.76
CA PRO A 80 15.57 6.39 -9.88
C PRO A 80 15.38 7.36 -8.69
N ASP A 81 14.28 8.10 -8.69
CA ASP A 81 13.93 9.01 -7.60
C ASP A 81 12.58 9.61 -7.86
N ILE A 82 11.83 9.77 -6.81
CA ILE A 82 10.53 10.36 -6.83
C ILE A 82 10.20 10.87 -5.45
N ASP A 83 9.90 12.12 -5.36
CA ASP A 83 9.42 12.66 -4.11
C ASP A 83 7.97 12.27 -3.94
N PHE A 84 7.74 11.26 -3.18
CA PHE A 84 6.41 10.84 -2.90
C PHE A 84 6.17 10.91 -1.42
N ASP A 85 4.95 10.88 -1.05
CA ASP A 85 4.54 10.87 0.34
C ASP A 85 3.44 9.87 0.45
N LEU A 86 3.36 9.18 1.54
CA LEU A 86 2.36 8.18 1.68
C LEU A 86 1.75 8.26 3.06
N ASN A 87 0.55 7.80 3.18
CA ASN A 87 -0.11 7.68 4.43
C ASN A 87 -0.58 6.27 4.62
N ILE A 88 -0.03 5.60 5.58
CA ILE A 88 -0.44 4.27 5.93
C ILE A 88 -1.62 4.33 6.86
N MET A 89 -2.58 3.49 6.60
CA MET A 89 -3.73 3.32 7.44
C MET A 89 -4.09 1.85 7.32
N THR A 90 -4.85 1.32 8.22
CA THR A 90 -5.32 -0.03 8.05
C THR A 90 -6.41 -0.05 6.99
N VAL A 91 -6.67 -1.20 6.44
CA VAL A 91 -7.77 -1.36 5.50
C VAL A 91 -9.10 -0.96 6.16
N ASP A 92 -9.18 -1.24 7.45
CA ASP A 92 -10.36 -0.92 8.24
C ASP A 92 -10.50 0.58 8.33
N ASP A 93 -9.36 1.27 8.52
CA ASP A 93 -9.33 2.74 8.61
C ASP A 93 -9.51 3.36 7.26
N TYR A 94 -9.43 2.55 6.25
CA TYR A 94 -9.61 3.02 4.93
C TYR A 94 -11.05 2.95 4.53
N PHE A 95 -11.60 1.77 4.60
CA PHE A 95 -12.98 1.54 4.18
C PHE A 95 -14.00 2.19 5.06
N ARG A 96 -13.59 2.61 6.21
CA ARG A 96 -14.45 3.41 7.07
C ARG A 96 -14.77 4.78 6.43
N GLN A 97 -13.95 5.19 5.46
CA GLN A 97 -14.13 6.48 4.78
C GLN A 97 -15.03 6.27 3.59
N PHE A 98 -14.81 5.18 2.93
CA PHE A 98 -15.46 4.89 1.69
C PHE A 98 -16.74 4.08 1.86
N TYR A 99 -17.53 4.08 0.83
CA TYR A 99 -18.78 3.37 0.75
C TYR A 99 -18.73 2.43 -0.43
N LYS A 100 -19.88 1.99 -0.88
CA LYS A 100 -19.97 1.21 -2.07
C LYS A 100 -19.60 2.10 -3.24
N GLY A 1 17.40 -14.34 14.52
CA GLY A 1 16.23 -15.04 15.04
C GLY A 1 15.01 -14.73 14.22
N HIS A 2 13.99 -15.56 14.35
CA HIS A 2 12.75 -15.38 13.63
C HIS A 2 11.63 -15.95 14.45
N MET A 3 10.91 -15.10 15.11
CA MET A 3 9.72 -15.51 15.79
C MET A 3 8.63 -15.55 14.74
N GLU A 4 8.12 -16.69 14.49
CA GLU A 4 7.18 -16.84 13.46
C GLU A 4 5.78 -16.47 13.92
N GLY A 5 5.54 -15.22 13.98
CA GLY A 5 4.25 -14.74 14.27
C GLY A 5 3.57 -14.37 13.00
N LYS A 6 3.20 -15.36 12.22
CA LYS A 6 2.57 -15.10 10.98
C LYS A 6 1.53 -16.16 10.70
N ASN A 7 0.46 -16.06 11.39
CA ASN A 7 -0.70 -16.90 11.18
C ASN A 7 -1.81 -16.03 10.72
N LYS A 8 -1.93 -14.91 11.37
CA LYS A 8 -2.90 -13.95 11.03
C LYS A 8 -2.27 -12.94 10.11
N PHE A 9 -2.71 -12.95 8.91
CA PHE A 9 -2.30 -12.00 7.96
C PHE A 9 -3.29 -10.88 8.01
N ASN A 10 -2.83 -9.71 8.33
CA ASN A 10 -3.72 -8.60 8.49
C ASN A 10 -3.87 -7.89 7.18
N THR A 11 -4.70 -6.92 7.12
CA THR A 11 -4.94 -6.28 5.87
C THR A 11 -4.94 -4.74 6.04
N TYR A 12 -4.14 -4.09 5.22
CA TYR A 12 -3.94 -2.67 5.27
C TYR A 12 -4.10 -2.04 3.91
N VAL A 13 -4.30 -0.76 3.92
CA VAL A 13 -4.44 0.05 2.74
C VAL A 13 -3.42 1.19 2.79
N VAL A 14 -2.86 1.50 1.66
CA VAL A 14 -1.94 2.57 1.57
C VAL A 14 -2.43 3.57 0.56
N SER A 15 -2.42 4.79 0.94
CA SER A 15 -2.84 5.86 0.10
C SER A 15 -1.62 6.70 -0.30
N PHE A 16 -1.24 6.63 -1.56
CA PHE A 16 -0.08 7.34 -2.04
C PHE A 16 -0.41 8.73 -2.52
N ASP A 17 0.56 9.59 -2.38
CA ASP A 17 0.50 10.94 -2.88
C ASP A 17 1.78 11.22 -3.62
N TYR A 18 1.67 11.44 -4.90
CA TYR A 18 2.82 11.72 -5.73
C TYR A 18 2.38 12.63 -6.86
N PRO A 19 3.24 13.58 -7.25
CA PRO A 19 2.95 14.46 -8.36
C PRO A 19 3.01 13.74 -9.70
N SER A 20 2.34 14.30 -10.68
CA SER A 20 2.17 13.72 -11.99
C SER A 20 3.51 13.65 -12.75
N SER A 21 4.46 14.49 -12.34
CA SER A 21 5.78 14.51 -12.94
C SER A 21 6.55 13.19 -12.71
N TYR A 22 6.09 12.34 -11.79
CA TYR A 22 6.77 11.07 -11.54
C TYR A 22 5.94 9.87 -11.93
N SER A 23 5.00 10.03 -12.81
CA SER A 23 4.15 8.92 -13.23
C SER A 23 4.99 7.79 -13.84
N SER A 24 5.89 8.14 -14.74
CA SER A 24 6.70 7.14 -15.44
C SER A 24 7.80 6.57 -14.54
N VAL A 25 8.01 7.22 -13.43
CA VAL A 25 8.97 6.79 -12.44
C VAL A 25 8.29 5.87 -11.44
N PHE A 26 7.07 6.20 -11.15
CA PHE A 26 6.28 5.51 -10.18
C PHE A 26 5.90 4.12 -10.67
N LEU A 27 5.98 3.92 -11.97
CA LEU A 27 5.67 2.63 -12.57
C LEU A 27 6.60 1.56 -11.99
N ARG A 28 7.73 2.01 -11.49
CA ARG A 28 8.67 1.14 -10.84
C ARG A 28 8.11 0.74 -9.51
N LEU A 29 7.81 1.74 -8.71
CA LEU A 29 7.33 1.59 -7.35
C LEU A 29 6.02 0.79 -7.34
N ARG A 30 5.24 0.90 -8.41
CA ARG A 30 3.96 0.18 -8.46
C ARG A 30 4.19 -1.27 -8.72
N SER A 31 5.21 -1.52 -9.50
CA SER A 31 5.61 -2.88 -9.80
C SER A 31 6.21 -3.53 -8.57
N LEU A 32 6.83 -2.71 -7.74
CA LEU A 32 7.39 -3.18 -6.48
C LEU A 32 6.29 -3.64 -5.55
N MET A 33 5.17 -2.95 -5.61
CA MET A 33 4.01 -3.27 -4.78
C MET A 33 3.50 -4.67 -5.08
N TYR A 34 3.28 -4.95 -6.35
CA TYR A 34 2.75 -6.24 -6.74
C TYR A 34 3.82 -7.31 -6.67
N ASP A 35 5.05 -6.87 -6.65
CA ASP A 35 6.16 -7.77 -6.38
C ASP A 35 6.08 -8.22 -4.92
N MET A 36 5.70 -7.27 -4.09
CA MET A 36 5.50 -7.50 -2.68
C MET A 36 4.06 -7.98 -2.43
N ASN A 37 3.55 -7.82 -1.24
CA ASN A 37 2.23 -8.37 -0.89
C ASN A 37 1.06 -7.46 -1.25
N PHE A 38 1.36 -6.31 -1.82
CA PHE A 38 0.30 -5.36 -2.18
C PHE A 38 -0.63 -5.89 -3.29
N SER A 39 -1.81 -5.35 -3.35
CA SER A 39 -2.79 -5.75 -4.32
C SER A 39 -3.54 -4.55 -4.92
N SER A 40 -4.25 -4.80 -6.00
CA SER A 40 -5.04 -3.83 -6.70
C SER A 40 -6.49 -3.90 -6.26
N ILE A 41 -6.85 -5.04 -5.71
CA ILE A 41 -8.21 -5.30 -5.26
C ILE A 41 -8.18 -5.77 -3.82
N VAL A 42 -9.18 -5.38 -3.07
CA VAL A 42 -9.42 -5.87 -1.74
C VAL A 42 -10.90 -5.75 -1.49
N ALA A 43 -11.48 -6.68 -0.80
CA ALA A 43 -12.89 -6.65 -0.52
C ALA A 43 -13.19 -5.68 0.60
N ASP A 44 -14.29 -4.97 0.47
CA ASP A 44 -14.75 -4.06 1.50
C ASP A 44 -15.49 -4.88 2.57
N GLU A 45 -16.17 -4.22 3.48
CA GLU A 45 -16.84 -4.94 4.56
C GLU A 45 -18.10 -5.63 4.03
N TYR A 46 -18.62 -5.14 2.92
CA TYR A 46 -19.84 -5.68 2.35
C TYR A 46 -19.48 -6.96 1.65
N GLY A 47 -18.28 -6.96 1.12
CA GLY A 47 -17.75 -8.09 0.45
C GLY A 47 -17.54 -7.83 -1.01
N ILE A 48 -17.43 -6.57 -1.37
CA ILE A 48 -17.23 -6.22 -2.74
C ILE A 48 -15.75 -6.00 -3.00
N PRO A 49 -15.19 -6.71 -3.98
CA PRO A 49 -13.80 -6.54 -4.38
C PRO A 49 -13.60 -5.16 -4.99
N ARG A 50 -13.06 -4.28 -4.23
CA ARG A 50 -12.84 -2.93 -4.65
C ARG A 50 -11.49 -2.79 -5.31
N GLN A 51 -11.45 -2.00 -6.33
CA GLN A 51 -10.22 -1.62 -6.98
C GLN A 51 -9.67 -0.45 -6.21
N LEU A 52 -8.40 -0.39 -6.16
CA LEU A 52 -7.71 0.58 -5.31
C LEU A 52 -6.93 1.59 -6.11
N ASN A 53 -6.65 1.22 -7.34
CA ASN A 53 -5.68 1.87 -8.31
C ASN A 53 -6.07 3.27 -8.77
N GLU A 54 -6.68 3.94 -7.89
CA GLU A 54 -7.04 5.31 -8.02
C GLU A 54 -5.92 6.14 -7.41
N ASN A 55 -5.27 5.54 -6.40
CA ASN A 55 -4.16 6.14 -5.61
C ASN A 55 -3.81 5.22 -4.45
N SER A 56 -4.78 4.44 -4.00
CA SER A 56 -4.59 3.60 -2.88
C SER A 56 -4.31 2.18 -3.32
N PHE A 57 -3.82 1.39 -2.43
CA PHE A 57 -3.55 0.01 -2.67
C PHE A 57 -3.73 -0.71 -1.36
N ALA A 58 -3.76 -2.01 -1.37
CA ALA A 58 -3.94 -2.77 -0.15
C ALA A 58 -2.87 -3.79 -0.03
N ILE A 59 -2.73 -4.34 1.13
CA ILE A 59 -1.76 -5.34 1.38
C ILE A 59 -2.22 -6.22 2.51
N THR A 60 -1.92 -7.46 2.43
CA THR A 60 -2.16 -8.34 3.40
C THR A 60 -0.81 -8.67 4.01
N THR A 61 -0.59 -8.16 5.16
CA THR A 61 0.65 -8.29 5.85
C THR A 61 0.37 -8.23 7.35
N SER A 62 1.26 -8.67 8.17
CA SER A 62 1.03 -8.62 9.59
C SER A 62 2.02 -7.68 10.27
N LEU A 63 2.79 -6.97 9.48
CA LEU A 63 3.70 -5.98 10.02
C LEU A 63 2.95 -4.69 10.25
N ALA A 64 3.57 -3.76 10.93
CA ALA A 64 2.87 -2.56 11.30
C ALA A 64 2.91 -1.52 10.22
N ALA A 65 2.13 -0.46 10.40
CA ALA A 65 2.01 0.63 9.45
C ALA A 65 3.35 1.24 9.11
N SER A 66 4.15 1.49 10.13
CA SER A 66 5.45 2.10 9.96
C SER A 66 6.43 1.12 9.29
N GLU A 67 6.06 -0.14 9.25
CA GLU A 67 6.88 -1.14 8.65
C GLU A 67 6.56 -1.22 7.18
N ILE A 68 5.26 -1.11 6.85
CA ILE A 68 4.83 -1.10 5.44
C ILE A 68 5.52 0.04 4.73
N GLU A 69 5.58 1.19 5.39
CA GLU A 69 6.26 2.35 4.85
C GLU A 69 7.69 2.02 4.55
N ASP A 70 8.40 1.50 5.55
CA ASP A 70 9.84 1.15 5.42
C ASP A 70 10.07 0.21 4.26
N LEU A 71 9.19 -0.77 4.13
CA LEU A 71 9.22 -1.72 3.03
C LEU A 71 9.22 -0.98 1.70
N ILE A 72 8.31 -0.04 1.58
CA ILE A 72 8.17 0.70 0.36
C ILE A 72 9.33 1.69 0.18
N ARG A 73 9.74 2.32 1.27
CA ARG A 73 10.75 3.35 1.21
C ARG A 73 12.10 2.76 0.80
N LEU A 74 12.43 1.57 1.28
CA LEU A 74 13.73 0.98 0.93
C LEU A 74 13.67 0.32 -0.45
N LYS A 75 12.48 0.24 -1.01
CA LYS A 75 12.30 -0.25 -2.37
C LYS A 75 12.41 0.91 -3.35
N CYS A 76 12.48 2.11 -2.79
CA CYS A 76 12.65 3.33 -3.56
C CYS A 76 14.11 3.48 -3.97
N LEU A 77 14.96 2.62 -3.43
CA LEU A 77 16.37 2.60 -3.77
C LEU A 77 16.56 2.00 -5.17
N ASP A 78 15.57 1.23 -5.60
CA ASP A 78 15.60 0.59 -6.91
C ASP A 78 15.28 1.61 -7.96
N LEU A 79 14.28 2.39 -7.67
CA LEU A 79 13.83 3.41 -8.58
C LEU A 79 14.77 4.63 -8.54
N PRO A 80 14.77 5.46 -9.61
CA PRO A 80 15.56 6.70 -9.67
C PRO A 80 15.23 7.67 -8.51
N ASP A 81 14.07 8.34 -8.59
CA ASP A 81 13.62 9.29 -7.54
C ASP A 81 12.19 9.71 -7.80
N ILE A 82 11.42 9.79 -6.75
CA ILE A 82 10.07 10.21 -6.79
C ILE A 82 9.69 10.78 -5.45
N ASP A 83 9.11 11.92 -5.50
CA ASP A 83 8.62 12.60 -4.33
C ASP A 83 7.27 12.02 -3.98
N PHE A 84 7.23 11.06 -3.11
CA PHE A 84 5.99 10.46 -2.74
C PHE A 84 5.81 10.36 -1.26
N ASP A 85 4.60 10.42 -0.86
CA ASP A 85 4.19 10.25 0.50
C ASP A 85 3.17 9.16 0.49
N LEU A 86 3.02 8.46 1.56
CA LEU A 86 2.04 7.44 1.64
C LEU A 86 1.40 7.49 3.00
N ASN A 87 0.20 7.05 3.07
CA ASN A 87 -0.49 6.96 4.31
C ASN A 87 -1.00 5.55 4.48
N ILE A 88 -0.46 4.85 5.43
CA ILE A 88 -0.93 3.52 5.74
C ILE A 88 -2.14 3.63 6.67
N MET A 89 -3.13 2.86 6.39
CA MET A 89 -4.31 2.78 7.18
C MET A 89 -4.85 1.38 7.03
N THR A 90 -5.60 0.93 7.96
CA THR A 90 -6.27 -0.33 7.84
C THR A 90 -7.36 -0.25 6.77
N VAL A 91 -7.59 -1.35 6.06
CA VAL A 91 -8.63 -1.45 5.03
C VAL A 91 -10.00 -0.97 5.56
N ASP A 92 -10.32 -1.40 6.78
CA ASP A 92 -11.58 -1.05 7.47
C ASP A 92 -11.67 0.46 7.64
N ASP A 93 -10.55 1.06 7.91
CA ASP A 93 -10.47 2.49 8.16
C ASP A 93 -10.36 3.26 6.87
N TYR A 94 -10.23 2.54 5.80
CA TYR A 94 -10.16 3.13 4.50
C TYR A 94 -11.53 3.23 3.88
N PHE A 95 -12.17 2.10 3.75
CA PHE A 95 -13.48 2.02 3.09
C PHE A 95 -14.59 2.76 3.80
N ARG A 96 -14.35 3.09 5.03
CA ARG A 96 -15.27 3.91 5.79
C ARG A 96 -15.38 5.32 5.17
N GLN A 97 -14.37 5.68 4.37
CA GLN A 97 -14.34 6.96 3.68
C GLN A 97 -15.11 6.81 2.37
N PHE A 98 -14.62 5.91 1.55
CA PHE A 98 -15.16 5.69 0.22
C PHE A 98 -16.25 4.67 0.26
N TYR A 99 -17.46 5.14 0.13
CA TYR A 99 -18.62 4.28 0.15
C TYR A 99 -18.81 3.61 -1.21
N LYS A 100 -19.96 3.01 -1.36
CA LYS A 100 -20.39 2.39 -2.60
C LYS A 100 -20.43 3.46 -3.69
N GLY A 1 9.32 -21.56 23.83
CA GLY A 1 9.80 -20.66 22.80
C GLY A 1 8.77 -20.52 21.72
N HIS A 2 8.73 -19.37 21.09
CA HIS A 2 7.73 -19.14 20.10
C HIS A 2 8.31 -19.20 18.72
N MET A 3 7.75 -20.02 17.88
CA MET A 3 8.07 -19.94 16.48
C MET A 3 6.95 -19.13 15.85
N GLU A 4 7.09 -17.85 15.94
CA GLU A 4 6.09 -16.97 15.52
C GLU A 4 6.34 -16.50 14.13
N GLY A 5 5.58 -17.01 13.23
CA GLY A 5 5.66 -16.55 11.89
C GLY A 5 4.50 -15.66 11.61
N LYS A 6 4.08 -15.59 10.38
CA LYS A 6 2.96 -14.78 10.05
C LYS A 6 1.83 -15.62 9.60
N ASN A 7 1.00 -15.94 10.54
CA ASN A 7 -0.17 -16.73 10.30
C ASN A 7 -1.35 -15.79 10.23
N LYS A 8 -1.10 -14.57 10.62
CA LYS A 8 -2.05 -13.55 10.58
C LYS A 8 -1.45 -12.34 9.90
N PHE A 9 -1.75 -12.22 8.66
CA PHE A 9 -1.39 -11.06 7.93
C PHE A 9 -2.44 -10.04 8.21
N ASN A 10 -2.03 -8.85 8.45
CA ASN A 10 -2.97 -7.79 8.74
C ASN A 10 -3.20 -7.09 7.45
N THR A 11 -4.07 -6.16 7.41
CA THR A 11 -4.37 -5.58 6.16
C THR A 11 -4.37 -4.04 6.24
N TYR A 12 -3.44 -3.47 5.53
CA TYR A 12 -3.25 -2.05 5.52
C TYR A 12 -3.49 -1.48 4.16
N VAL A 13 -3.67 -0.20 4.12
CA VAL A 13 -3.86 0.57 2.92
C VAL A 13 -2.89 1.75 2.90
N VAL A 14 -2.35 2.03 1.75
CA VAL A 14 -1.46 3.12 1.59
C VAL A 14 -2.01 4.06 0.55
N SER A 15 -2.05 5.28 0.90
CA SER A 15 -2.55 6.30 0.04
C SER A 15 -1.39 7.16 -0.44
N PHE A 16 -1.14 7.17 -1.73
CA PHE A 16 -0.04 7.93 -2.28
C PHE A 16 -0.47 9.25 -2.85
N ASP A 17 0.44 10.20 -2.79
CA ASP A 17 0.28 11.50 -3.40
C ASP A 17 1.51 11.80 -4.19
N TYR A 18 1.34 12.11 -5.44
CA TYR A 18 2.42 12.44 -6.34
C TYR A 18 1.86 13.24 -7.49
N PRO A 19 2.59 14.25 -7.97
CA PRO A 19 2.16 15.04 -9.12
C PRO A 19 2.19 14.22 -10.42
N SER A 20 1.42 14.66 -11.40
CA SER A 20 1.28 13.99 -12.69
C SER A 20 2.59 13.88 -13.46
N SER A 21 3.56 14.66 -13.06
CA SER A 21 4.86 14.64 -13.68
C SER A 21 5.60 13.32 -13.42
N TYR A 22 5.23 12.65 -12.34
CA TYR A 22 5.86 11.38 -12.01
C TYR A 22 4.97 10.21 -12.32
N SER A 23 3.98 10.42 -13.15
CA SER A 23 3.06 9.36 -13.53
C SER A 23 3.82 8.19 -14.16
N SER A 24 4.67 8.50 -15.12
CA SER A 24 5.43 7.49 -15.84
C SER A 24 6.59 6.95 -15.00
N VAL A 25 6.89 7.66 -13.94
CA VAL A 25 7.99 7.31 -13.06
C VAL A 25 7.50 6.34 -11.98
N PHE A 26 6.33 6.63 -11.49
CA PHE A 26 5.75 5.94 -10.39
C PHE A 26 5.37 4.51 -10.77
N LEU A 27 5.22 4.26 -12.03
CA LEU A 27 4.83 2.94 -12.51
C LEU A 27 5.88 1.90 -12.09
N ARG A 28 7.09 2.36 -11.83
CA ARG A 28 8.15 1.48 -11.38
C ARG A 28 7.87 1.14 -9.93
N LEU A 29 7.58 2.19 -9.15
CA LEU A 29 7.28 2.08 -7.71
C LEU A 29 6.05 1.20 -7.51
N ARG A 30 5.11 1.28 -8.44
CA ARG A 30 3.89 0.50 -8.35
C ARG A 30 4.21 -0.97 -8.60
N SER A 31 5.18 -1.19 -9.45
CA SER A 31 5.64 -2.54 -9.74
C SER A 31 6.35 -3.12 -8.51
N LEU A 32 7.00 -2.24 -7.76
CA LEU A 32 7.68 -2.64 -6.51
C LEU A 32 6.68 -3.12 -5.49
N MET A 33 5.52 -2.50 -5.50
CA MET A 33 4.43 -2.84 -4.61
C MET A 33 4.03 -4.29 -4.76
N TYR A 34 3.77 -4.69 -5.98
CA TYR A 34 3.29 -6.04 -6.25
C TYR A 34 4.43 -7.03 -6.19
N ASP A 35 5.65 -6.52 -6.30
CA ASP A 35 6.86 -7.31 -6.09
C ASP A 35 6.92 -7.69 -4.62
N MET A 36 6.43 -6.79 -3.80
CA MET A 36 6.32 -6.98 -2.38
C MET A 36 4.92 -7.55 -2.06
N ASN A 37 4.38 -7.22 -0.90
CA ASN A 37 3.11 -7.83 -0.45
C ASN A 37 1.86 -7.00 -0.78
N PHE A 38 2.04 -5.88 -1.42
CA PHE A 38 0.92 -4.98 -1.79
C PHE A 38 -0.05 -5.60 -2.81
N SER A 39 -1.25 -5.05 -2.88
CA SER A 39 -2.29 -5.51 -3.76
C SER A 39 -3.00 -4.34 -4.46
N SER A 40 -3.72 -4.66 -5.51
CA SER A 40 -4.48 -3.72 -6.30
C SER A 40 -5.95 -3.75 -5.89
N ILE A 41 -6.36 -4.88 -5.37
CA ILE A 41 -7.72 -5.14 -4.92
C ILE A 41 -7.67 -5.61 -3.48
N VAL A 42 -8.67 -5.25 -2.71
CA VAL A 42 -8.81 -5.71 -1.35
C VAL A 42 -10.30 -5.70 -1.02
N ALA A 43 -10.73 -6.63 -0.20
CA ALA A 43 -12.11 -6.69 0.22
C ALA A 43 -12.40 -5.58 1.21
N ASP A 44 -13.49 -4.88 0.99
CA ASP A 44 -13.91 -3.78 1.84
C ASP A 44 -14.60 -4.30 3.12
N GLU A 45 -15.39 -3.45 3.72
CA GLU A 45 -16.09 -3.80 4.94
C GLU A 45 -17.29 -4.72 4.66
N TYR A 46 -17.76 -4.72 3.42
CA TYR A 46 -18.90 -5.53 3.05
C TYR A 46 -18.42 -6.87 2.53
N GLY A 47 -17.21 -6.87 2.03
CA GLY A 47 -16.60 -8.04 1.50
C GLY A 47 -16.49 -7.96 0.00
N ILE A 48 -16.54 -6.74 -0.51
CA ILE A 48 -16.44 -6.50 -1.92
C ILE A 48 -15.02 -6.16 -2.30
N PRO A 49 -14.45 -6.89 -3.26
CA PRO A 49 -13.10 -6.64 -3.75
C PRO A 49 -13.02 -5.29 -4.50
N ARG A 50 -12.53 -4.30 -3.83
CA ARG A 50 -12.43 -2.97 -4.35
C ARG A 50 -11.08 -2.75 -4.99
N GLN A 51 -11.06 -1.90 -5.99
CA GLN A 51 -9.84 -1.47 -6.61
C GLN A 51 -9.28 -0.31 -5.84
N LEU A 52 -8.01 -0.22 -5.84
CA LEU A 52 -7.31 0.75 -5.05
C LEU A 52 -6.60 1.76 -5.91
N ASN A 53 -6.32 1.36 -7.15
CA ASN A 53 -5.43 2.06 -8.16
C ASN A 53 -5.90 3.44 -8.60
N GLU A 54 -6.65 4.03 -7.78
CA GLU A 54 -7.13 5.35 -7.90
C GLU A 54 -6.08 6.27 -7.28
N ASN A 55 -5.46 5.77 -6.19
CA ASN A 55 -4.42 6.50 -5.43
C ASN A 55 -3.86 5.63 -4.30
N SER A 56 -4.70 4.75 -3.78
CA SER A 56 -4.31 3.92 -2.69
C SER A 56 -3.99 2.50 -3.15
N PHE A 57 -3.44 1.74 -2.26
CA PHE A 57 -3.13 0.36 -2.48
C PHE A 57 -3.25 -0.33 -1.15
N ALA A 58 -3.27 -1.62 -1.13
CA ALA A 58 -3.40 -2.33 0.12
C ALA A 58 -2.27 -3.28 0.25
N ILE A 59 -2.12 -3.82 1.40
CA ILE A 59 -1.10 -4.78 1.62
C ILE A 59 -1.53 -5.72 2.73
N THR A 60 -1.16 -6.94 2.59
CA THR A 60 -1.39 -7.91 3.55
C THR A 60 -0.03 -8.13 4.24
N THR A 61 0.12 -7.49 5.35
CA THR A 61 1.35 -7.51 6.06
C THR A 61 1.08 -7.42 7.54
N SER A 62 2.01 -7.82 8.33
CA SER A 62 1.85 -7.73 9.74
C SER A 62 2.84 -6.75 10.36
N LEU A 63 3.59 -6.04 9.51
CA LEU A 63 4.48 -5.00 9.99
C LEU A 63 3.70 -3.74 10.28
N ALA A 64 4.36 -2.74 10.75
CA ALA A 64 3.65 -1.57 11.20
C ALA A 64 3.60 -0.50 10.15
N ALA A 65 2.79 0.51 10.37
CA ALA A 65 2.59 1.60 9.45
C ALA A 65 3.91 2.33 9.18
N SER A 66 4.65 2.55 10.23
CA SER A 66 5.94 3.19 10.16
C SER A 66 6.97 2.29 9.42
N GLU A 67 6.64 1.01 9.29
CA GLU A 67 7.50 0.07 8.62
C GLU A 67 7.18 0.07 7.14
N ILE A 68 5.87 0.03 6.82
CA ILE A 68 5.42 0.02 5.41
C ILE A 68 6.01 1.18 4.65
N GLU A 69 6.00 2.36 5.28
CA GLU A 69 6.55 3.55 4.68
C GLU A 69 7.98 3.35 4.27
N ASP A 70 8.81 2.97 5.23
CA ASP A 70 10.24 2.80 5.00
C ASP A 70 10.50 1.72 3.98
N LEU A 71 9.67 0.69 4.03
CA LEU A 71 9.71 -0.45 3.14
C LEU A 71 9.60 0.05 1.69
N ILE A 72 8.64 0.93 1.46
CA ILE A 72 8.41 1.51 0.15
C ILE A 72 9.51 2.51 -0.21
N ARG A 73 9.85 3.38 0.74
CA ARG A 73 10.82 4.45 0.50
C ARG A 73 12.18 3.88 0.09
N LEU A 74 12.59 2.75 0.67
CA LEU A 74 13.88 2.18 0.33
C LEU A 74 13.82 1.41 -1.00
N LYS A 75 12.60 1.12 -1.47
CA LYS A 75 12.44 0.47 -2.77
C LYS A 75 12.39 1.51 -3.88
N CYS A 76 12.39 2.76 -3.47
CA CYS A 76 12.39 3.89 -4.39
C CYS A 76 13.83 4.15 -4.87
N LEU A 77 14.75 3.37 -4.32
CA LEU A 77 16.13 3.42 -4.72
C LEU A 77 16.32 2.61 -6.00
N ASP A 78 15.33 1.79 -6.28
CA ASP A 78 15.31 0.94 -7.48
C ASP A 78 14.98 1.79 -8.67
N LEU A 79 13.98 2.60 -8.48
CA LEU A 79 13.49 3.49 -9.52
C LEU A 79 14.36 4.77 -9.56
N PRO A 80 14.18 5.67 -10.57
CA PRO A 80 14.98 6.92 -10.66
C PRO A 80 14.82 7.83 -9.42
N ASP A 81 13.68 8.52 -9.32
CA ASP A 81 13.38 9.41 -8.19
C ASP A 81 11.98 9.97 -8.37
N ILE A 82 11.23 10.04 -7.29
CA ILE A 82 9.90 10.55 -7.32
C ILE A 82 9.54 11.18 -6.00
N ASP A 83 9.12 12.40 -6.06
CA ASP A 83 8.55 13.10 -4.94
C ASP A 83 7.14 12.56 -4.68
N PHE A 84 7.05 11.69 -3.73
CA PHE A 84 5.78 11.16 -3.32
C PHE A 84 5.63 11.26 -1.83
N ASP A 85 4.42 11.34 -1.38
CA ASP A 85 4.11 11.36 0.02
C ASP A 85 3.04 10.32 0.24
N LEU A 86 3.22 9.44 1.18
CA LEU A 86 2.24 8.41 1.37
C LEU A 86 1.65 8.48 2.77
N ASN A 87 0.47 7.94 2.91
CA ASN A 87 -0.18 7.84 4.16
C ASN A 87 -0.67 6.41 4.36
N ILE A 88 -0.11 5.74 5.33
CA ILE A 88 -0.51 4.39 5.70
C ILE A 88 -1.69 4.45 6.66
N MET A 89 -2.65 3.59 6.43
CA MET A 89 -3.79 3.45 7.27
C MET A 89 -4.23 2.00 7.16
N THR A 90 -5.00 1.54 8.05
CA THR A 90 -5.60 0.24 7.95
C THR A 90 -6.73 0.25 6.92
N VAL A 91 -6.96 -0.89 6.31
CA VAL A 91 -8.03 -1.07 5.30
C VAL A 91 -9.40 -0.60 5.80
N ASP A 92 -9.76 -0.96 7.03
CA ASP A 92 -11.09 -0.58 7.56
C ASP A 92 -11.11 0.90 7.94
N ASP A 93 -9.94 1.49 8.04
CA ASP A 93 -9.83 2.91 8.31
C ASP A 93 -9.74 3.68 7.00
N TYR A 94 -9.62 2.94 5.93
CA TYR A 94 -9.60 3.49 4.61
C TYR A 94 -11.00 3.54 4.05
N PHE A 95 -11.65 2.40 4.04
CA PHE A 95 -12.99 2.27 3.48
C PHE A 95 -14.04 3.04 4.25
N ARG A 96 -13.71 3.42 5.45
CA ARG A 96 -14.57 4.26 6.27
C ARG A 96 -14.57 5.72 5.80
N GLN A 97 -13.74 6.04 4.82
CA GLN A 97 -13.74 7.38 4.27
C GLN A 97 -14.57 7.39 2.99
N PHE A 98 -14.26 6.45 2.11
CA PHE A 98 -14.89 6.36 0.80
C PHE A 98 -16.26 5.72 0.90
N TYR A 99 -17.06 5.99 -0.09
CA TYR A 99 -18.41 5.49 -0.13
C TYR A 99 -18.57 4.33 -1.09
N LYS A 100 -19.72 3.70 -1.00
CA LYS A 100 -20.08 2.53 -1.76
C LYS A 100 -19.99 2.79 -3.26
N GLY A 1 18.46 -19.18 13.72
CA GLY A 1 17.14 -19.21 14.36
C GLY A 1 16.23 -18.22 13.70
N HIS A 2 14.93 -18.43 13.84
CA HIS A 2 13.93 -17.53 13.28
C HIS A 2 12.60 -17.81 13.91
N MET A 3 12.13 -16.88 14.70
CA MET A 3 10.82 -16.98 15.30
C MET A 3 9.77 -16.61 14.26
N GLU A 4 9.64 -17.48 13.31
CA GLU A 4 8.77 -17.29 12.23
C GLU A 4 7.42 -17.85 12.61
N GLY A 5 6.39 -17.35 12.01
CA GLY A 5 5.07 -17.79 12.31
C GLY A 5 4.14 -16.65 12.25
N LYS A 6 3.31 -16.65 11.26
CA LYS A 6 2.42 -15.56 11.01
C LYS A 6 1.14 -16.12 10.44
N ASN A 7 0.09 -16.14 11.23
CA ASN A 7 -1.16 -16.69 10.77
C ASN A 7 -2.13 -15.57 10.52
N LYS A 8 -1.87 -14.45 11.15
CA LYS A 8 -2.75 -13.35 11.07
C LYS A 8 -2.20 -12.32 10.13
N PHE A 9 -2.66 -12.37 8.94
CA PHE A 9 -2.36 -11.37 7.99
C PHE A 9 -3.41 -10.31 8.13
N ASN A 10 -2.99 -9.13 8.41
CA ASN A 10 -3.92 -8.04 8.63
C ASN A 10 -4.16 -7.37 7.33
N THR A 11 -4.80 -6.25 7.31
CA THR A 11 -5.02 -5.61 6.08
C THR A 11 -5.03 -4.09 6.23
N TYR A 12 -4.19 -3.45 5.47
CA TYR A 12 -3.99 -2.02 5.52
C TYR A 12 -4.14 -1.41 4.15
N VAL A 13 -4.26 -0.13 4.13
CA VAL A 13 -4.39 0.68 2.94
C VAL A 13 -3.41 1.84 3.01
N VAL A 14 -2.79 2.12 1.92
CA VAL A 14 -1.86 3.21 1.83
C VAL A 14 -2.30 4.15 0.74
N SER A 15 -2.31 5.39 1.06
CA SER A 15 -2.70 6.41 0.15
C SER A 15 -1.48 7.23 -0.22
N PHE A 16 -1.05 7.14 -1.46
CA PHE A 16 0.12 7.86 -1.94
C PHE A 16 -0.21 9.20 -2.58
N ASP A 17 0.59 10.17 -2.25
CA ASP A 17 0.51 11.49 -2.85
C ASP A 17 1.83 11.87 -3.41
N TYR A 18 1.81 12.22 -4.66
CA TYR A 18 2.97 12.58 -5.41
C TYR A 18 2.52 13.31 -6.66
N PRO A 19 3.20 14.39 -7.04
CA PRO A 19 2.88 15.11 -8.25
C PRO A 19 3.16 14.28 -9.50
N SER A 20 2.53 14.67 -10.59
CA SER A 20 2.60 13.98 -11.85
C SER A 20 4.02 13.92 -12.45
N SER A 21 4.90 14.77 -11.98
CA SER A 21 6.28 14.81 -12.44
C SER A 21 7.06 13.57 -11.98
N TYR A 22 6.54 12.84 -11.01
CA TYR A 22 7.26 11.68 -10.51
C TYR A 22 6.61 10.40 -10.93
N SER A 23 5.77 10.46 -11.93
CA SER A 23 5.05 9.29 -12.38
C SER A 23 6.00 8.21 -12.91
N SER A 24 7.00 8.62 -13.70
CA SER A 24 7.93 7.69 -14.31
C SER A 24 8.84 7.04 -13.25
N VAL A 25 8.94 7.71 -12.14
CA VAL A 25 9.74 7.29 -11.03
C VAL A 25 8.94 6.37 -10.14
N PHE A 26 7.70 6.65 -10.05
CA PHE A 26 6.83 5.97 -9.19
C PHE A 26 6.47 4.61 -9.74
N LEU A 27 6.62 4.44 -11.04
CA LEU A 27 6.33 3.15 -11.67
C LEU A 27 7.24 2.08 -11.07
N ARG A 28 8.37 2.53 -10.57
CA ARG A 28 9.32 1.66 -9.93
C ARG A 28 8.73 1.23 -8.62
N LEU A 29 8.33 2.23 -7.84
CA LEU A 29 7.75 2.05 -6.52
C LEU A 29 6.47 1.21 -6.62
N ARG A 30 5.73 1.38 -7.71
CA ARG A 30 4.47 0.66 -7.90
C ARG A 30 4.77 -0.81 -8.16
N SER A 31 5.88 -1.03 -8.83
CA SER A 31 6.34 -2.37 -9.12
C SER A 31 6.77 -3.03 -7.81
N LEU A 32 7.34 -2.22 -6.93
CA LEU A 32 7.80 -2.70 -5.62
C LEU A 32 6.64 -3.12 -4.75
N MET A 33 5.53 -2.43 -4.88
CA MET A 33 4.32 -2.73 -4.14
C MET A 33 3.87 -4.15 -4.38
N TYR A 34 3.72 -4.50 -5.64
CA TYR A 34 3.23 -5.81 -6.01
C TYR A 34 4.33 -6.85 -5.93
N ASP A 35 5.55 -6.38 -5.93
CA ASP A 35 6.72 -7.22 -5.67
C ASP A 35 6.63 -7.71 -4.23
N MET A 36 6.11 -6.83 -3.38
CA MET A 36 5.86 -7.11 -1.98
C MET A 36 4.40 -7.61 -1.80
N ASN A 37 3.79 -7.31 -0.66
CA ASN A 37 2.45 -7.83 -0.32
C ASN A 37 1.30 -6.91 -0.70
N PHE A 38 1.61 -5.76 -1.27
CA PHE A 38 0.55 -4.81 -1.66
C PHE A 38 -0.33 -5.36 -2.79
N SER A 39 -1.55 -4.89 -2.84
CA SER A 39 -2.49 -5.32 -3.83
C SER A 39 -3.23 -4.11 -4.44
N SER A 40 -3.86 -4.35 -5.57
CA SER A 40 -4.61 -3.35 -6.30
C SER A 40 -6.08 -3.45 -5.94
N ILE A 41 -6.48 -4.60 -5.49
CA ILE A 41 -7.83 -4.92 -5.12
C ILE A 41 -7.83 -5.45 -3.69
N VAL A 42 -8.87 -5.13 -2.97
CA VAL A 42 -9.13 -5.66 -1.66
C VAL A 42 -10.65 -5.61 -1.48
N ALA A 43 -11.20 -6.50 -0.72
CA ALA A 43 -12.62 -6.53 -0.53
C ALA A 43 -13.08 -5.49 0.46
N ASP A 44 -14.21 -4.87 0.14
CA ASP A 44 -14.83 -3.85 0.98
C ASP A 44 -15.62 -4.50 2.13
N GLU A 45 -16.45 -3.70 2.78
CA GLU A 45 -17.24 -4.15 3.92
C GLU A 45 -18.25 -5.22 3.51
N TYR A 46 -18.70 -5.15 2.27
CA TYR A 46 -19.68 -6.06 1.77
C TYR A 46 -18.98 -7.34 1.39
N GLY A 47 -17.80 -7.15 0.87
CA GLY A 47 -16.99 -8.23 0.43
C GLY A 47 -16.72 -8.14 -1.03
N ILE A 48 -16.90 -6.96 -1.57
CA ILE A 48 -16.70 -6.73 -2.96
C ILE A 48 -15.27 -6.31 -3.20
N PRO A 49 -14.58 -6.99 -4.11
CA PRO A 49 -13.21 -6.67 -4.47
C PRO A 49 -13.14 -5.30 -5.15
N ARG A 50 -12.70 -4.34 -4.40
CA ARG A 50 -12.59 -2.98 -4.86
C ARG A 50 -11.20 -2.67 -5.37
N GLN A 51 -11.14 -1.82 -6.37
CA GLN A 51 -9.91 -1.29 -6.87
C GLN A 51 -9.48 -0.12 -6.05
N LEU A 52 -8.24 -0.06 -5.82
CA LEU A 52 -7.64 0.93 -4.97
C LEU A 52 -6.91 1.96 -5.78
N ASN A 53 -6.63 1.58 -7.02
CA ASN A 53 -5.70 2.31 -7.94
C ASN A 53 -6.17 3.67 -8.40
N GLU A 54 -6.45 4.48 -7.45
CA GLU A 54 -6.75 5.85 -7.58
C GLU A 54 -5.55 6.62 -7.03
N ASN A 55 -5.01 6.07 -5.93
CA ASN A 55 -3.87 6.62 -5.21
C ASN A 55 -3.58 5.68 -4.04
N SER A 56 -4.64 5.06 -3.53
CA SER A 56 -4.55 4.12 -2.48
C SER A 56 -4.23 2.72 -3.00
N PHE A 57 -3.72 1.90 -2.12
CA PHE A 57 -3.44 0.51 -2.38
C PHE A 57 -3.61 -0.20 -1.06
N ALA A 58 -3.62 -1.51 -1.05
CA ALA A 58 -3.81 -2.26 0.18
C ALA A 58 -2.72 -3.24 0.35
N ILE A 59 -2.59 -3.77 1.52
CA ILE A 59 -1.62 -4.76 1.80
C ILE A 59 -2.12 -5.70 2.89
N THR A 60 -1.83 -6.96 2.73
CA THR A 60 -2.27 -7.99 3.66
C THR A 60 -1.17 -8.27 4.72
N THR A 61 -0.42 -7.26 5.06
CA THR A 61 0.68 -7.41 5.97
C THR A 61 0.17 -7.45 7.42
N SER A 62 1.02 -7.87 8.31
CA SER A 62 0.70 -7.94 9.70
C SER A 62 1.49 -6.90 10.50
N LEU A 63 2.45 -6.26 9.83
CA LEU A 63 3.25 -5.23 10.46
C LEU A 63 2.43 -3.99 10.73
N ALA A 64 3.05 -3.01 11.29
CA ALA A 64 2.30 -1.88 11.73
C ALA A 64 2.35 -0.75 10.72
N ALA A 65 1.54 0.26 10.93
CA ALA A 65 1.44 1.38 10.02
C ALA A 65 2.77 2.11 9.90
N SER A 66 3.42 2.25 11.02
CA SER A 66 4.70 2.88 11.13
C SER A 66 5.78 2.04 10.41
N GLU A 67 5.49 0.77 10.23
CA GLU A 67 6.41 -0.17 9.64
C GLU A 67 6.27 -0.10 8.14
N ILE A 68 5.01 -0.08 7.66
CA ILE A 68 4.72 -0.06 6.21
C ILE A 68 5.43 1.11 5.55
N GLU A 69 5.35 2.28 6.17
CA GLU A 69 6.01 3.46 5.66
C GLU A 69 7.47 3.20 5.42
N ASP A 70 8.14 2.79 6.47
CA ASP A 70 9.58 2.59 6.44
C ASP A 70 9.96 1.53 5.43
N LEU A 71 9.12 0.51 5.36
CA LEU A 71 9.25 -0.60 4.46
C LEU A 71 9.34 -0.07 3.02
N ILE A 72 8.41 0.80 2.69
CA ILE A 72 8.34 1.41 1.36
C ILE A 72 9.51 2.37 1.13
N ARG A 73 9.78 3.19 2.13
CA ARG A 73 10.82 4.21 2.01
C ARG A 73 12.21 3.59 1.81
N LEU A 74 12.42 2.38 2.32
CA LEU A 74 13.71 1.72 2.14
C LEU A 74 13.77 0.94 0.82
N LYS A 75 12.64 0.80 0.11
CA LYS A 75 12.63 0.16 -1.21
C LYS A 75 12.83 1.21 -2.31
N CYS A 76 12.98 2.43 -1.87
CA CYS A 76 13.19 3.62 -2.72
C CYS A 76 14.60 3.60 -3.36
N LEU A 77 15.38 2.58 -3.05
CA LEU A 77 16.71 2.43 -3.60
C LEU A 77 16.63 2.00 -5.06
N ASP A 78 15.48 1.49 -5.45
CA ASP A 78 15.24 1.03 -6.82
C ASP A 78 15.02 2.23 -7.70
N LEU A 79 14.19 3.10 -7.22
CA LEU A 79 13.78 4.27 -7.96
C LEU A 79 14.83 5.40 -7.84
N PRO A 80 14.86 6.32 -8.81
CA PRO A 80 15.76 7.49 -8.78
C PRO A 80 15.57 8.35 -7.51
N ASP A 81 14.46 9.07 -7.45
CA ASP A 81 14.08 9.87 -6.28
C ASP A 81 12.66 10.34 -6.47
N ILE A 82 11.90 10.31 -5.41
CA ILE A 82 10.54 10.77 -5.42
C ILE A 82 10.14 11.26 -4.06
N ASP A 83 9.77 12.49 -4.01
CA ASP A 83 9.27 13.10 -2.82
C ASP A 83 7.78 12.84 -2.74
N PHE A 84 7.43 11.78 -2.06
CA PHE A 84 6.05 11.38 -1.96
C PHE A 84 5.61 11.41 -0.52
N ASP A 85 4.35 11.54 -0.32
CA ASP A 85 3.75 11.50 0.99
C ASP A 85 2.77 10.37 1.00
N LEU A 86 2.98 9.39 1.83
CA LEU A 86 2.03 8.31 1.89
C LEU A 86 1.30 8.39 3.21
N ASN A 87 0.14 7.88 3.24
CA ASN A 87 -0.62 7.82 4.43
C ASN A 87 -1.09 6.40 4.65
N ILE A 88 -0.62 5.77 5.71
CA ILE A 88 -1.05 4.43 6.04
C ILE A 88 -2.32 4.49 6.88
N MET A 89 -3.24 3.68 6.52
CA MET A 89 -4.46 3.54 7.24
C MET A 89 -4.85 2.08 7.14
N THR A 90 -5.65 1.64 8.01
CA THR A 90 -6.23 0.35 7.94
C THR A 90 -7.33 0.33 6.86
N VAL A 91 -7.52 -0.81 6.22
CA VAL A 91 -8.59 -1.00 5.22
C VAL A 91 -9.95 -0.60 5.81
N ASP A 92 -10.15 -0.99 7.06
CA ASP A 92 -11.36 -0.63 7.84
C ASP A 92 -11.53 0.88 7.85
N ASP A 93 -10.42 1.56 8.07
CA ASP A 93 -10.39 3.01 8.17
C ASP A 93 -10.43 3.67 6.83
N TYR A 94 -10.20 2.91 5.82
CA TYR A 94 -10.26 3.40 4.49
C TYR A 94 -11.69 3.36 3.97
N PHE A 95 -12.26 2.17 3.96
CA PHE A 95 -13.59 1.96 3.44
C PHE A 95 -14.69 2.58 4.27
N ARG A 96 -14.34 3.07 5.40
CA ARG A 96 -15.26 3.82 6.22
C ARG A 96 -15.40 5.27 5.71
N GLN A 97 -14.45 5.71 4.88
CA GLN A 97 -14.51 7.06 4.32
C GLN A 97 -15.29 7.01 3.03
N PHE A 98 -15.10 5.92 2.33
CA PHE A 98 -15.73 5.70 1.05
C PHE A 98 -16.98 4.84 1.24
N TYR A 99 -17.82 4.79 0.26
CA TYR A 99 -19.06 4.06 0.35
C TYR A 99 -19.26 3.14 -0.85
N LYS A 100 -20.45 2.56 -0.91
CA LYS A 100 -20.86 1.64 -1.95
C LYS A 100 -20.84 2.33 -3.30
N GLY A 1 13.13 -19.62 21.47
CA GLY A 1 12.55 -18.31 21.70
C GLY A 1 11.38 -18.10 20.80
N HIS A 2 10.82 -16.91 20.81
CA HIS A 2 9.66 -16.60 19.99
C HIS A 2 10.05 -16.17 18.61
N MET A 3 10.03 -17.08 17.68
CA MET A 3 10.22 -16.74 16.29
C MET A 3 8.90 -16.95 15.60
N GLU A 4 8.07 -15.93 15.67
CA GLU A 4 6.70 -15.94 15.28
C GLU A 4 6.52 -16.24 13.80
N GLY A 5 5.67 -17.18 13.53
CA GLY A 5 5.28 -17.44 12.18
C GLY A 5 4.07 -16.61 11.87
N LYS A 6 4.12 -15.88 10.78
CA LYS A 6 3.09 -14.98 10.41
C LYS A 6 2.03 -15.72 9.69
N ASN A 7 0.98 -16.00 10.37
CA ASN A 7 -0.12 -16.65 9.75
C ASN A 7 -1.28 -15.67 9.63
N LYS A 8 -1.25 -14.66 10.49
CA LYS A 8 -2.22 -13.61 10.48
C LYS A 8 -1.70 -12.46 9.64
N PHE A 9 -1.91 -12.56 8.37
CA PHE A 9 -1.58 -11.50 7.48
C PHE A 9 -2.68 -10.50 7.54
N ASN A 10 -2.36 -9.33 7.96
CA ASN A 10 -3.34 -8.29 8.11
C ASN A 10 -3.42 -7.56 6.81
N THR A 11 -4.23 -6.58 6.72
CA THR A 11 -4.31 -5.90 5.50
C THR A 11 -4.38 -4.39 5.68
N TYR A 12 -3.52 -3.71 4.97
CA TYR A 12 -3.39 -2.29 5.03
C TYR A 12 -3.61 -1.68 3.69
N VAL A 13 -3.76 -0.40 3.69
CA VAL A 13 -3.94 0.41 2.51
C VAL A 13 -2.98 1.58 2.55
N VAL A 14 -2.38 1.86 1.45
CA VAL A 14 -1.50 2.96 1.33
C VAL A 14 -2.02 3.92 0.30
N SER A 15 -2.04 5.15 0.66
CA SER A 15 -2.47 6.20 -0.19
C SER A 15 -1.27 7.05 -0.56
N PHE A 16 -0.92 7.06 -1.83
CA PHE A 16 0.24 7.79 -2.30
C PHE A 16 -0.13 9.14 -2.85
N ASP A 17 0.69 10.11 -2.55
CA ASP A 17 0.49 11.43 -3.10
C ASP A 17 1.78 11.97 -3.52
N TYR A 18 1.76 12.56 -4.63
CA TYR A 18 2.91 13.05 -5.26
C TYR A 18 2.44 13.95 -6.37
N PRO A 19 3.22 14.96 -6.75
CA PRO A 19 2.87 15.78 -7.88
C PRO A 19 2.89 14.95 -9.16
N SER A 20 2.01 15.28 -10.08
CA SER A 20 1.83 14.59 -11.34
C SER A 20 3.12 14.60 -12.17
N SER A 21 4.00 15.51 -11.85
CA SER A 21 5.30 15.66 -12.44
C SER A 21 6.15 14.37 -12.32
N TYR A 22 5.88 13.56 -11.29
CA TYR A 22 6.62 12.33 -11.06
C TYR A 22 5.79 11.10 -11.35
N SER A 23 4.75 11.27 -12.13
CA SER A 23 3.86 10.17 -12.41
C SER A 23 4.59 9.06 -13.16
N SER A 24 5.42 9.43 -14.13
CA SER A 24 6.13 8.43 -14.94
C SER A 24 7.17 7.68 -14.08
N VAL A 25 7.61 8.34 -13.05
CA VAL A 25 8.63 7.82 -12.17
C VAL A 25 8.00 6.87 -11.18
N PHE A 26 6.83 7.20 -10.78
CA PHE A 26 6.13 6.47 -9.81
C PHE A 26 5.62 5.15 -10.38
N LEU A 27 5.50 5.08 -11.68
CA LEU A 27 5.03 3.86 -12.32
C LEU A 27 6.07 2.76 -12.10
N ARG A 28 7.27 3.17 -11.80
CA ARG A 28 8.34 2.26 -11.51
C ARG A 28 8.08 1.71 -10.11
N LEU A 29 7.76 2.63 -9.20
CA LEU A 29 7.47 2.31 -7.79
C LEU A 29 6.21 1.43 -7.70
N ARG A 30 5.24 1.66 -8.59
CA ARG A 30 4.01 0.86 -8.56
C ARG A 30 4.30 -0.56 -8.96
N SER A 31 5.26 -0.70 -9.82
CA SER A 31 5.71 -2.01 -10.27
C SER A 31 6.40 -2.77 -9.11
N LEU A 32 7.02 -2.01 -8.21
CA LEU A 32 7.65 -2.59 -7.02
C LEU A 32 6.60 -3.15 -6.08
N MET A 33 5.47 -2.50 -6.05
CA MET A 33 4.34 -2.89 -5.22
C MET A 33 3.90 -4.32 -5.49
N TYR A 34 3.72 -4.64 -6.75
CA TYR A 34 3.23 -5.97 -7.15
C TYR A 34 4.34 -6.99 -7.05
N ASP A 35 5.55 -6.50 -7.05
CA ASP A 35 6.72 -7.35 -6.83
C ASP A 35 6.70 -7.81 -5.39
N MET A 36 6.20 -6.93 -4.54
CA MET A 36 6.04 -7.16 -3.12
C MET A 36 4.60 -7.65 -2.85
N ASN A 37 4.07 -7.39 -1.68
CA ASN A 37 2.75 -7.93 -1.31
C ASN A 37 1.58 -7.01 -1.60
N PHE A 38 1.86 -5.86 -2.14
CA PHE A 38 0.82 -4.90 -2.46
C PHE A 38 -0.09 -5.37 -3.60
N SER A 39 -1.27 -4.83 -3.66
CA SER A 39 -2.24 -5.15 -4.69
C SER A 39 -3.10 -3.92 -4.98
N SER A 40 -3.80 -3.96 -6.10
CA SER A 40 -4.66 -2.89 -6.51
C SER A 40 -6.12 -3.19 -6.29
N ILE A 41 -6.41 -4.39 -5.85
CA ILE A 41 -7.75 -4.81 -5.53
C ILE A 41 -7.71 -5.47 -4.16
N VAL A 42 -8.73 -5.24 -3.38
CA VAL A 42 -8.90 -5.86 -2.08
C VAL A 42 -10.39 -5.77 -1.75
N ALA A 43 -10.87 -6.65 -0.93
CA ALA A 43 -12.27 -6.63 -0.57
C ALA A 43 -12.56 -5.51 0.41
N ASP A 44 -13.68 -4.85 0.19
CA ASP A 44 -14.16 -3.78 1.05
C ASP A 44 -14.83 -4.36 2.30
N GLU A 45 -15.55 -3.52 3.01
CA GLU A 45 -16.21 -3.93 4.25
C GLU A 45 -17.41 -4.86 3.95
N TYR A 46 -17.85 -4.87 2.70
CA TYR A 46 -18.98 -5.66 2.31
C TYR A 46 -18.47 -6.99 1.78
N GLY A 47 -17.30 -6.93 1.19
CA GLY A 47 -16.66 -8.11 0.66
C GLY A 47 -16.42 -8.00 -0.82
N ILE A 48 -16.59 -6.81 -1.36
CA ILE A 48 -16.45 -6.59 -2.78
C ILE A 48 -15.02 -6.21 -3.11
N PRO A 49 -14.40 -6.88 -4.09
CA PRO A 49 -13.07 -6.56 -4.55
C PRO A 49 -13.04 -5.20 -5.22
N ARG A 50 -12.56 -4.24 -4.50
CA ARG A 50 -12.49 -2.89 -4.94
C ARG A 50 -11.15 -2.57 -5.52
N GLN A 51 -11.15 -1.67 -6.45
CA GLN A 51 -9.94 -1.11 -6.97
C GLN A 51 -9.49 -0.04 -6.03
N LEU A 52 -8.25 -0.01 -5.86
CA LEU A 52 -7.60 0.93 -4.98
C LEU A 52 -7.03 2.06 -5.76
N ASN A 53 -6.95 1.85 -7.06
CA ASN A 53 -6.30 2.75 -8.06
C ASN A 53 -7.00 4.08 -8.28
N GLU A 54 -7.29 4.68 -7.21
CA GLU A 54 -7.74 6.02 -7.12
C GLU A 54 -6.48 6.80 -6.83
N ASN A 55 -5.88 6.44 -5.69
CA ASN A 55 -4.57 6.93 -5.25
C ASN A 55 -3.98 5.92 -4.25
N SER A 56 -4.67 4.80 -4.06
CA SER A 56 -4.35 3.92 -3.00
C SER A 56 -4.04 2.54 -3.50
N PHE A 57 -3.49 1.74 -2.63
CA PHE A 57 -3.20 0.36 -2.88
C PHE A 57 -3.31 -0.36 -1.56
N ALA A 58 -3.31 -1.67 -1.58
CA ALA A 58 -3.43 -2.43 -0.35
C ALA A 58 -2.36 -3.42 -0.28
N ILE A 59 -2.20 -3.98 0.87
CA ILE A 59 -1.22 -4.99 1.09
C ILE A 59 -1.67 -5.90 2.20
N THR A 60 -1.30 -7.15 2.12
CA THR A 60 -1.54 -8.03 3.14
C THR A 60 -0.20 -8.31 3.81
N THR A 61 -0.05 -7.69 4.91
CA THR A 61 1.15 -7.77 5.66
C THR A 61 0.78 -7.67 7.12
N SER A 62 1.63 -8.12 7.98
CA SER A 62 1.34 -8.08 9.37
C SER A 62 2.29 -7.11 10.08
N LEU A 63 3.14 -6.44 9.32
CA LEU A 63 4.02 -5.43 9.88
C LEU A 63 3.27 -4.15 10.19
N ALA A 64 3.98 -3.15 10.58
CA ALA A 64 3.34 -1.95 11.04
C ALA A 64 3.36 -0.86 9.99
N ALA A 65 2.60 0.19 10.23
CA ALA A 65 2.48 1.31 9.31
C ALA A 65 3.83 1.93 8.99
N SER A 66 4.61 2.16 10.02
CA SER A 66 5.92 2.78 9.88
C SER A 66 6.94 1.76 9.32
N GLU A 67 6.50 0.52 9.18
CA GLU A 67 7.30 -0.51 8.61
C GLU A 67 7.04 -0.53 7.12
N ILE A 68 5.74 -0.44 6.74
CA ILE A 68 5.35 -0.42 5.33
C ILE A 68 6.03 0.74 4.63
N GLU A 69 6.05 1.88 5.30
CA GLU A 69 6.68 3.07 4.76
C GLU A 69 8.13 2.82 4.41
N ASP A 70 8.89 2.28 5.35
CA ASP A 70 10.32 2.00 5.14
C ASP A 70 10.49 0.98 4.02
N LEU A 71 9.62 0.02 4.02
CA LEU A 71 9.56 -1.08 3.07
C LEU A 71 9.47 -0.53 1.64
N ILE A 72 8.66 0.50 1.47
CA ILE A 72 8.46 1.15 0.19
C ILE A 72 9.55 2.17 -0.08
N ARG A 73 9.86 2.98 0.91
CA ARG A 73 10.79 4.08 0.70
C ARG A 73 12.23 3.61 0.47
N LEU A 74 12.55 2.40 0.92
CA LEU A 74 13.89 1.87 0.64
C LEU A 74 13.92 1.39 -0.83
N LYS A 75 12.73 1.12 -1.40
CA LYS A 75 12.60 0.71 -2.80
C LYS A 75 12.59 1.90 -3.71
N CYS A 76 12.69 3.07 -3.13
CA CYS A 76 12.75 4.30 -3.88
C CYS A 76 14.18 4.46 -4.44
N LEU A 77 15.06 3.62 -3.96
CA LEU A 77 16.42 3.60 -4.42
C LEU A 77 16.49 2.75 -5.70
N ASP A 78 15.45 1.96 -5.93
CA ASP A 78 15.33 1.09 -7.11
C ASP A 78 14.94 1.96 -8.27
N LEU A 79 14.03 2.85 -7.99
CA LEU A 79 13.53 3.80 -8.99
C LEU A 79 14.55 4.94 -9.16
N PRO A 80 14.42 5.80 -10.21
CA PRO A 80 15.34 6.93 -10.41
C PRO A 80 15.33 7.95 -9.25
N ASP A 81 14.27 8.76 -9.14
CA ASP A 81 14.13 9.75 -8.06
C ASP A 81 12.72 10.34 -8.04
N ILE A 82 12.14 10.44 -6.84
CA ILE A 82 10.81 10.99 -6.67
C ILE A 82 10.57 11.37 -5.21
N ASP A 83 10.20 12.60 -5.00
CA ASP A 83 9.74 13.03 -3.71
C ASP A 83 8.26 12.77 -3.61
N PHE A 84 7.92 11.72 -2.94
CA PHE A 84 6.56 11.33 -2.74
C PHE A 84 6.34 11.13 -1.28
N ASP A 85 5.10 11.07 -0.89
CA ASP A 85 4.74 10.74 0.46
C ASP A 85 3.53 9.89 0.43
N LEU A 86 3.44 9.02 1.38
CA LEU A 86 2.39 8.07 1.41
C LEU A 86 1.72 8.12 2.75
N ASN A 87 0.53 7.66 2.80
CA ASN A 87 -0.20 7.56 4.01
C ASN A 87 -0.65 6.14 4.18
N ILE A 88 -0.09 5.47 5.15
CA ILE A 88 -0.52 4.14 5.48
C ILE A 88 -1.74 4.19 6.37
N MET A 89 -2.69 3.39 6.07
CA MET A 89 -3.86 3.25 6.86
C MET A 89 -4.28 1.79 6.74
N THR A 90 -5.04 1.33 7.65
CA THR A 90 -5.62 0.03 7.57
C THR A 90 -6.75 0.02 6.55
N VAL A 91 -6.96 -1.10 5.90
CA VAL A 91 -8.06 -1.30 4.94
C VAL A 91 -9.40 -0.89 5.59
N ASP A 92 -9.55 -1.26 6.85
CA ASP A 92 -10.73 -0.95 7.67
C ASP A 92 -10.93 0.55 7.75
N ASP A 93 -9.83 1.26 7.89
CA ASP A 93 -9.84 2.71 8.05
C ASP A 93 -9.84 3.41 6.72
N TYR A 94 -9.70 2.63 5.69
CA TYR A 94 -9.75 3.14 4.35
C TYR A 94 -11.15 3.08 3.81
N PHE A 95 -11.72 1.90 3.84
CA PHE A 95 -13.05 1.68 3.31
C PHE A 95 -14.13 2.35 4.08
N ARG A 96 -13.82 2.83 5.22
CA ARG A 96 -14.75 3.64 5.97
C ARG A 96 -15.00 4.99 5.28
N GLN A 97 -14.05 5.41 4.42
CA GLN A 97 -14.16 6.68 3.70
C GLN A 97 -14.98 6.46 2.44
N PHE A 98 -14.74 5.34 1.81
CA PHE A 98 -15.34 5.01 0.54
C PHE A 98 -16.57 4.15 0.74
N TYR A 99 -17.71 4.67 0.33
CA TYR A 99 -18.98 3.99 0.53
C TYR A 99 -19.28 2.98 -0.54
N LYS A 100 -20.32 2.22 -0.28
CA LYS A 100 -20.85 1.20 -1.16
C LYS A 100 -21.07 1.75 -2.56
N GLY A 1 15.22 -21.40 19.02
CA GLY A 1 14.14 -20.98 19.90
C GLY A 1 12.85 -20.88 19.15
N HIS A 2 11.98 -20.02 19.59
CA HIS A 2 10.69 -19.83 18.95
C HIS A 2 10.81 -18.80 17.86
N MET A 3 10.98 -19.24 16.63
CA MET A 3 11.04 -18.33 15.48
C MET A 3 9.63 -18.07 14.93
N GLU A 4 8.69 -18.02 15.88
CA GLU A 4 7.30 -17.83 15.62
C GLU A 4 7.06 -16.48 14.98
N GLY A 5 6.59 -16.50 13.78
CA GLY A 5 6.29 -15.29 13.12
C GLY A 5 4.83 -14.99 13.20
N LYS A 6 4.12 -15.35 12.16
CA LYS A 6 2.72 -15.06 12.04
C LYS A 6 2.16 -15.81 10.86
N ASN A 7 0.94 -16.18 10.95
CA ASN A 7 0.23 -16.79 9.85
C ASN A 7 -0.93 -15.91 9.48
N LYS A 8 -1.27 -15.01 10.38
CA LYS A 8 -2.33 -14.10 10.16
C LYS A 8 -1.86 -12.91 9.38
N PHE A 9 -2.19 -12.93 8.15
CA PHE A 9 -1.95 -11.82 7.30
C PHE A 9 -3.01 -10.79 7.56
N ASN A 10 -2.61 -9.58 7.72
CA ASN A 10 -3.54 -8.51 8.00
C ASN A 10 -3.79 -7.80 6.69
N THR A 11 -4.57 -6.77 6.68
CA THR A 11 -4.84 -6.10 5.46
C THR A 11 -4.81 -4.56 5.67
N TYR A 12 -3.95 -3.91 4.92
CA TYR A 12 -3.76 -2.48 5.02
C TYR A 12 -4.01 -1.80 3.70
N VAL A 13 -4.16 -0.51 3.76
CA VAL A 13 -4.35 0.37 2.62
C VAL A 13 -3.38 1.55 2.70
N VAL A 14 -2.86 1.95 1.58
CA VAL A 14 -1.98 3.07 1.51
C VAL A 14 -2.55 4.11 0.58
N SER A 15 -2.46 5.34 0.99
CA SER A 15 -2.91 6.45 0.19
C SER A 15 -1.69 7.25 -0.21
N PHE A 16 -1.40 7.33 -1.49
CA PHE A 16 -0.25 8.07 -1.97
C PHE A 16 -0.60 9.48 -2.43
N ASP A 17 0.30 10.39 -2.15
CA ASP A 17 0.20 11.73 -2.68
C ASP A 17 1.48 12.13 -3.25
N TYR A 18 1.39 12.73 -4.37
CA TYR A 18 2.50 13.13 -5.12
C TYR A 18 1.99 14.00 -6.25
N PRO A 19 2.77 14.96 -6.73
CA PRO A 19 2.38 15.77 -7.85
C PRO A 19 2.37 14.94 -9.14
N SER A 20 1.41 15.23 -9.99
CA SER A 20 1.21 14.51 -11.24
C SER A 20 2.39 14.67 -12.21
N SER A 21 3.27 15.61 -11.91
CA SER A 21 4.51 15.80 -12.65
C SER A 21 5.40 14.55 -12.53
N TYR A 22 5.17 13.75 -11.49
CA TYR A 22 5.90 12.52 -11.29
C TYR A 22 5.07 11.31 -11.71
N SER A 23 4.10 11.51 -12.58
CA SER A 23 3.25 10.44 -13.04
C SER A 23 4.09 9.33 -13.67
N SER A 24 4.99 9.71 -14.56
CA SER A 24 5.81 8.79 -15.29
C SER A 24 6.87 8.14 -14.39
N VAL A 25 7.09 8.77 -13.27
CA VAL A 25 8.10 8.36 -12.32
C VAL A 25 7.50 7.37 -11.35
N PHE A 26 6.28 7.62 -10.99
CA PHE A 26 5.62 6.84 -10.00
C PHE A 26 5.22 5.49 -10.56
N LEU A 27 5.14 5.38 -11.86
CA LEU A 27 4.76 4.11 -12.49
C LEU A 27 5.83 3.06 -12.20
N ARG A 28 6.99 3.53 -11.83
CA ARG A 28 8.07 2.67 -11.48
C ARG A 28 7.77 2.12 -10.09
N LEU A 29 7.37 3.01 -9.20
CA LEU A 29 7.03 2.68 -7.81
C LEU A 29 5.78 1.77 -7.78
N ARG A 30 4.86 1.96 -8.74
CA ARG A 30 3.65 1.12 -8.78
C ARG A 30 4.04 -0.30 -9.16
N SER A 31 5.04 -0.38 -10.02
CA SER A 31 5.57 -1.65 -10.46
C SER A 31 6.21 -2.38 -9.28
N LEU A 32 6.75 -1.61 -8.35
CA LEU A 32 7.32 -2.17 -7.13
C LEU A 32 6.24 -2.73 -6.23
N MET A 33 5.11 -2.03 -6.17
CA MET A 33 3.97 -2.44 -5.35
C MET A 33 3.50 -3.83 -5.70
N TYR A 34 3.24 -4.05 -6.98
CA TYR A 34 2.68 -5.32 -7.42
C TYR A 34 3.76 -6.38 -7.51
N ASP A 35 5.00 -5.93 -7.47
CA ASP A 35 6.15 -6.81 -7.36
C ASP A 35 6.20 -7.38 -5.95
N MET A 36 5.69 -6.56 -5.03
CA MET A 36 5.55 -6.91 -3.64
C MET A 36 4.12 -7.43 -3.38
N ASN A 37 3.63 -7.26 -2.18
CA ASN A 37 2.33 -7.83 -1.78
C ASN A 37 1.14 -6.91 -2.01
N PHE A 38 1.36 -5.73 -2.55
CA PHE A 38 0.27 -4.78 -2.80
C PHE A 38 -0.72 -5.27 -3.87
N SER A 39 -1.89 -4.70 -3.88
CA SER A 39 -2.94 -5.06 -4.82
C SER A 39 -3.76 -3.85 -5.23
N SER A 40 -4.54 -4.02 -6.29
CA SER A 40 -5.38 -2.99 -6.85
C SER A 40 -6.82 -3.15 -6.43
N ILE A 41 -7.17 -4.33 -6.00
CA ILE A 41 -8.51 -4.66 -5.54
C ILE A 41 -8.42 -5.28 -4.16
N VAL A 42 -9.38 -4.96 -3.33
CA VAL A 42 -9.52 -5.55 -2.03
C VAL A 42 -10.99 -5.45 -1.65
N ALA A 43 -11.48 -6.42 -0.95
CA ALA A 43 -12.84 -6.45 -0.51
C ALA A 43 -13.04 -5.51 0.68
N ASP A 44 -14.19 -4.88 0.71
CA ASP A 44 -14.58 -3.99 1.80
C ASP A 44 -15.31 -4.80 2.89
N GLU A 45 -16.00 -4.10 3.80
CA GLU A 45 -16.74 -4.76 4.89
C GLU A 45 -17.89 -5.60 4.35
N TYR A 46 -18.37 -5.25 3.16
CA TYR A 46 -19.48 -5.92 2.57
C TYR A 46 -18.96 -7.16 1.90
N GLY A 47 -17.80 -7.02 1.32
CA GLY A 47 -17.17 -8.08 0.62
C GLY A 47 -17.05 -7.74 -0.84
N ILE A 48 -17.27 -6.48 -1.16
CA ILE A 48 -17.23 -6.02 -2.50
C ILE A 48 -15.79 -5.70 -2.88
N PRO A 49 -15.32 -6.27 -4.00
CA PRO A 49 -13.99 -6.05 -4.48
C PRO A 49 -13.86 -4.62 -5.02
N ARG A 50 -13.32 -3.78 -4.23
CA ARG A 50 -13.15 -2.40 -4.57
C ARG A 50 -11.84 -2.20 -5.30
N GLN A 51 -11.82 -1.25 -6.17
CA GLN A 51 -10.61 -0.82 -6.82
C GLN A 51 -10.01 0.27 -6.00
N LEU A 52 -8.74 0.26 -5.95
CA LEU A 52 -8.00 1.17 -5.11
C LEU A 52 -7.31 2.24 -5.91
N ASN A 53 -7.11 1.94 -7.20
CA ASN A 53 -6.27 2.73 -8.19
C ASN A 53 -6.77 4.14 -8.48
N GLU A 54 -7.50 4.63 -7.58
CA GLU A 54 -8.00 5.95 -7.57
C GLU A 54 -6.92 6.84 -7.03
N ASN A 55 -6.19 6.25 -6.08
CA ASN A 55 -5.24 6.96 -5.25
C ASN A 55 -4.59 5.99 -4.24
N SER A 56 -5.37 5.05 -3.78
CA SER A 56 -4.98 4.13 -2.74
C SER A 56 -4.58 2.79 -3.32
N PHE A 57 -4.03 1.95 -2.48
CA PHE A 57 -3.68 0.58 -2.81
C PHE A 57 -3.77 -0.21 -1.52
N ALA A 58 -3.83 -1.52 -1.60
CA ALA A 58 -3.94 -2.34 -0.40
C ALA A 58 -2.87 -3.36 -0.37
N ILE A 59 -2.67 -3.94 0.77
CA ILE A 59 -1.68 -4.95 0.93
C ILE A 59 -2.07 -5.91 2.05
N THR A 60 -1.74 -7.15 1.89
CA THR A 60 -1.94 -8.07 2.92
C THR A 60 -0.58 -8.38 3.57
N THR A 61 -0.32 -7.67 4.60
CA THR A 61 0.90 -7.81 5.33
C THR A 61 0.54 -7.82 6.81
N SER A 62 1.47 -8.11 7.63
CA SER A 62 1.25 -8.19 9.04
C SER A 62 2.18 -7.26 9.82
N LEU A 63 3.00 -6.53 9.10
CA LEU A 63 3.90 -5.56 9.71
C LEU A 63 3.18 -4.28 10.04
N ALA A 64 3.90 -3.33 10.55
CA ALA A 64 3.26 -2.14 10.99
C ALA A 64 3.17 -1.11 9.89
N ALA A 65 2.41 -0.07 10.13
CA ALA A 65 2.16 0.97 9.16
C ALA A 65 3.43 1.63 8.68
N SER A 66 4.29 1.97 9.59
CA SER A 66 5.52 2.61 9.22
C SER A 66 6.53 1.64 8.66
N GLU A 67 6.19 0.37 8.72
CA GLU A 67 7.02 -0.63 8.17
C GLU A 67 6.64 -0.77 6.73
N ILE A 68 5.34 -0.67 6.44
CA ILE A 68 4.89 -0.64 5.04
C ILE A 68 5.55 0.55 4.37
N GLU A 69 5.52 1.68 5.06
CA GLU A 69 6.17 2.89 4.59
C GLU A 69 7.62 2.61 4.31
N ASP A 70 8.29 2.01 5.28
CA ASP A 70 9.71 1.71 5.18
C ASP A 70 10.01 0.82 4.00
N LEU A 71 9.17 -0.18 3.79
CA LEU A 71 9.25 -1.08 2.66
C LEU A 71 9.21 -0.30 1.35
N ILE A 72 8.22 0.56 1.24
CA ILE A 72 8.01 1.30 0.02
C ILE A 72 9.11 2.32 -0.16
N ARG A 73 9.45 2.99 0.91
CA ARG A 73 10.39 4.06 0.84
C ARG A 73 11.83 3.57 0.68
N LEU A 74 12.10 2.29 0.91
CA LEU A 74 13.42 1.77 0.64
C LEU A 74 13.46 1.23 -0.79
N LYS A 75 12.27 0.99 -1.36
CA LYS A 75 12.15 0.60 -2.77
C LYS A 75 12.18 1.83 -3.65
N CYS A 76 12.19 2.98 -2.99
CA CYS A 76 12.28 4.28 -3.64
C CYS A 76 13.71 4.50 -4.15
N LEU A 77 14.60 3.63 -3.74
CA LEU A 77 15.97 3.69 -4.22
C LEU A 77 16.05 3.16 -5.64
N ASP A 78 15.06 2.38 -6.03
CA ASP A 78 14.99 1.77 -7.36
C ASP A 78 14.54 2.78 -8.35
N LEU A 79 13.54 3.52 -7.95
CA LEU A 79 12.99 4.57 -8.80
C LEU A 79 13.96 5.75 -8.86
N PRO A 80 13.89 6.58 -9.92
CA PRO A 80 14.75 7.76 -10.05
C PRO A 80 14.67 8.69 -8.82
N ASP A 81 13.55 9.40 -8.68
CA ASP A 81 13.29 10.26 -7.52
C ASP A 81 11.89 10.83 -7.64
N ILE A 82 11.18 10.87 -6.53
CA ILE A 82 9.84 11.38 -6.47
C ILE A 82 9.49 11.75 -5.05
N ASP A 83 9.09 12.98 -4.87
CA ASP A 83 8.59 13.41 -3.59
C ASP A 83 7.18 12.91 -3.40
N PHE A 84 7.04 11.83 -2.72
CA PHE A 84 5.76 11.28 -2.44
C PHE A 84 5.57 11.16 -0.96
N ASP A 85 4.37 11.26 -0.55
CA ASP A 85 4.00 11.10 0.82
C ASP A 85 2.88 10.12 0.86
N LEU A 86 3.00 9.12 1.67
CA LEU A 86 1.99 8.10 1.73
C LEU A 86 1.39 8.08 3.10
N ASN A 87 0.17 7.68 3.16
CA ASN A 87 -0.49 7.51 4.40
C ASN A 87 -1.02 6.09 4.50
N ILE A 88 -0.43 5.32 5.38
CA ILE A 88 -0.87 3.97 5.63
C ILE A 88 -2.03 3.97 6.61
N MET A 89 -3.00 3.16 6.33
CA MET A 89 -4.14 2.97 7.16
C MET A 89 -4.56 1.53 6.97
N THR A 90 -5.38 1.00 7.82
CA THR A 90 -5.91 -0.32 7.56
C THR A 90 -7.00 -0.23 6.52
N VAL A 91 -7.32 -1.33 5.92
CA VAL A 91 -8.43 -1.41 4.98
C VAL A 91 -9.73 -0.97 5.64
N ASP A 92 -9.90 -1.34 6.90
CA ASP A 92 -11.07 -1.00 7.68
C ASP A 92 -11.14 0.50 7.92
N ASP A 93 -9.97 1.11 8.11
CA ASP A 93 -9.88 2.55 8.36
C ASP A 93 -9.97 3.31 7.06
N TYR A 94 -9.93 2.59 6.00
CA TYR A 94 -10.02 3.17 4.71
C TYR A 94 -11.45 3.22 4.21
N PHE A 95 -12.06 2.05 4.09
CA PHE A 95 -13.41 1.95 3.53
C PHE A 95 -14.48 2.56 4.40
N ARG A 96 -14.16 2.80 5.63
CA ARG A 96 -15.04 3.57 6.51
C ARG A 96 -15.27 4.98 5.92
N GLN A 97 -14.24 5.52 5.27
CA GLN A 97 -14.33 6.82 4.62
C GLN A 97 -15.11 6.67 3.33
N PHE A 98 -14.72 5.68 2.55
CA PHE A 98 -15.28 5.44 1.24
C PHE A 98 -16.28 4.32 1.29
N TYR A 99 -17.49 4.65 1.54
CA TYR A 99 -18.55 3.69 1.63
C TYR A 99 -18.98 3.22 0.26
N LYS A 100 -19.96 2.37 0.26
CA LYS A 100 -20.49 1.84 -0.93
C LYS A 100 -21.96 2.18 -0.89
N GLY A 1 15.83 -11.15 16.06
CA GLY A 1 14.94 -11.03 14.92
C GLY A 1 14.41 -12.37 14.55
N HIS A 2 14.19 -12.58 13.25
CA HIS A 2 13.57 -13.78 12.70
C HIS A 2 12.20 -14.03 13.25
N MET A 3 11.28 -13.29 12.77
CA MET A 3 9.91 -13.53 13.08
C MET A 3 9.31 -14.19 11.89
N GLU A 4 9.48 -15.49 11.79
CA GLU A 4 8.94 -16.19 10.73
C GLU A 4 7.88 -17.14 11.22
N GLY A 5 6.75 -17.05 10.61
CA GLY A 5 5.62 -17.82 10.98
C GLY A 5 4.44 -16.94 10.92
N LYS A 6 3.74 -17.00 9.81
CA LYS A 6 2.71 -16.06 9.59
C LYS A 6 1.45 -16.74 9.15
N ASN A 7 0.48 -16.74 10.02
CA ASN A 7 -0.82 -17.26 9.70
C ASN A 7 -1.83 -16.14 9.74
N LYS A 8 -1.47 -15.05 10.41
CA LYS A 8 -2.33 -13.94 10.54
C LYS A 8 -1.92 -12.88 9.56
N PHE A 9 -2.58 -12.83 8.46
CA PHE A 9 -2.36 -11.79 7.51
C PHE A 9 -3.43 -10.76 7.69
N ASN A 10 -3.03 -9.54 7.89
CA ASN A 10 -3.99 -8.48 8.14
C ASN A 10 -4.20 -7.71 6.86
N THR A 11 -4.89 -6.62 6.88
CA THR A 11 -5.08 -5.89 5.66
C THR A 11 -4.97 -4.38 5.89
N TYR A 12 -4.14 -3.74 5.10
CA TYR A 12 -3.89 -2.33 5.19
C TYR A 12 -4.05 -1.67 3.85
N VAL A 13 -4.11 -0.38 3.87
CA VAL A 13 -4.21 0.46 2.70
C VAL A 13 -3.13 1.55 2.75
N VAL A 14 -2.58 1.86 1.61
CA VAL A 14 -1.62 2.90 1.51
C VAL A 14 -2.09 3.93 0.52
N SER A 15 -2.05 5.13 0.93
CA SER A 15 -2.41 6.23 0.11
C SER A 15 -1.16 7.00 -0.26
N PHE A 16 -0.83 7.02 -1.52
CA PHE A 16 0.35 7.71 -1.98
C PHE A 16 0.05 9.11 -2.43
N ASP A 17 0.91 10.01 -2.02
CA ASP A 17 0.80 11.39 -2.40
C ASP A 17 2.10 11.78 -2.96
N TYR A 18 2.07 12.43 -4.06
CA TYR A 18 3.25 12.79 -4.78
C TYR A 18 2.85 13.65 -5.95
N PRO A 19 3.69 14.59 -6.37
CA PRO A 19 3.39 15.41 -7.52
C PRO A 19 3.35 14.60 -8.81
N SER A 20 2.60 15.09 -9.78
CA SER A 20 2.42 14.43 -11.06
C SER A 20 3.74 14.40 -11.85
N SER A 21 4.71 15.12 -11.36
CA SER A 21 6.03 15.17 -11.89
C SER A 21 6.73 13.79 -11.79
N TYR A 22 6.22 12.92 -10.92
CA TYR A 22 6.78 11.58 -10.78
C TYR A 22 5.80 10.51 -11.17
N SER A 23 4.78 10.86 -11.92
CA SER A 23 3.75 9.91 -12.31
C SER A 23 4.25 8.93 -13.38
N SER A 24 5.45 9.15 -13.86
CA SER A 24 6.09 8.24 -14.79
C SER A 24 7.10 7.36 -14.03
N VAL A 25 7.45 7.82 -12.86
CA VAL A 25 8.47 7.20 -12.03
C VAL A 25 7.85 6.22 -11.09
N PHE A 26 6.74 6.61 -10.54
CA PHE A 26 6.04 5.85 -9.55
C PHE A 26 5.53 4.53 -10.14
N LEU A 27 5.47 4.48 -11.44
CA LEU A 27 5.01 3.32 -12.14
C LEU A 27 5.98 2.17 -11.91
N ARG A 28 7.20 2.51 -11.55
CA ARG A 28 8.18 1.50 -11.28
C ARG A 28 7.96 1.03 -9.84
N LEU A 29 7.63 1.99 -8.98
CA LEU A 29 7.36 1.76 -7.57
C LEU A 29 6.13 0.85 -7.41
N ARG A 30 5.14 1.03 -8.30
CA ARG A 30 3.93 0.19 -8.24
C ARG A 30 4.29 -1.24 -8.55
N SER A 31 5.18 -1.40 -9.49
CA SER A 31 5.70 -2.71 -9.84
C SER A 31 6.43 -3.36 -8.65
N LEU A 32 7.06 -2.52 -7.84
CA LEU A 32 7.72 -2.97 -6.62
C LEU A 32 6.68 -3.43 -5.61
N MET A 33 5.60 -2.69 -5.53
CA MET A 33 4.51 -3.02 -4.64
C MET A 33 3.86 -4.34 -4.97
N TYR A 34 3.56 -4.55 -6.24
CA TYR A 34 2.95 -5.82 -6.66
C TYR A 34 3.96 -6.96 -6.60
N ASP A 35 5.23 -6.62 -6.65
CA ASP A 35 6.33 -7.58 -6.45
C ASP A 35 6.28 -8.07 -5.01
N MET A 36 5.82 -7.19 -4.14
CA MET A 36 5.61 -7.47 -2.74
C MET A 36 4.14 -7.89 -2.50
N ASN A 37 3.62 -7.68 -1.31
CA ASN A 37 2.27 -8.16 -0.93
C ASN A 37 1.14 -7.21 -1.27
N PHE A 38 1.45 -6.08 -1.86
CA PHE A 38 0.41 -5.11 -2.21
C PHE A 38 -0.54 -5.64 -3.30
N SER A 39 -1.71 -5.05 -3.38
CA SER A 39 -2.71 -5.47 -4.34
C SER A 39 -3.51 -4.28 -4.88
N SER A 40 -4.29 -4.56 -5.92
CA SER A 40 -5.09 -3.56 -6.60
C SER A 40 -6.55 -3.59 -6.13
N ILE A 41 -6.95 -4.70 -5.54
CA ILE A 41 -8.31 -4.92 -5.07
C ILE A 41 -8.32 -5.33 -3.59
N VAL A 42 -9.33 -4.88 -2.87
CA VAL A 42 -9.56 -5.28 -1.49
C VAL A 42 -11.06 -5.16 -1.21
N ALA A 43 -11.57 -6.05 -0.39
CA ALA A 43 -12.97 -6.03 -0.02
C ALA A 43 -13.29 -4.87 0.90
N ASP A 44 -14.40 -4.23 0.64
CA ASP A 44 -14.91 -3.15 1.48
C ASP A 44 -15.71 -3.82 2.60
N GLU A 45 -16.46 -3.05 3.36
CA GLU A 45 -17.24 -3.55 4.48
C GLU A 45 -18.43 -4.32 3.95
N TYR A 46 -18.81 -3.99 2.74
CA TYR A 46 -19.92 -4.60 2.09
C TYR A 46 -19.53 -5.96 1.54
N GLY A 47 -18.22 -6.20 1.50
CA GLY A 47 -17.72 -7.43 0.93
C GLY A 47 -17.45 -7.29 -0.54
N ILE A 48 -17.47 -6.05 -1.02
CA ILE A 48 -17.28 -5.77 -2.41
C ILE A 48 -15.82 -5.50 -2.68
N PRO A 49 -15.24 -6.21 -3.64
CA PRO A 49 -13.86 -6.01 -4.02
C PRO A 49 -13.68 -4.68 -4.76
N ARG A 50 -13.15 -3.72 -4.06
CA ARG A 50 -12.90 -2.38 -4.58
C ARG A 50 -11.58 -2.35 -5.31
N GLN A 51 -11.46 -1.44 -6.25
CA GLN A 51 -10.18 -1.15 -6.87
C GLN A 51 -9.55 -0.02 -6.12
N LEU A 52 -8.28 -0.01 -6.10
CA LEU A 52 -7.54 0.97 -5.33
C LEU A 52 -6.77 1.90 -6.22
N ASN A 53 -6.61 1.49 -7.45
CA ASN A 53 -5.71 2.13 -8.43
C ASN A 53 -6.14 3.50 -8.92
N GLU A 54 -6.20 4.37 -8.00
CA GLU A 54 -6.36 5.76 -8.19
C GLU A 54 -5.15 6.37 -7.55
N ASN A 55 -5.03 6.12 -6.24
CA ASN A 55 -3.88 6.60 -5.47
C ASN A 55 -3.66 5.76 -4.22
N SER A 56 -4.40 4.70 -4.06
CA SER A 56 -4.26 3.92 -2.89
C SER A 56 -4.07 2.50 -3.29
N PHE A 57 -3.54 1.71 -2.42
CA PHE A 57 -3.33 0.32 -2.68
C PHE A 57 -3.48 -0.40 -1.36
N ALA A 58 -3.59 -1.70 -1.37
CA ALA A 58 -3.78 -2.45 -0.15
C ALA A 58 -2.73 -3.48 -0.03
N ILE A 59 -2.59 -4.01 1.15
CA ILE A 59 -1.63 -5.04 1.39
C ILE A 59 -2.12 -5.97 2.49
N THR A 60 -1.88 -7.25 2.31
CA THR A 60 -2.31 -8.28 3.23
C THR A 60 -1.19 -8.61 4.24
N THR A 61 -0.40 -7.63 4.57
CA THR A 61 0.73 -7.82 5.44
C THR A 61 0.26 -7.86 6.92
N SER A 62 1.15 -8.18 7.81
CA SER A 62 0.83 -8.24 9.19
C SER A 62 1.75 -7.34 10.01
N LEU A 63 2.67 -6.69 9.33
CA LEU A 63 3.56 -5.76 9.98
C LEU A 63 2.84 -4.46 10.30
N ALA A 64 3.54 -3.51 10.81
CA ALA A 64 2.87 -2.34 11.25
C ALA A 64 2.87 -1.27 10.21
N ALA A 65 2.09 -0.24 10.43
CA ALA A 65 1.95 0.86 9.48
C ALA A 65 3.28 1.51 9.19
N SER A 66 4.04 1.73 10.24
CA SER A 66 5.34 2.34 10.15
C SER A 66 6.33 1.40 9.42
N GLU A 67 6.03 0.11 9.44
CA GLU A 67 6.88 -0.88 8.84
C GLU A 67 6.61 -0.91 7.37
N ILE A 68 5.32 -0.80 6.98
CA ILE A 68 4.95 -0.77 5.57
C ILE A 68 5.63 0.40 4.89
N GLU A 69 5.66 1.54 5.58
CA GLU A 69 6.31 2.73 5.07
C GLU A 69 7.76 2.42 4.75
N ASP A 70 8.49 1.94 5.73
CA ASP A 70 9.91 1.61 5.57
C ASP A 70 10.11 0.56 4.49
N LEU A 71 9.21 -0.40 4.46
CA LEU A 71 9.18 -1.49 3.49
C LEU A 71 9.18 -0.91 2.06
N ILE A 72 8.34 0.08 1.85
CA ILE A 72 8.22 0.74 0.55
C ILE A 72 9.37 1.73 0.33
N ARG A 73 9.67 2.50 1.35
CA ARG A 73 10.66 3.56 1.22
C ARG A 73 12.08 3.02 1.06
N LEU A 74 12.32 1.77 1.45
CA LEU A 74 13.62 1.19 1.22
C LEU A 74 13.67 0.59 -0.20
N LYS A 75 12.50 0.43 -0.83
CA LYS A 75 12.41 -0.01 -2.22
C LYS A 75 12.49 1.19 -3.15
N CYS A 76 12.45 2.37 -2.56
CA CYS A 76 12.59 3.61 -3.30
C CYS A 76 14.06 3.83 -3.64
N LEU A 77 14.90 3.08 -2.97
CA LEU A 77 16.32 3.14 -3.18
C LEU A 77 16.66 2.32 -4.42
N ASP A 78 15.72 1.45 -4.77
CA ASP A 78 15.87 0.52 -5.87
C ASP A 78 15.53 1.22 -7.18
N LEU A 79 14.50 2.05 -7.11
CA LEU A 79 14.03 2.81 -8.27
C LEU A 79 14.95 4.05 -8.53
N PRO A 80 14.74 4.87 -9.62
CA PRO A 80 15.61 6.03 -9.91
C PRO A 80 15.59 7.06 -8.77
N ASP A 81 14.47 7.76 -8.61
CA ASP A 81 14.27 8.74 -7.53
C ASP A 81 12.85 9.28 -7.62
N ILE A 82 12.23 9.54 -6.49
CA ILE A 82 10.89 10.09 -6.42
C ILE A 82 10.59 10.60 -5.04
N ASP A 83 10.19 11.84 -4.98
CA ASP A 83 9.70 12.38 -3.75
C ASP A 83 8.23 12.05 -3.62
N PHE A 84 7.95 11.10 -2.81
CA PHE A 84 6.59 10.72 -2.53
C PHE A 84 6.41 10.67 -1.04
N ASP A 85 5.21 10.84 -0.61
CA ASP A 85 4.88 10.73 0.77
C ASP A 85 3.68 9.82 0.84
N LEU A 86 3.72 8.83 1.65
CA LEU A 86 2.64 7.89 1.68
C LEU A 86 1.99 7.92 3.03
N ASN A 87 0.77 7.51 3.07
CA ASN A 87 0.06 7.40 4.28
C ASN A 87 -0.54 6.01 4.40
N ILE A 88 -0.05 5.25 5.36
CA ILE A 88 -0.57 3.93 5.64
C ILE A 88 -1.75 4.04 6.58
N MET A 89 -2.76 3.28 6.34
CA MET A 89 -3.90 3.21 7.19
C MET A 89 -4.49 1.83 7.02
N THR A 90 -5.26 1.42 7.96
CA THR A 90 -6.00 0.20 7.84
C THR A 90 -7.12 0.37 6.81
N VAL A 91 -7.43 -0.69 6.09
CA VAL A 91 -8.49 -0.73 5.06
C VAL A 91 -9.81 -0.16 5.62
N ASP A 92 -10.14 -0.56 6.84
CA ASP A 92 -11.37 -0.14 7.52
C ASP A 92 -11.37 1.34 7.82
N ASP A 93 -10.19 1.89 7.98
CA ASP A 93 -10.01 3.30 8.26
C ASP A 93 -9.91 4.08 6.98
N TYR A 94 -9.80 3.37 5.90
CA TYR A 94 -9.67 3.95 4.61
C TYR A 94 -11.01 4.22 3.98
N PHE A 95 -11.75 3.17 3.75
CA PHE A 95 -13.04 3.26 3.08
C PHE A 95 -14.04 4.12 3.85
N ARG A 96 -13.82 4.25 5.12
CA ARG A 96 -14.66 5.09 5.98
C ARG A 96 -14.50 6.59 5.63
N GLN A 97 -13.54 6.90 4.79
CA GLN A 97 -13.35 8.26 4.32
C GLN A 97 -13.89 8.34 2.91
N PHE A 98 -13.53 7.35 2.12
CA PHE A 98 -13.87 7.31 0.71
C PHE A 98 -14.98 6.31 0.50
N TYR A 99 -16.17 6.80 0.51
CA TYR A 99 -17.34 5.97 0.39
C TYR A 99 -17.64 5.59 -1.05
N LYS A 100 -18.68 4.79 -1.19
CA LYS A 100 -19.15 4.31 -2.46
C LYS A 100 -19.49 5.46 -3.40
N GLY A 1 13.40 -21.51 22.37
CA GLY A 1 12.05 -20.98 22.40
C GLY A 1 11.34 -21.30 21.12
N HIS A 2 10.10 -20.88 21.00
CA HIS A 2 9.32 -21.14 19.82
C HIS A 2 9.22 -19.89 19.00
N MET A 3 10.12 -19.75 18.04
CA MET A 3 10.08 -18.64 17.13
C MET A 3 8.99 -18.91 16.14
N GLU A 4 7.84 -18.37 16.40
CA GLU A 4 6.69 -18.61 15.65
C GLU A 4 6.57 -17.58 14.54
N GLY A 5 5.85 -17.91 13.51
CA GLY A 5 5.60 -16.99 12.45
C GLY A 5 4.42 -16.12 12.79
N LYS A 6 3.46 -16.05 11.91
CA LYS A 6 2.30 -15.25 12.12
C LYS A 6 1.10 -15.99 11.67
N ASN A 7 0.06 -15.79 12.38
CA ASN A 7 -1.22 -16.40 12.09
C ASN A 7 -2.12 -15.37 11.51
N LYS A 8 -1.84 -14.13 11.83
CA LYS A 8 -2.63 -13.09 11.32
C LYS A 8 -1.88 -12.21 10.35
N PHE A 9 -2.09 -12.47 9.12
CA PHE A 9 -1.68 -11.60 8.07
C PHE A 9 -2.77 -10.60 7.92
N ASN A 10 -2.43 -9.37 8.05
CA ASN A 10 -3.42 -8.33 8.09
C ASN A 10 -3.62 -7.79 6.72
N THR A 11 -4.31 -6.73 6.61
CA THR A 11 -4.46 -6.12 5.37
C THR A 11 -4.43 -4.60 5.56
N TYR A 12 -3.47 -3.98 4.94
CA TYR A 12 -3.20 -2.57 5.05
C TYR A 12 -3.43 -1.87 3.74
N VAL A 13 -3.62 -0.60 3.83
CA VAL A 13 -3.81 0.28 2.72
C VAL A 13 -2.80 1.42 2.79
N VAL A 14 -2.23 1.72 1.68
CA VAL A 14 -1.33 2.81 1.60
C VAL A 14 -1.91 3.86 0.71
N SER A 15 -1.94 5.03 1.19
CA SER A 15 -2.47 6.14 0.51
C SER A 15 -1.32 7.05 0.09
N PHE A 16 -1.01 7.06 -1.19
CA PHE A 16 0.08 7.87 -1.70
C PHE A 16 -0.37 9.25 -2.11
N ASP A 17 0.46 10.21 -1.79
CA ASP A 17 0.28 11.59 -2.21
C ASP A 17 1.56 12.05 -2.84
N TYR A 18 1.46 12.63 -4.00
CA TYR A 18 2.60 13.09 -4.74
C TYR A 18 2.11 14.07 -5.80
N PRO A 19 2.86 15.13 -6.07
CA PRO A 19 2.50 16.08 -7.12
C PRO A 19 2.61 15.45 -8.51
N SER A 20 1.85 15.99 -9.44
CA SER A 20 1.73 15.49 -10.80
C SER A 20 3.04 15.64 -11.60
N SER A 21 4.00 16.37 -11.05
CA SER A 21 5.27 16.57 -11.69
C SER A 21 6.13 15.29 -11.63
N TYR A 22 5.74 14.33 -10.79
CA TYR A 22 6.44 13.06 -10.71
C TYR A 22 5.57 11.94 -11.20
N SER A 23 4.62 12.27 -12.03
CA SER A 23 3.68 11.30 -12.54
C SER A 23 4.42 10.20 -13.31
N SER A 24 5.30 10.59 -14.21
CA SER A 24 6.01 9.64 -15.04
C SER A 24 7.18 8.97 -14.29
N VAL A 25 7.39 9.40 -13.07
CA VAL A 25 8.40 8.85 -12.20
C VAL A 25 7.80 7.80 -11.32
N PHE A 26 6.62 8.08 -10.85
CA PHE A 26 5.94 7.25 -9.91
C PHE A 26 5.49 5.94 -10.54
N LEU A 27 5.39 5.93 -11.84
CA LEU A 27 4.96 4.74 -12.57
C LEU A 27 5.97 3.60 -12.36
N ARG A 28 7.17 3.97 -11.93
CA ARG A 28 8.20 3.01 -11.63
C ARG A 28 7.90 2.41 -10.26
N LEU A 29 7.64 3.30 -9.31
CA LEU A 29 7.35 2.97 -7.93
C LEU A 29 6.08 2.11 -7.84
N ARG A 30 5.15 2.32 -8.79
CA ARG A 30 3.90 1.56 -8.78
C ARG A 30 4.18 0.12 -9.15
N SER A 31 5.12 -0.06 -10.03
CA SER A 31 5.53 -1.36 -10.47
C SER A 31 6.25 -2.09 -9.34
N LEU A 32 6.90 -1.32 -8.48
CA LEU A 32 7.59 -1.86 -7.32
C LEU A 32 6.61 -2.44 -6.32
N MET A 33 5.46 -1.81 -6.22
CA MET A 33 4.40 -2.24 -5.32
C MET A 33 3.96 -3.65 -5.66
N TYR A 34 3.59 -3.85 -6.92
CA TYR A 34 3.10 -5.13 -7.40
C TYR A 34 4.20 -6.13 -7.52
N ASP A 35 5.41 -5.64 -7.55
CA ASP A 35 6.60 -6.48 -7.55
C ASP A 35 6.71 -7.18 -6.20
N MET A 36 6.32 -6.45 -5.17
CA MET A 36 6.31 -6.97 -3.82
C MET A 36 4.99 -7.68 -3.49
N ASN A 37 4.26 -7.16 -2.52
CA ASN A 37 3.00 -7.80 -2.09
C ASN A 37 1.79 -6.91 -2.22
N PHE A 38 1.96 -5.71 -2.70
CA PHE A 38 0.83 -4.79 -2.82
C PHE A 38 -0.11 -5.21 -3.96
N SER A 39 -1.36 -4.85 -3.84
CA SER A 39 -2.36 -5.23 -4.82
C SER A 39 -3.24 -4.05 -5.27
N SER A 40 -4.00 -4.27 -6.34
CA SER A 40 -4.90 -3.26 -6.91
C SER A 40 -6.29 -3.38 -6.32
N ILE A 41 -6.61 -4.56 -5.86
CA ILE A 41 -7.93 -4.87 -5.33
C ILE A 41 -7.81 -5.40 -3.91
N VAL A 42 -8.78 -5.10 -3.10
CA VAL A 42 -8.91 -5.65 -1.77
C VAL A 42 -10.41 -5.66 -1.46
N ALA A 43 -10.84 -6.66 -0.74
CA ALA A 43 -12.22 -6.76 -0.35
C ALA A 43 -12.57 -5.70 0.67
N ASP A 44 -13.71 -5.07 0.45
CA ASP A 44 -14.26 -4.09 1.36
C ASP A 44 -14.92 -4.89 2.48
N GLU A 45 -15.60 -4.24 3.36
CA GLU A 45 -16.20 -4.91 4.51
C GLU A 45 -17.42 -5.67 4.06
N TYR A 46 -17.97 -5.22 2.95
CA TYR A 46 -19.12 -5.81 2.36
C TYR A 46 -18.72 -7.05 1.56
N GLY A 47 -17.42 -7.26 1.43
CA GLY A 47 -16.90 -8.39 0.67
C GLY A 47 -16.72 -8.05 -0.79
N ILE A 48 -16.76 -6.77 -1.10
CA ILE A 48 -16.65 -6.30 -2.47
C ILE A 48 -15.20 -6.00 -2.81
N PRO A 49 -14.68 -6.61 -3.88
CA PRO A 49 -13.31 -6.37 -4.33
C PRO A 49 -13.15 -4.97 -4.92
N ARG A 50 -12.66 -4.08 -4.12
CA ARG A 50 -12.50 -2.69 -4.49
C ARG A 50 -11.20 -2.45 -5.20
N GLN A 51 -11.19 -1.49 -6.07
CA GLN A 51 -9.98 -1.05 -6.69
C GLN A 51 -9.40 0.06 -5.86
N LEU A 52 -8.13 0.11 -5.84
CA LEU A 52 -7.42 1.01 -4.97
C LEU A 52 -6.75 2.12 -5.75
N ASN A 53 -6.57 1.89 -7.03
CA ASN A 53 -5.73 2.70 -7.96
C ASN A 53 -6.22 4.13 -8.25
N GLU A 54 -6.59 4.75 -7.20
CA GLU A 54 -6.94 6.12 -7.16
C GLU A 54 -5.73 6.89 -6.60
N ASN A 55 -5.06 6.20 -5.67
CA ASN A 55 -3.89 6.70 -4.92
C ASN A 55 -3.54 5.66 -3.86
N SER A 56 -4.55 4.90 -3.44
CA SER A 56 -4.41 3.91 -2.44
C SER A 56 -4.01 2.58 -3.06
N PHE A 57 -3.44 1.73 -2.25
CA PHE A 57 -3.10 0.39 -2.62
C PHE A 57 -3.18 -0.45 -1.35
N ALA A 58 -3.24 -1.75 -1.46
CA ALA A 58 -3.38 -2.59 -0.28
C ALA A 58 -2.33 -3.66 -0.25
N ILE A 59 -2.15 -4.25 0.90
CA ILE A 59 -1.19 -5.29 1.08
C ILE A 59 -1.60 -6.19 2.27
N THR A 60 -1.41 -7.47 2.12
CA THR A 60 -1.82 -8.45 3.13
C THR A 60 -0.70 -8.75 4.16
N THR A 61 0.10 -7.76 4.42
CA THR A 61 1.23 -7.92 5.29
C THR A 61 0.78 -7.87 6.78
N SER A 62 1.68 -8.18 7.68
CA SER A 62 1.36 -8.16 9.08
C SER A 62 2.34 -7.26 9.84
N LEU A 63 3.28 -6.70 9.11
CA LEU A 63 4.24 -5.78 9.69
C LEU A 63 3.61 -4.43 10.00
N ALA A 64 4.37 -3.55 10.55
CA ALA A 64 3.81 -2.32 10.98
C ALA A 64 3.78 -1.28 9.90
N ALA A 65 3.08 -0.21 10.15
CA ALA A 65 2.89 0.87 9.20
C ALA A 65 4.21 1.45 8.72
N SER A 66 5.08 1.73 9.63
CA SER A 66 6.35 2.30 9.26
C SER A 66 7.35 1.25 8.79
N GLU A 67 6.91 0.01 8.81
CA GLU A 67 7.68 -1.05 8.24
C GLU A 67 7.32 -1.09 6.77
N ILE A 68 6.00 -0.94 6.48
CA ILE A 68 5.53 -0.86 5.08
C ILE A 68 6.19 0.32 4.43
N GLU A 69 6.20 1.45 5.15
CA GLU A 69 6.85 2.64 4.67
C GLU A 69 8.27 2.37 4.29
N ASP A 70 9.06 1.83 5.22
CA ASP A 70 10.50 1.54 4.96
C ASP A 70 10.69 0.65 3.77
N LEU A 71 9.82 -0.35 3.64
CA LEU A 71 9.81 -1.22 2.47
C LEU A 71 9.69 -0.42 1.19
N ILE A 72 8.75 0.48 1.16
CA ILE A 72 8.50 1.29 0.00
C ILE A 72 9.61 2.34 -0.18
N ARG A 73 10.02 2.93 0.94
CA ARG A 73 11.03 3.98 0.94
C ARG A 73 12.37 3.47 0.42
N LEU A 74 12.69 2.21 0.70
CA LEU A 74 13.95 1.66 0.25
C LEU A 74 13.87 1.23 -1.22
N LYS A 75 12.65 1.12 -1.74
CA LYS A 75 12.45 0.82 -3.15
C LYS A 75 12.49 2.09 -3.96
N CYS A 76 12.47 3.21 -3.27
CA CYS A 76 12.56 4.50 -3.89
C CYS A 76 14.03 4.81 -4.19
N LEU A 77 14.90 3.92 -3.76
CA LEU A 77 16.30 4.01 -4.02
C LEU A 77 16.58 3.39 -5.38
N ASP A 78 15.61 2.64 -5.87
CA ASP A 78 15.68 1.99 -7.18
C ASP A 78 15.40 3.00 -8.23
N LEU A 79 14.31 3.71 -8.01
CA LEU A 79 13.81 4.71 -8.95
C LEU A 79 14.71 5.96 -8.96
N PRO A 80 14.62 6.80 -10.03
CA PRO A 80 15.40 8.05 -10.12
C PRO A 80 15.21 8.96 -8.91
N ASP A 81 14.05 9.62 -8.80
CA ASP A 81 13.76 10.53 -7.67
C ASP A 81 12.30 11.00 -7.67
N ILE A 82 11.67 10.89 -6.51
CA ILE A 82 10.34 11.36 -6.29
C ILE A 82 10.12 11.63 -4.81
N ASP A 83 9.73 12.82 -4.52
CA ASP A 83 9.33 13.19 -3.19
C ASP A 83 7.84 12.94 -3.04
N PHE A 84 7.53 11.82 -2.44
CA PHE A 84 6.16 11.42 -2.23
C PHE A 84 5.90 11.24 -0.75
N ASP A 85 4.67 11.30 -0.38
CA ASP A 85 4.26 11.06 0.97
C ASP A 85 3.25 9.96 0.95
N LEU A 86 3.33 9.05 1.86
CA LEU A 86 2.38 7.99 1.91
C LEU A 86 1.81 7.88 3.28
N ASN A 87 0.58 7.53 3.36
CA ASN A 87 -0.03 7.27 4.62
C ASN A 87 -0.45 5.83 4.67
N ILE A 88 0.14 5.09 5.57
CA ILE A 88 -0.28 3.73 5.80
C ILE A 88 -1.43 3.71 6.80
N MET A 89 -2.43 2.95 6.49
CA MET A 89 -3.55 2.74 7.35
C MET A 89 -4.05 1.33 7.08
N THR A 90 -4.74 0.76 7.98
CA THR A 90 -5.37 -0.50 7.76
C THR A 90 -6.56 -0.37 6.79
N VAL A 91 -6.80 -1.41 6.00
CA VAL A 91 -7.91 -1.47 5.03
C VAL A 91 -9.25 -1.12 5.69
N ASP A 92 -9.46 -1.66 6.86
CA ASP A 92 -10.69 -1.44 7.64
C ASP A 92 -10.82 0.03 8.01
N ASP A 93 -9.69 0.63 8.29
CA ASP A 93 -9.63 2.01 8.70
C ASP A 93 -9.58 2.94 7.50
N TYR A 94 -9.54 2.33 6.34
CA TYR A 94 -9.56 3.04 5.10
C TYR A 94 -10.96 3.16 4.56
N PHE A 95 -11.57 2.02 4.30
CA PHE A 95 -12.90 1.96 3.72
C PHE A 95 -13.94 2.69 4.53
N ARG A 96 -13.72 2.74 5.83
CA ARG A 96 -14.60 3.45 6.76
C ARG A 96 -14.75 4.95 6.43
N GLN A 97 -13.78 5.50 5.69
CA GLN A 97 -13.81 6.91 5.30
C GLN A 97 -14.70 7.06 4.10
N PHE A 98 -14.47 6.21 3.11
CA PHE A 98 -15.21 6.24 1.86
C PHE A 98 -16.60 5.63 2.03
N TYR A 99 -17.38 5.62 0.97
CA TYR A 99 -18.72 5.07 1.00
C TYR A 99 -18.85 3.86 0.13
N LYS A 100 -20.00 3.25 0.19
CA LYS A 100 -20.35 2.07 -0.58
C LYS A 100 -20.34 2.41 -2.07
N GLY A 1 10.00 -25.51 22.88
CA GLY A 1 8.90 -24.55 22.83
C GLY A 1 8.56 -24.21 21.41
N HIS A 2 7.80 -23.17 21.21
CA HIS A 2 7.41 -22.78 19.89
C HIS A 2 7.80 -21.34 19.69
N MET A 3 9.07 -21.10 19.33
CA MET A 3 9.53 -19.73 19.07
C MET A 3 8.92 -19.26 17.77
N GLU A 4 7.82 -18.61 17.91
CA GLU A 4 7.00 -18.27 16.85
C GLU A 4 7.10 -16.79 16.54
N GLY A 5 6.92 -16.46 15.30
CA GLY A 5 6.89 -15.11 14.92
C GLY A 5 5.50 -14.57 15.07
N LYS A 6 4.62 -15.02 14.18
CA LYS A 6 3.23 -14.64 14.16
C LYS A 6 2.62 -15.31 12.95
N ASN A 7 1.35 -15.47 12.96
CA ASN A 7 0.64 -15.97 11.80
C ASN A 7 -0.39 -14.95 11.39
N LYS A 8 -0.39 -13.84 12.08
CA LYS A 8 -1.35 -12.83 11.86
C LYS A 8 -0.85 -11.82 10.85
N PHE A 9 -1.17 -12.07 9.62
CA PHE A 9 -0.93 -11.13 8.57
C PHE A 9 -2.04 -10.12 8.63
N ASN A 10 -1.68 -8.87 8.69
CA ASN A 10 -2.66 -7.83 8.88
C ASN A 10 -3.13 -7.38 7.52
N THR A 11 -3.94 -6.39 7.47
CA THR A 11 -4.37 -5.90 6.21
C THR A 11 -4.40 -4.35 6.23
N TYR A 12 -3.58 -3.77 5.40
CA TYR A 12 -3.42 -2.36 5.38
C TYR A 12 -3.73 -1.78 4.04
N VAL A 13 -3.94 -0.51 4.05
CA VAL A 13 -4.18 0.30 2.89
C VAL A 13 -3.23 1.49 2.93
N VAL A 14 -2.64 1.78 1.82
CA VAL A 14 -1.78 2.90 1.73
C VAL A 14 -2.40 3.91 0.82
N SER A 15 -2.38 5.12 1.23
CA SER A 15 -2.89 6.20 0.45
C SER A 15 -1.73 7.08 0.02
N PHE A 16 -1.45 7.09 -1.27
CA PHE A 16 -0.36 7.89 -1.78
C PHE A 16 -0.84 9.25 -2.23
N ASP A 17 0.04 10.21 -2.18
CA ASP A 17 -0.26 11.53 -2.68
C ASP A 17 0.98 12.08 -3.23
N TYR A 18 0.87 12.67 -4.38
CA TYR A 18 2.01 13.13 -5.10
C TYR A 18 1.51 13.96 -6.29
N PRO A 19 2.30 14.92 -6.79
CA PRO A 19 1.92 15.69 -7.95
C PRO A 19 1.92 14.85 -9.21
N SER A 20 1.01 15.15 -10.11
CA SER A 20 0.81 14.39 -11.34
C SER A 20 2.00 14.53 -12.30
N SER A 21 2.90 15.44 -12.01
CA SER A 21 4.10 15.62 -12.79
C SER A 21 4.97 14.35 -12.74
N TYR A 22 4.89 13.64 -11.61
CA TYR A 22 5.66 12.42 -11.42
C TYR A 22 4.88 11.20 -11.86
N SER A 23 3.82 11.40 -12.61
CA SER A 23 2.97 10.29 -13.04
C SER A 23 3.78 9.28 -13.84
N SER A 24 4.66 9.78 -14.67
CA SER A 24 5.46 8.98 -15.55
C SER A 24 6.59 8.25 -14.79
N VAL A 25 6.91 8.74 -13.63
CA VAL A 25 7.99 8.17 -12.88
C VAL A 25 7.42 7.32 -11.73
N PHE A 26 6.16 7.57 -11.41
CA PHE A 26 5.46 6.85 -10.37
C PHE A 26 5.15 5.46 -10.84
N LEU A 27 5.13 5.29 -12.14
CA LEU A 27 4.83 4.01 -12.74
C LEU A 27 5.87 2.97 -12.31
N ARG A 28 7.00 3.46 -11.88
CA ARG A 28 8.06 2.61 -11.40
C ARG A 28 7.67 2.12 -10.01
N LEU A 29 7.29 3.06 -9.16
CA LEU A 29 6.92 2.80 -7.77
C LEU A 29 5.68 1.89 -7.70
N ARG A 30 4.78 2.02 -8.68
CA ARG A 30 3.56 1.19 -8.69
C ARG A 30 3.94 -0.24 -9.00
N SER A 31 4.92 -0.37 -9.85
CA SER A 31 5.43 -1.65 -10.26
C SER A 31 6.14 -2.34 -9.08
N LEU A 32 6.68 -1.53 -8.17
CA LEU A 32 7.33 -2.03 -6.96
C LEU A 32 6.28 -2.59 -5.99
N MET A 33 5.13 -1.94 -5.94
CA MET A 33 4.04 -2.35 -5.05
C MET A 33 3.59 -3.76 -5.36
N TYR A 34 3.32 -4.00 -6.63
CA TYR A 34 2.78 -5.29 -7.05
C TYR A 34 3.87 -6.33 -7.12
N ASP A 35 5.10 -5.87 -7.10
CA ASP A 35 6.27 -6.73 -6.96
C ASP A 35 6.26 -7.30 -5.56
N MET A 36 5.87 -6.45 -4.63
CA MET A 36 5.73 -6.80 -3.25
C MET A 36 4.32 -7.36 -2.99
N ASN A 37 3.80 -7.16 -1.80
CA ASN A 37 2.53 -7.76 -1.41
C ASN A 37 1.32 -6.88 -1.63
N PHE A 38 1.54 -5.69 -2.15
CA PHE A 38 0.43 -4.77 -2.41
C PHE A 38 -0.49 -5.29 -3.54
N SER A 39 -1.73 -4.89 -3.49
CA SER A 39 -2.73 -5.28 -4.47
C SER A 39 -3.56 -4.08 -4.94
N SER A 40 -4.36 -4.32 -5.97
CA SER A 40 -5.19 -3.28 -6.58
C SER A 40 -6.64 -3.36 -6.12
N ILE A 41 -7.03 -4.53 -5.68
CA ILE A 41 -8.39 -4.78 -5.24
C ILE A 41 -8.38 -5.39 -3.85
N VAL A 42 -9.33 -5.03 -3.05
CA VAL A 42 -9.55 -5.62 -1.74
C VAL A 42 -11.03 -5.45 -1.39
N ALA A 43 -11.58 -6.35 -0.63
CA ALA A 43 -12.98 -6.30 -0.24
C ALA A 43 -13.24 -5.19 0.77
N ASP A 44 -14.34 -4.50 0.56
CA ASP A 44 -14.79 -3.43 1.45
C ASP A 44 -15.57 -4.02 2.64
N GLU A 45 -16.25 -3.16 3.38
CA GLU A 45 -17.01 -3.59 4.55
C GLU A 45 -18.23 -4.42 4.14
N TYR A 46 -18.68 -4.23 2.91
CA TYR A 46 -19.87 -4.89 2.43
C TYR A 46 -19.50 -6.25 1.88
N GLY A 47 -18.27 -6.34 1.42
CA GLY A 47 -17.74 -7.56 0.89
C GLY A 47 -17.50 -7.46 -0.59
N ILE A 48 -17.48 -6.25 -1.08
CA ILE A 48 -17.30 -5.98 -2.48
C ILE A 48 -15.85 -5.70 -2.78
N PRO A 49 -15.30 -6.37 -3.80
CA PRO A 49 -13.92 -6.16 -4.22
C PRO A 49 -13.75 -4.78 -4.86
N ARG A 50 -13.19 -3.89 -4.11
CA ARG A 50 -13.00 -2.53 -4.54
C ARG A 50 -11.64 -2.34 -5.16
N GLN A 51 -11.59 -1.43 -6.10
CA GLN A 51 -10.35 -0.98 -6.68
C GLN A 51 -9.79 0.07 -5.78
N LEU A 52 -8.52 0.12 -5.75
CA LEU A 52 -7.81 1.03 -4.87
C LEU A 52 -7.06 2.07 -5.66
N ASN A 53 -6.74 1.74 -6.91
CA ASN A 53 -5.79 2.47 -7.84
C ASN A 53 -6.16 3.90 -8.18
N GLU A 54 -6.89 4.48 -7.35
CA GLU A 54 -7.29 5.84 -7.45
C GLU A 54 -6.26 6.68 -6.70
N ASN A 55 -5.61 6.03 -5.72
CA ASN A 55 -4.55 6.64 -4.88
C ASN A 55 -4.09 5.66 -3.80
N SER A 56 -4.97 4.77 -3.44
CA SER A 56 -4.75 3.83 -2.41
C SER A 56 -4.40 2.47 -2.97
N PHE A 57 -3.87 1.63 -2.12
CA PHE A 57 -3.53 0.26 -2.45
C PHE A 57 -3.59 -0.53 -1.15
N ALA A 58 -3.69 -1.85 -1.21
CA ALA A 58 -3.81 -2.65 0.01
C ALA A 58 -2.70 -3.66 0.09
N ILE A 59 -2.45 -4.15 1.28
CA ILE A 59 -1.42 -5.12 1.49
C ILE A 59 -1.74 -6.00 2.71
N THR A 60 -1.38 -7.26 2.65
CA THR A 60 -1.66 -8.19 3.74
C THR A 60 -0.39 -8.39 4.62
N THR A 61 0.37 -7.35 4.81
CA THR A 61 1.60 -7.45 5.56
C THR A 61 1.28 -7.44 7.07
N SER A 62 2.20 -7.91 7.88
CA SER A 62 2.00 -7.92 9.29
C SER A 62 2.79 -6.81 10.01
N LEU A 63 3.70 -6.20 9.31
CA LEU A 63 4.54 -5.15 9.89
C LEU A 63 3.75 -3.88 10.20
N ALA A 64 4.41 -2.94 10.82
CA ALA A 64 3.71 -1.77 11.27
C ALA A 64 3.57 -0.76 10.16
N ALA A 65 2.70 0.20 10.38
CA ALA A 65 2.39 1.22 9.41
C ALA A 65 3.62 1.99 8.96
N SER A 66 4.42 2.38 9.90
CA SER A 66 5.62 3.14 9.60
C SER A 66 6.67 2.24 8.92
N GLU A 67 6.48 0.93 9.02
CA GLU A 67 7.39 -0.02 8.47
C GLU A 67 7.05 -0.23 7.03
N ILE A 68 5.74 -0.21 6.72
CA ILE A 68 5.29 -0.27 5.32
C ILE A 68 5.88 0.91 4.61
N GLU A 69 5.83 2.07 5.26
CA GLU A 69 6.43 3.28 4.72
C GLU A 69 7.89 3.04 4.45
N ASP A 70 8.61 2.52 5.44
CA ASP A 70 10.06 2.25 5.33
C ASP A 70 10.37 1.40 4.12
N LEU A 71 9.57 0.36 3.95
CA LEU A 71 9.65 -0.52 2.81
C LEU A 71 9.56 0.25 1.50
N ILE A 72 8.59 1.12 1.42
CA ILE A 72 8.32 1.87 0.22
C ILE A 72 9.33 3.02 0.03
N ARG A 73 9.75 3.62 1.14
CA ARG A 73 10.69 4.73 1.09
C ARG A 73 12.02 4.27 0.53
N LEU A 74 12.40 3.02 0.82
CA LEU A 74 13.62 2.46 0.28
C LEU A 74 13.44 2.02 -1.18
N LYS A 75 12.19 1.82 -1.61
CA LYS A 75 11.90 1.46 -2.99
C LYS A 75 12.09 2.66 -3.90
N CYS A 76 11.98 3.84 -3.33
CA CYS A 76 12.18 5.06 -4.07
C CYS A 76 13.65 5.22 -4.44
N LEU A 77 14.50 4.50 -3.73
CA LEU A 77 15.93 4.53 -3.97
C LEU A 77 16.27 3.66 -5.17
N ASP A 78 15.31 2.82 -5.54
CA ASP A 78 15.49 1.91 -6.66
C ASP A 78 15.20 2.67 -7.91
N LEU A 79 14.15 3.45 -7.84
CA LEU A 79 13.72 4.25 -8.96
C LEU A 79 14.47 5.62 -8.93
N PRO A 80 14.23 6.56 -9.91
CA PRO A 80 14.92 7.86 -9.92
C PRO A 80 14.62 8.70 -8.66
N ASP A 81 13.39 9.19 -8.57
CA ASP A 81 12.93 10.01 -7.46
C ASP A 81 11.50 10.42 -7.73
N ILE A 82 10.78 10.66 -6.67
CA ILE A 82 9.42 11.13 -6.70
C ILE A 82 9.04 11.57 -5.32
N ASP A 83 8.71 12.84 -5.18
CA ASP A 83 8.22 13.34 -3.91
C ASP A 83 6.80 12.88 -3.70
N PHE A 84 6.65 11.82 -2.99
CA PHE A 84 5.37 11.29 -2.68
C PHE A 84 5.26 11.21 -1.19
N ASP A 85 4.07 11.31 -0.70
CA ASP A 85 3.86 11.14 0.70
C ASP A 85 2.72 10.20 0.87
N LEU A 86 2.93 9.16 1.61
CA LEU A 86 1.93 8.13 1.76
C LEU A 86 1.39 8.14 3.16
N ASN A 87 0.18 7.72 3.29
CA ASN A 87 -0.46 7.55 4.55
C ASN A 87 -0.92 6.11 4.67
N ILE A 88 -0.30 5.37 5.55
CA ILE A 88 -0.71 4.00 5.81
C ILE A 88 -1.88 4.00 6.78
N MET A 89 -2.82 3.13 6.54
CA MET A 89 -3.95 2.93 7.39
C MET A 89 -4.35 1.48 7.24
N THR A 90 -5.14 0.98 8.11
CA THR A 90 -5.70 -0.33 7.97
C THR A 90 -6.84 -0.31 6.96
N VAL A 91 -7.03 -1.40 6.24
CA VAL A 91 -8.11 -1.54 5.23
C VAL A 91 -9.48 -1.18 5.85
N ASP A 92 -9.70 -1.65 7.06
CA ASP A 92 -10.94 -1.42 7.80
C ASP A 92 -11.13 0.08 8.08
N ASP A 93 -10.03 0.77 8.28
CA ASP A 93 -10.04 2.20 8.58
C ASP A 93 -10.02 3.02 7.31
N TYR A 94 -9.85 2.34 6.22
CA TYR A 94 -9.89 2.96 4.95
C TYR A 94 -11.30 3.04 4.45
N PHE A 95 -11.94 1.91 4.44
CA PHE A 95 -13.30 1.81 3.94
C PHE A 95 -14.32 2.50 4.81
N ARG A 96 -13.95 2.83 6.00
CA ARG A 96 -14.80 3.65 6.86
C ARG A 96 -14.95 5.07 6.29
N GLN A 97 -14.06 5.43 5.37
CA GLN A 97 -14.12 6.72 4.70
C GLN A 97 -14.89 6.53 3.40
N PHE A 98 -14.57 5.47 2.70
CA PHE A 98 -15.14 5.19 1.43
C PHE A 98 -16.20 4.13 1.54
N TYR A 99 -17.41 4.59 1.64
CA TYR A 99 -18.57 3.75 1.74
C TYR A 99 -19.05 3.36 0.36
N LYS A 100 -20.34 2.99 0.32
CA LYS A 100 -21.20 2.81 -0.87
C LYS A 100 -20.51 3.22 -2.19
N GLY A 1 9.32 -15.39 24.02
CA GLY A 1 8.65 -14.18 23.61
C GLY A 1 8.00 -14.37 22.28
N HIS A 2 7.52 -13.31 21.67
CA HIS A 2 6.88 -13.43 20.37
C HIS A 2 7.87 -13.33 19.23
N MET A 3 8.42 -14.45 18.84
CA MET A 3 9.21 -14.51 17.64
C MET A 3 8.39 -15.28 16.62
N GLU A 4 7.80 -14.54 15.74
CA GLU A 4 6.90 -15.07 14.81
C GLU A 4 7.52 -15.14 13.45
N GLY A 5 7.35 -16.24 12.80
CA GLY A 5 7.70 -16.29 11.43
C GLY A 5 6.60 -15.63 10.69
N LYS A 6 5.42 -16.27 10.71
CA LYS A 6 4.18 -15.72 10.16
C LYS A 6 3.10 -16.79 10.23
N ASN A 7 1.97 -16.46 10.82
CA ASN A 7 0.87 -17.42 10.93
C ASN A 7 -0.45 -16.72 10.77
N LYS A 8 -0.38 -15.47 10.37
CA LYS A 8 -1.51 -14.63 10.26
C LYS A 8 -1.22 -13.62 9.20
N PHE A 9 -2.08 -13.48 8.27
CA PHE A 9 -2.02 -12.43 7.28
C PHE A 9 -3.13 -11.45 7.55
N ASN A 10 -2.82 -10.18 7.54
CA ASN A 10 -3.84 -9.16 7.85
C ASN A 10 -4.11 -8.39 6.58
N THR A 11 -4.74 -7.24 6.67
CA THR A 11 -4.95 -6.47 5.49
C THR A 11 -4.84 -4.95 5.79
N TYR A 12 -4.05 -4.28 5.01
CA TYR A 12 -3.81 -2.84 5.16
C TYR A 12 -3.99 -2.13 3.86
N VAL A 13 -4.12 -0.84 3.93
CA VAL A 13 -4.26 0.04 2.80
C VAL A 13 -3.25 1.17 2.89
N VAL A 14 -2.69 1.53 1.77
CA VAL A 14 -1.77 2.60 1.72
C VAL A 14 -2.26 3.64 0.74
N SER A 15 -2.26 4.84 1.17
CA SER A 15 -2.66 5.95 0.38
C SER A 15 -1.44 6.79 0.08
N PHE A 16 -1.13 6.97 -1.18
CA PHE A 16 0.05 7.72 -1.57
C PHE A 16 -0.24 9.17 -1.90
N ASP A 17 0.76 9.98 -1.71
CA ASP A 17 0.75 11.38 -2.03
C ASP A 17 1.96 11.73 -2.81
N TYR A 18 1.75 12.35 -3.96
CA TYR A 18 2.80 12.77 -4.84
C TYR A 18 2.21 13.67 -5.92
N PRO A 19 2.95 14.68 -6.36
CA PRO A 19 2.52 15.53 -7.46
C PRO A 19 2.62 14.79 -8.79
N SER A 20 1.89 15.27 -9.77
CA SER A 20 1.86 14.66 -11.10
C SER A 20 3.20 14.89 -11.85
N SER A 21 4.09 15.60 -11.22
CA SER A 21 5.42 15.81 -11.71
C SER A 21 6.22 14.50 -11.67
N TYR A 22 5.76 13.55 -10.84
CA TYR A 22 6.44 12.26 -10.73
C TYR A 22 5.59 11.11 -11.22
N SER A 23 4.58 11.39 -12.00
CA SER A 23 3.70 10.35 -12.50
C SER A 23 4.46 9.29 -13.28
N SER A 24 5.34 9.70 -14.17
CA SER A 24 6.07 8.76 -15.01
C SER A 24 7.28 8.16 -14.28
N VAL A 25 7.52 8.65 -13.08
CA VAL A 25 8.60 8.18 -12.24
C VAL A 25 8.07 7.16 -11.25
N PHE A 26 6.91 7.44 -10.72
CA PHE A 26 6.30 6.66 -9.69
C PHE A 26 5.90 5.29 -10.19
N LEU A 27 5.81 5.15 -11.50
CA LEU A 27 5.44 3.90 -12.14
C LEU A 27 6.38 2.79 -11.70
N ARG A 28 7.59 3.18 -11.34
CA ARG A 28 8.59 2.23 -10.89
C ARG A 28 8.16 1.67 -9.55
N LEU A 29 7.81 2.58 -8.67
CA LEU A 29 7.40 2.25 -7.32
C LEU A 29 6.08 1.46 -7.35
N ARG A 30 5.22 1.75 -8.34
CA ARG A 30 3.93 1.05 -8.42
C ARG A 30 4.15 -0.37 -8.89
N SER A 31 5.16 -0.54 -9.70
CA SER A 31 5.55 -1.84 -10.19
C SER A 31 6.16 -2.65 -9.03
N LEU A 32 6.83 -1.94 -8.13
CA LEU A 32 7.44 -2.54 -6.96
C LEU A 32 6.38 -3.05 -5.99
N MET A 33 5.25 -2.38 -5.97
CA MET A 33 4.14 -2.77 -5.13
C MET A 33 3.67 -4.16 -5.44
N TYR A 34 3.48 -4.44 -6.72
CA TYR A 34 3.02 -5.74 -7.16
C TYR A 34 4.13 -6.75 -7.15
N ASP A 35 5.36 -6.24 -7.15
CA ASP A 35 6.56 -7.07 -6.94
C ASP A 35 6.54 -7.57 -5.50
N MET A 36 6.00 -6.73 -4.64
CA MET A 36 5.79 -7.04 -3.25
C MET A 36 4.35 -7.59 -3.08
N ASN A 37 3.79 -7.47 -1.90
CA ASN A 37 2.50 -8.11 -1.59
C ASN A 37 1.29 -7.24 -1.87
N PHE A 38 1.51 -6.05 -2.36
CA PHE A 38 0.40 -5.11 -2.63
C PHE A 38 -0.52 -5.58 -3.77
N SER A 39 -1.74 -5.08 -3.78
CA SER A 39 -2.73 -5.43 -4.77
C SER A 39 -3.52 -4.20 -5.23
N SER A 40 -4.33 -4.39 -6.27
CA SER A 40 -5.12 -3.32 -6.86
C SER A 40 -6.57 -3.36 -6.39
N ILE A 41 -6.97 -4.50 -5.90
CA ILE A 41 -8.33 -4.75 -5.44
C ILE A 41 -8.30 -5.32 -4.02
N VAL A 42 -9.30 -4.96 -3.25
CA VAL A 42 -9.53 -5.52 -1.93
C VAL A 42 -11.03 -5.36 -1.63
N ALA A 43 -11.58 -6.30 -0.92
CA ALA A 43 -12.98 -6.27 -0.59
C ALA A 43 -13.31 -5.19 0.43
N ASP A 44 -14.43 -4.54 0.21
CA ASP A 44 -14.99 -3.51 1.11
C ASP A 44 -15.67 -4.27 2.26
N GLU A 45 -16.40 -3.59 3.09
CA GLU A 45 -17.07 -4.26 4.18
C GLU A 45 -18.29 -4.92 3.63
N TYR A 46 -18.76 -4.39 2.51
CA TYR A 46 -19.90 -4.92 1.79
C TYR A 46 -19.50 -6.22 1.09
N GLY A 47 -18.20 -6.44 1.03
CA GLY A 47 -17.66 -7.61 0.38
C GLY A 47 -17.47 -7.37 -1.09
N ILE A 48 -17.49 -6.11 -1.50
CA ILE A 48 -17.31 -5.78 -2.88
C ILE A 48 -15.84 -5.56 -3.15
N PRO A 49 -15.29 -6.24 -4.15
CA PRO A 49 -13.92 -6.06 -4.54
C PRO A 49 -13.73 -4.67 -5.14
N ARG A 50 -13.18 -3.79 -4.36
CA ARG A 50 -12.97 -2.42 -4.76
C ARG A 50 -11.61 -2.27 -5.41
N GLN A 51 -11.48 -1.26 -6.23
CA GLN A 51 -10.21 -0.89 -6.81
C GLN A 51 -9.56 0.12 -5.91
N LEU A 52 -8.30 0.27 -6.08
CA LEU A 52 -7.52 1.13 -5.19
C LEU A 52 -6.70 2.17 -5.94
N ASN A 53 -6.40 1.86 -7.18
CA ASN A 53 -5.37 2.55 -8.08
C ASN A 53 -5.61 4.01 -8.36
N GLU A 54 -6.55 4.53 -7.71
CA GLU A 54 -6.87 5.93 -7.73
C GLU A 54 -5.72 6.66 -7.03
N ASN A 55 -5.40 6.19 -5.83
CA ASN A 55 -4.28 6.70 -5.02
C ASN A 55 -3.94 5.77 -3.86
N SER A 56 -4.59 4.64 -3.78
CA SER A 56 -4.41 3.78 -2.68
C SER A 56 -4.10 2.41 -3.17
N PHE A 57 -3.62 1.58 -2.32
CA PHE A 57 -3.35 0.20 -2.64
C PHE A 57 -3.51 -0.59 -1.36
N ALA A 58 -3.62 -1.88 -1.46
CA ALA A 58 -3.83 -2.70 -0.28
C ALA A 58 -2.82 -3.80 -0.23
N ILE A 59 -2.66 -4.38 0.91
CA ILE A 59 -1.71 -5.43 1.09
C ILE A 59 -2.19 -6.40 2.17
N THR A 60 -1.91 -7.67 2.00
CA THR A 60 -2.35 -8.70 2.92
C THR A 60 -1.21 -9.06 3.91
N THR A 61 -0.41 -8.10 4.24
CA THR A 61 0.74 -8.30 5.10
C THR A 61 0.30 -8.37 6.58
N SER A 62 1.20 -8.70 7.47
CA SER A 62 0.88 -8.76 8.88
C SER A 62 1.90 -7.94 9.68
N LEU A 63 2.78 -7.27 8.99
CA LEU A 63 3.72 -6.38 9.62
C LEU A 63 3.04 -5.08 10.01
N ALA A 64 3.76 -4.21 10.65
CA ALA A 64 3.15 -3.02 11.14
C ALA A 64 3.14 -1.92 10.10
N ALA A 65 2.41 -0.86 10.39
CA ALA A 65 2.25 0.27 9.49
C ALA A 65 3.59 0.89 9.13
N SER A 66 4.41 1.10 10.12
CA SER A 66 5.72 1.68 9.91
C SER A 66 6.63 0.73 9.12
N GLU A 67 6.29 -0.55 9.14
CA GLU A 67 7.08 -1.55 8.46
C GLU A 67 6.72 -1.53 7.00
N ILE A 68 5.42 -1.36 6.70
CA ILE A 68 4.97 -1.25 5.31
C ILE A 68 5.66 -0.06 4.67
N GLU A 69 5.66 1.05 5.41
CA GLU A 69 6.31 2.26 4.94
C GLU A 69 7.76 1.99 4.63
N ASP A 70 8.45 1.39 5.59
CA ASP A 70 9.88 1.08 5.46
C ASP A 70 10.15 0.26 4.22
N LEU A 71 9.30 -0.72 4.00
CA LEU A 71 9.35 -1.59 2.85
C LEU A 71 9.31 -0.77 1.57
N ILE A 72 8.37 0.13 1.52
CA ILE A 72 8.17 0.93 0.34
C ILE A 72 9.27 1.97 0.17
N ARG A 73 9.66 2.60 1.26
CA ARG A 73 10.64 3.67 1.22
C ARG A 73 12.02 3.14 0.81
N LEU A 74 12.32 1.91 1.17
CA LEU A 74 13.61 1.36 0.82
C LEU A 74 13.62 0.92 -0.66
N LYS A 75 12.43 0.77 -1.24
CA LYS A 75 12.29 0.45 -2.66
C LYS A 75 12.44 1.69 -3.51
N CYS A 76 12.44 2.84 -2.86
CA CYS A 76 12.59 4.10 -3.55
C CYS A 76 14.05 4.28 -4.01
N LEU A 77 14.92 3.40 -3.54
CA LEU A 77 16.29 3.39 -3.95
C LEU A 77 16.43 2.74 -5.32
N ASP A 78 15.38 2.03 -5.73
CA ASP A 78 15.33 1.35 -7.03
C ASP A 78 14.99 2.35 -8.09
N LEU A 79 14.05 3.16 -7.77
CA LEU A 79 13.58 4.20 -8.67
C LEU A 79 14.57 5.37 -8.65
N PRO A 80 14.54 6.24 -9.69
CA PRO A 80 15.39 7.42 -9.75
C PRO A 80 15.22 8.32 -8.52
N ASP A 81 14.11 9.04 -8.45
CA ASP A 81 13.82 9.92 -7.31
C ASP A 81 12.40 10.40 -7.34
N ILE A 82 11.75 10.37 -6.21
CA ILE A 82 10.44 10.87 -6.02
C ILE A 82 10.24 11.19 -4.56
N ASP A 83 9.95 12.41 -4.27
CA ASP A 83 9.67 12.81 -2.92
C ASP A 83 8.17 12.64 -2.71
N PHE A 84 7.79 11.52 -2.16
CA PHE A 84 6.39 11.20 -1.96
C PHE A 84 6.06 11.07 -0.48
N ASP A 85 4.83 10.78 -0.21
CA ASP A 85 4.34 10.52 1.13
C ASP A 85 3.35 9.41 1.02
N LEU A 86 3.25 8.59 2.01
CA LEU A 86 2.27 7.56 2.01
C LEU A 86 1.62 7.51 3.37
N ASN A 87 0.43 7.06 3.41
CA ASN A 87 -0.26 6.90 4.62
C ASN A 87 -0.75 5.49 4.73
N ILE A 88 -0.21 4.75 5.66
CA ILE A 88 -0.68 3.42 5.91
C ILE A 88 -1.87 3.48 6.84
N MET A 89 -2.88 2.76 6.51
CA MET A 89 -4.04 2.66 7.32
C MET A 89 -4.58 1.26 7.14
N THR A 90 -5.28 0.78 8.08
CA THR A 90 -5.96 -0.46 7.96
C THR A 90 -7.11 -0.33 6.94
N VAL A 91 -7.38 -1.41 6.20
CA VAL A 91 -8.46 -1.46 5.21
C VAL A 91 -9.79 -1.01 5.82
N ASP A 92 -10.03 -1.46 7.05
CA ASP A 92 -11.24 -1.16 7.81
C ASP A 92 -11.36 0.35 8.04
N ASP A 93 -10.22 0.97 8.23
CA ASP A 93 -10.12 2.41 8.50
C ASP A 93 -10.06 3.20 7.22
N TYR A 94 -9.98 2.50 6.13
CA TYR A 94 -9.96 3.10 4.83
C TYR A 94 -11.35 3.20 4.25
N PHE A 95 -11.99 2.06 4.11
CA PHE A 95 -13.33 1.97 3.51
C PHE A 95 -14.38 2.73 4.28
N ARG A 96 -14.12 2.97 5.53
CA ARG A 96 -15.01 3.76 6.36
C ARG A 96 -15.08 5.23 5.87
N GLN A 97 -14.18 5.59 4.95
CA GLN A 97 -14.18 6.93 4.35
C GLN A 97 -14.90 6.87 3.01
N PHE A 98 -14.65 5.81 2.27
CA PHE A 98 -15.15 5.68 0.91
C PHE A 98 -16.36 4.77 0.85
N TYR A 99 -17.48 5.36 0.55
CA TYR A 99 -18.73 4.66 0.50
C TYR A 99 -19.12 4.32 -0.90
N LYS A 100 -20.26 3.70 -1.00
CA LYS A 100 -20.81 3.30 -2.24
C LYS A 100 -21.88 4.31 -2.62
N GLY A 1 14.13 -22.13 15.15
CA GLY A 1 13.66 -21.38 16.32
C GLY A 1 12.20 -21.07 16.21
N HIS A 2 11.86 -19.82 16.30
CA HIS A 2 10.50 -19.38 16.25
C HIS A 2 10.28 -18.40 15.14
N MET A 3 9.24 -18.62 14.39
CA MET A 3 8.80 -17.70 13.36
C MET A 3 7.53 -17.04 13.88
N GLU A 4 7.40 -17.11 15.19
CA GLU A 4 6.32 -16.59 15.95
C GLU A 4 6.36 -15.07 15.90
N GLY A 5 5.22 -14.47 16.05
CA GLY A 5 5.13 -13.05 16.03
C GLY A 5 3.76 -12.65 15.66
N LYS A 6 3.32 -13.23 14.59
CA LYS A 6 2.05 -12.97 14.04
C LYS A 6 1.62 -14.16 13.20
N ASN A 7 0.37 -14.49 13.30
CA ASN A 7 -0.25 -15.55 12.51
C ASN A 7 -1.48 -14.96 11.89
N LYS A 8 -1.50 -13.66 11.92
CA LYS A 8 -2.58 -12.89 11.47
C LYS A 8 -2.11 -11.84 10.49
N PHE A 9 -2.38 -12.11 9.26
CA PHE A 9 -2.17 -11.13 8.22
C PHE A 9 -3.27 -10.13 8.31
N ASN A 10 -2.93 -8.91 8.57
CA ASN A 10 -3.89 -7.87 8.71
C ASN A 10 -4.06 -7.19 7.39
N THR A 11 -4.81 -6.14 7.32
CA THR A 11 -5.03 -5.54 6.05
C THR A 11 -4.96 -4.00 6.14
N TYR A 12 -4.15 -3.43 5.27
CA TYR A 12 -3.92 -2.00 5.25
C TYR A 12 -4.13 -1.44 3.87
N VAL A 13 -4.28 -0.15 3.82
CA VAL A 13 -4.44 0.62 2.62
C VAL A 13 -3.42 1.77 2.61
N VAL A 14 -2.83 2.00 1.48
CA VAL A 14 -1.90 3.07 1.33
C VAL A 14 -2.43 4.05 0.32
N SER A 15 -2.29 5.29 0.60
CA SER A 15 -2.74 6.33 -0.26
C SER A 15 -1.55 7.19 -0.70
N PHE A 16 -1.21 7.12 -1.98
CA PHE A 16 -0.06 7.82 -2.54
C PHE A 16 -0.43 9.16 -3.14
N ASP A 17 0.43 10.10 -2.89
CA ASP A 17 0.31 11.45 -3.43
C ASP A 17 1.55 11.79 -4.11
N TYR A 18 1.40 12.35 -5.26
CA TYR A 18 2.49 12.73 -6.10
C TYR A 18 1.94 13.46 -7.32
N PRO A 19 2.67 14.44 -7.85
CA PRO A 19 2.25 15.14 -9.06
C PRO A 19 2.39 14.25 -10.30
N SER A 20 1.64 14.58 -11.34
CA SER A 20 1.60 13.81 -12.57
C SER A 20 2.92 13.86 -13.35
N SER A 21 3.83 14.69 -12.88
CA SER A 21 5.15 14.81 -13.43
C SER A 21 5.90 13.47 -13.27
N TYR A 22 5.57 12.75 -12.21
CA TYR A 22 6.30 11.53 -11.88
C TYR A 22 5.48 10.29 -12.15
N SER A 23 4.45 10.40 -12.95
CA SER A 23 3.62 9.26 -13.26
C SER A 23 4.43 8.15 -13.92
N SER A 24 5.28 8.51 -14.88
CA SER A 24 6.10 7.55 -15.59
C SER A 24 7.18 6.92 -14.69
N VAL A 25 7.50 7.61 -13.63
CA VAL A 25 8.50 7.21 -12.68
C VAL A 25 7.90 6.27 -11.66
N PHE A 26 6.69 6.57 -11.31
CA PHE A 26 6.00 5.90 -10.28
C PHE A 26 5.58 4.51 -10.71
N LEU A 27 5.53 4.28 -12.01
CA LEU A 27 5.13 2.98 -12.55
C LEU A 27 6.07 1.90 -12.04
N ARG A 28 7.29 2.31 -11.72
CA ARG A 28 8.29 1.40 -11.21
C ARG A 28 7.89 1.01 -9.80
N LEU A 29 7.59 2.02 -9.00
CA LEU A 29 7.21 1.86 -7.60
C LEU A 29 5.92 1.06 -7.52
N ARG A 30 5.05 1.23 -8.50
CA ARG A 30 3.79 0.54 -8.51
C ARG A 30 4.00 -0.94 -8.82
N SER A 31 4.99 -1.20 -9.64
CA SER A 31 5.36 -2.57 -9.97
C SER A 31 5.98 -3.24 -8.73
N LEU A 32 6.64 -2.42 -7.92
CA LEU A 32 7.25 -2.90 -6.67
C LEU A 32 6.17 -3.31 -5.68
N MET A 33 5.06 -2.60 -5.71
CA MET A 33 3.92 -2.89 -4.85
C MET A 33 3.42 -4.30 -5.04
N TYR A 34 3.21 -4.67 -6.28
CA TYR A 34 2.66 -5.97 -6.62
C TYR A 34 3.72 -7.05 -6.58
N ASP A 35 4.96 -6.61 -6.54
CA ASP A 35 6.12 -7.49 -6.31
C ASP A 35 6.13 -7.87 -4.83
N MET A 36 5.60 -6.96 -4.04
CA MET A 36 5.38 -7.15 -2.63
C MET A 36 3.95 -7.66 -2.40
N ASN A 37 3.37 -7.34 -1.28
CA ASN A 37 2.05 -7.87 -0.91
C ASN A 37 0.89 -6.96 -1.25
N PHE A 38 1.19 -5.82 -1.82
CA PHE A 38 0.13 -4.87 -2.18
C PHE A 38 -0.77 -5.40 -3.30
N SER A 39 -1.99 -4.92 -3.32
CA SER A 39 -2.96 -5.32 -4.29
C SER A 39 -3.73 -4.11 -4.83
N SER A 40 -4.40 -4.32 -5.95
CA SER A 40 -5.18 -3.31 -6.61
C SER A 40 -6.65 -3.40 -6.18
N ILE A 41 -7.01 -4.52 -5.63
CA ILE A 41 -8.35 -4.84 -5.19
C ILE A 41 -8.31 -5.33 -3.74
N VAL A 42 -9.36 -5.07 -3.00
CA VAL A 42 -9.54 -5.58 -1.66
C VAL A 42 -11.05 -5.68 -1.39
N ALA A 43 -11.45 -6.70 -0.67
CA ALA A 43 -12.85 -6.88 -0.32
C ALA A 43 -13.31 -5.85 0.71
N ASP A 44 -14.45 -5.26 0.44
CA ASP A 44 -15.10 -4.27 1.32
C ASP A 44 -15.83 -5.03 2.44
N GLU A 45 -16.64 -4.33 3.20
CA GLU A 45 -17.41 -4.91 4.30
C GLU A 45 -18.44 -5.88 3.73
N TYR A 46 -18.89 -5.57 2.52
CA TYR A 46 -19.89 -6.35 1.85
C TYR A 46 -19.26 -7.60 1.26
N GLY A 47 -17.94 -7.61 1.21
CA GLY A 47 -17.22 -8.71 0.61
C GLY A 47 -17.03 -8.51 -0.87
N ILE A 48 -17.25 -7.28 -1.31
CA ILE A 48 -17.11 -6.94 -2.70
C ILE A 48 -15.70 -6.49 -2.96
N PRO A 49 -15.06 -7.07 -3.96
CA PRO A 49 -13.70 -6.71 -4.34
C PRO A 49 -13.65 -5.32 -5.00
N ARG A 50 -13.28 -4.34 -4.23
CA ARG A 50 -13.18 -2.95 -4.68
C ARG A 50 -11.83 -2.70 -5.32
N GLN A 51 -11.78 -1.75 -6.22
CA GLN A 51 -10.55 -1.27 -6.79
C GLN A 51 -10.03 -0.16 -5.93
N LEU A 52 -8.76 -0.02 -5.92
CA LEU A 52 -8.08 0.94 -5.07
C LEU A 52 -7.39 2.01 -5.87
N ASN A 53 -7.19 1.69 -7.12
CA ASN A 53 -6.29 2.43 -8.07
C ASN A 53 -6.77 3.80 -8.48
N GLU A 54 -7.11 4.54 -7.52
CA GLU A 54 -7.44 5.91 -7.64
C GLU A 54 -6.23 6.66 -7.17
N ASN A 55 -5.89 6.39 -5.93
CA ASN A 55 -4.70 6.90 -5.28
C ASN A 55 -4.28 5.92 -4.17
N SER A 56 -4.99 4.81 -4.06
CA SER A 56 -4.82 3.94 -2.97
C SER A 56 -4.52 2.55 -3.43
N PHE A 57 -4.01 1.76 -2.55
CA PHE A 57 -3.71 0.38 -2.79
C PHE A 57 -3.83 -0.31 -1.45
N ALA A 58 -3.92 -1.61 -1.42
CA ALA A 58 -4.07 -2.33 -0.16
C ALA A 58 -3.00 -3.34 -0.03
N ILE A 59 -2.84 -3.86 1.14
CA ILE A 59 -1.87 -4.86 1.40
C ILE A 59 -2.31 -5.71 2.58
N THR A 60 -1.95 -6.95 2.57
CA THR A 60 -2.18 -7.77 3.66
C THR A 60 -0.83 -8.06 4.32
N THR A 61 -0.62 -7.36 5.37
CA THR A 61 0.59 -7.43 6.10
C THR A 61 0.24 -7.31 7.58
N SER A 62 1.14 -7.65 8.43
CA SER A 62 0.89 -7.59 9.83
C SER A 62 1.69 -6.45 10.49
N LEU A 63 2.64 -5.92 9.74
CA LEU A 63 3.48 -4.85 10.23
C LEU A 63 2.72 -3.55 10.38
N ALA A 64 3.33 -2.58 10.98
CA ALA A 64 2.64 -1.37 11.28
C ALA A 64 2.67 -0.39 10.13
N ALA A 65 1.92 0.68 10.27
CA ALA A 65 1.78 1.70 9.24
C ALA A 65 3.11 2.31 8.87
N SER A 66 3.87 2.67 9.87
CA SER A 66 5.15 3.30 9.65
C SER A 66 6.19 2.27 9.17
N GLU A 67 5.83 0.99 9.24
CA GLU A 67 6.69 -0.05 8.76
C GLU A 67 6.47 -0.18 7.28
N ILE A 68 5.18 -0.12 6.87
CA ILE A 68 4.83 -0.19 5.44
C ILE A 68 5.52 0.94 4.72
N GLU A 69 5.51 2.12 5.33
CA GLU A 69 6.17 3.27 4.78
C GLU A 69 7.63 2.97 4.49
N ASP A 70 8.35 2.53 5.51
CA ASP A 70 9.80 2.28 5.39
C ASP A 70 10.10 1.24 4.33
N LEU A 71 9.24 0.21 4.25
CA LEU A 71 9.32 -0.80 3.22
C LEU A 71 9.30 -0.16 1.84
N ILE A 72 8.34 0.72 1.63
CA ILE A 72 8.17 1.40 0.38
C ILE A 72 9.30 2.41 0.15
N ARG A 73 9.74 3.05 1.24
CA ARG A 73 10.74 4.10 1.16
C ARG A 73 12.06 3.59 0.61
N LEU A 74 12.41 2.36 0.96
CA LEU A 74 13.66 1.80 0.51
C LEU A 74 13.48 1.11 -0.86
N LYS A 75 12.24 0.99 -1.32
CA LYS A 75 11.97 0.45 -2.65
C LYS A 75 12.00 1.58 -3.66
N CYS A 76 12.08 2.78 -3.13
CA CYS A 76 12.21 3.99 -3.93
C CYS A 76 13.64 4.07 -4.49
N LEU A 77 14.50 3.20 -3.99
CA LEU A 77 15.87 3.09 -4.47
C LEU A 77 15.90 2.42 -5.83
N ASP A 78 14.79 1.79 -6.19
CA ASP A 78 14.66 1.14 -7.49
C ASP A 78 14.40 2.18 -8.53
N LEU A 79 13.45 3.03 -8.20
CA LEU A 79 13.00 4.06 -9.12
C LEU A 79 14.02 5.20 -9.19
N PRO A 80 14.02 5.99 -10.29
CA PRO A 80 14.91 7.13 -10.44
C PRO A 80 14.73 8.18 -9.32
N ASP A 81 13.61 8.91 -9.31
CA ASP A 81 13.33 9.90 -8.26
C ASP A 81 11.88 10.39 -8.34
N ILE A 82 11.25 10.51 -7.18
CA ILE A 82 9.89 11.00 -7.05
C ILE A 82 9.61 11.38 -5.60
N ASP A 83 9.25 12.62 -5.39
CA ASP A 83 8.76 13.02 -4.08
C ASP A 83 7.33 12.62 -3.94
N PHE A 84 7.11 11.53 -3.28
CA PHE A 84 5.78 11.06 -3.06
C PHE A 84 5.52 11.07 -1.59
N ASP A 85 4.29 11.22 -1.25
CA ASP A 85 3.86 11.16 0.11
C ASP A 85 2.80 10.12 0.20
N LEU A 86 2.96 9.18 1.05
CA LEU A 86 1.98 8.16 1.19
C LEU A 86 1.34 8.27 2.54
N ASN A 87 0.17 7.80 2.64
CA ASN A 87 -0.52 7.75 3.86
C ASN A 87 -1.04 6.34 4.08
N ILE A 88 -0.51 5.68 5.05
CA ILE A 88 -0.95 4.35 5.40
C ILE A 88 -2.13 4.45 6.34
N MET A 89 -3.14 3.66 6.08
CA MET A 89 -4.29 3.58 6.90
C MET A 89 -4.78 2.15 6.81
N THR A 90 -5.47 1.69 7.77
CA THR A 90 -6.09 0.42 7.70
C THR A 90 -7.26 0.44 6.69
N VAL A 91 -7.53 -0.68 6.04
CA VAL A 91 -8.64 -0.85 5.07
C VAL A 91 -9.96 -0.40 5.70
N ASP A 92 -10.13 -0.77 6.96
CA ASP A 92 -11.30 -0.44 7.78
C ASP A 92 -11.42 1.08 7.93
N ASP A 93 -10.28 1.71 7.95
CA ASP A 93 -10.19 3.15 8.12
C ASP A 93 -10.17 3.88 6.78
N TYR A 94 -10.14 3.09 5.71
CA TYR A 94 -10.17 3.62 4.37
C TYR A 94 -11.59 3.66 3.84
N PHE A 95 -12.23 2.51 3.83
CA PHE A 95 -13.59 2.38 3.28
C PHE A 95 -14.62 3.20 4.04
N ARG A 96 -14.29 3.56 5.24
CA ARG A 96 -15.14 4.43 6.03
C ARG A 96 -15.27 5.83 5.41
N GLN A 97 -14.37 6.14 4.49
CA GLN A 97 -14.41 7.41 3.78
C GLN A 97 -15.13 7.19 2.47
N PHE A 98 -14.74 6.14 1.76
CA PHE A 98 -15.22 5.86 0.44
C PHE A 98 -16.24 4.76 0.47
N TYR A 99 -17.47 5.14 0.42
CA TYR A 99 -18.55 4.20 0.39
C TYR A 99 -18.95 3.91 -1.04
N LYS A 100 -20.09 3.27 -1.20
CA LYS A 100 -20.63 2.94 -2.49
C LYS A 100 -20.85 4.21 -3.31
N GLY A 1 15.68 -17.71 20.17
CA GLY A 1 14.66 -16.75 20.53
C GLY A 1 14.15 -16.07 19.30
N HIS A 2 12.95 -15.49 19.40
CA HIS A 2 12.27 -14.83 18.26
C HIS A 2 11.78 -15.86 17.26
N MET A 3 10.55 -16.18 17.38
CA MET A 3 9.89 -17.04 16.44
C MET A 3 8.95 -16.17 15.66
N GLU A 4 9.22 -16.01 14.40
CA GLU A 4 8.40 -15.21 13.60
C GLU A 4 7.34 -16.09 12.98
N GLY A 5 6.23 -16.14 13.62
CA GLY A 5 5.15 -16.90 13.14
C GLY A 5 3.89 -16.16 13.31
N LYS A 6 3.25 -15.93 12.23
CA LYS A 6 2.07 -15.18 12.21
C LYS A 6 1.24 -15.59 11.03
N ASN A 7 0.04 -15.97 11.29
CA ASN A 7 -0.86 -16.39 10.27
C ASN A 7 -1.92 -15.34 10.11
N LYS A 8 -1.76 -14.27 10.87
CA LYS A 8 -2.67 -13.18 10.82
C LYS A 8 -2.15 -12.13 9.84
N PHE A 9 -2.55 -12.26 8.63
CA PHE A 9 -2.26 -11.28 7.63
C PHE A 9 -3.31 -10.22 7.71
N ASN A 10 -2.87 -9.01 7.82
CA ASN A 10 -3.76 -7.91 8.04
C ASN A 10 -3.99 -7.24 6.73
N THR A 11 -4.66 -6.14 6.71
CA THR A 11 -4.87 -5.51 5.48
C THR A 11 -4.83 -3.99 5.62
N TYR A 12 -4.00 -3.39 4.81
CA TYR A 12 -3.79 -1.97 4.85
C TYR A 12 -3.99 -1.37 3.51
N VAL A 13 -4.17 -0.09 3.52
CA VAL A 13 -4.32 0.73 2.35
C VAL A 13 -3.30 1.85 2.40
N VAL A 14 -2.73 2.15 1.29
CA VAL A 14 -1.78 3.20 1.21
C VAL A 14 -2.22 4.24 0.23
N SER A 15 -2.27 5.43 0.68
CA SER A 15 -2.65 6.53 -0.11
C SER A 15 -1.40 7.31 -0.48
N PHE A 16 -0.99 7.23 -1.72
CA PHE A 16 0.20 7.92 -2.17
C PHE A 16 -0.12 9.31 -2.65
N ASP A 17 0.77 10.23 -2.37
CA ASP A 17 0.63 11.59 -2.81
C ASP A 17 1.96 12.04 -3.23
N TYR A 18 2.01 12.74 -4.30
CA TYR A 18 3.24 13.17 -4.88
C TYR A 18 2.97 14.19 -5.97
N PRO A 19 3.84 15.19 -6.13
CA PRO A 19 3.70 16.17 -7.20
C PRO A 19 3.93 15.56 -8.59
N SER A 20 3.37 16.19 -9.60
CA SER A 20 3.41 15.73 -10.99
C SER A 20 4.83 15.66 -11.56
N SER A 21 5.76 16.34 -10.90
CA SER A 21 7.16 16.31 -11.29
C SER A 21 7.72 14.88 -11.19
N TYR A 22 7.08 14.04 -10.37
CA TYR A 22 7.57 12.69 -10.19
C TYR A 22 6.62 11.66 -10.73
N SER A 23 5.71 12.06 -11.57
CA SER A 23 4.75 11.13 -12.16
C SER A 23 5.49 10.05 -12.96
N SER A 24 6.46 10.46 -13.75
CA SER A 24 7.24 9.54 -14.55
C SER A 24 8.19 8.70 -13.68
N VAL A 25 8.45 9.17 -12.49
CA VAL A 25 9.37 8.53 -11.58
C VAL A 25 8.65 7.46 -10.79
N PHE A 26 7.45 7.77 -10.44
CA PHE A 26 6.65 6.94 -9.61
C PHE A 26 6.23 5.66 -10.34
N LEU A 27 6.33 5.68 -11.65
CA LEU A 27 5.95 4.54 -12.46
C LEU A 27 6.90 3.37 -12.17
N ARG A 28 8.02 3.67 -11.56
CA ARG A 28 8.97 2.67 -11.16
C ARG A 28 8.50 2.08 -9.84
N LEU A 29 8.09 2.99 -8.95
CA LEU A 29 7.65 2.66 -7.60
C LEU A 29 6.37 1.81 -7.65
N ARG A 30 5.55 2.02 -8.67
CA ARG A 30 4.29 1.28 -8.82
C ARG A 30 4.59 -0.19 -9.09
N SER A 31 5.64 -0.41 -9.81
CA SER A 31 6.10 -1.74 -10.13
C SER A 31 6.62 -2.43 -8.88
N LEU A 32 7.18 -1.64 -7.97
CA LEU A 32 7.73 -2.15 -6.71
C LEU A 32 6.62 -2.64 -5.80
N MET A 33 5.49 -1.98 -5.89
CA MET A 33 4.33 -2.31 -5.09
C MET A 33 3.91 -3.76 -5.34
N TYR A 34 3.69 -4.07 -6.60
CA TYR A 34 3.21 -5.38 -7.02
C TYR A 34 4.32 -6.40 -6.99
N ASP A 35 5.54 -5.91 -6.99
CA ASP A 35 6.74 -6.73 -6.80
C ASP A 35 6.72 -7.31 -5.39
N MET A 36 6.23 -6.50 -4.47
CA MET A 36 6.10 -6.89 -3.08
C MET A 36 4.73 -7.54 -2.80
N ASN A 37 3.94 -6.94 -1.93
CA ASN A 37 2.66 -7.53 -1.53
C ASN A 37 1.45 -6.65 -1.81
N PHE A 38 1.68 -5.50 -2.38
CA PHE A 38 0.58 -4.58 -2.68
C PHE A 38 -0.29 -5.09 -3.82
N SER A 39 -1.54 -4.68 -3.83
CA SER A 39 -2.51 -5.11 -4.82
C SER A 39 -3.30 -3.91 -5.38
N SER A 40 -4.05 -4.18 -6.44
CA SER A 40 -4.87 -3.18 -7.10
C SER A 40 -6.31 -3.28 -6.63
N ILE A 41 -6.67 -4.44 -6.14
CA ILE A 41 -8.01 -4.72 -5.68
C ILE A 41 -7.95 -5.21 -4.26
N VAL A 42 -8.92 -4.84 -3.49
CA VAL A 42 -9.06 -5.30 -2.15
C VAL A 42 -10.55 -5.47 -1.89
N ALA A 43 -10.90 -6.49 -1.16
CA ALA A 43 -12.25 -6.69 -0.77
C ALA A 43 -12.71 -5.61 0.21
N ASP A 44 -13.90 -5.13 0.00
CA ASP A 44 -14.53 -4.13 0.86
C ASP A 44 -15.07 -4.88 2.10
N GLU A 45 -15.84 -4.21 2.93
CA GLU A 45 -16.36 -4.81 4.17
C GLU A 45 -17.41 -5.86 3.81
N TYR A 46 -18.00 -5.66 2.64
CA TYR A 46 -19.03 -6.53 2.13
C TYR A 46 -18.39 -7.70 1.40
N GLY A 47 -17.10 -7.62 1.19
CA GLY A 47 -16.40 -8.64 0.47
C GLY A 47 -16.40 -8.39 -1.02
N ILE A 48 -16.67 -7.16 -1.40
CA ILE A 48 -16.70 -6.80 -2.81
C ILE A 48 -15.33 -6.30 -3.21
N PRO A 49 -14.75 -6.87 -4.25
CA PRO A 49 -13.42 -6.48 -4.72
C PRO A 49 -13.44 -5.09 -5.34
N ARG A 50 -12.93 -4.15 -4.61
CA ARG A 50 -12.85 -2.77 -5.01
C ARG A 50 -11.45 -2.42 -5.55
N GLN A 51 -11.40 -1.63 -6.62
CA GLN A 51 -10.14 -1.12 -7.20
C GLN A 51 -9.57 0.01 -6.35
N LEU A 52 -8.31 0.29 -6.55
CA LEU A 52 -7.58 1.25 -5.70
C LEU A 52 -6.78 2.27 -6.50
N ASN A 53 -6.42 1.91 -7.72
CA ASN A 53 -5.36 2.57 -8.59
C ASN A 53 -5.64 3.99 -9.02
N GLU A 54 -6.58 4.58 -8.37
CA GLU A 54 -6.95 5.94 -8.56
C GLU A 54 -5.90 6.79 -7.85
N ASN A 55 -5.54 6.35 -6.65
CA ASN A 55 -4.55 7.04 -5.83
C ASN A 55 -4.00 6.11 -4.73
N SER A 56 -4.84 5.24 -4.22
CA SER A 56 -4.45 4.37 -3.15
C SER A 56 -4.18 2.96 -3.64
N PHE A 57 -3.66 2.15 -2.79
CA PHE A 57 -3.39 0.76 -3.07
C PHE A 57 -3.57 0.01 -1.77
N ALA A 58 -3.54 -1.28 -1.79
CA ALA A 58 -3.73 -2.05 -0.57
C ALA A 58 -2.71 -3.13 -0.47
N ILE A 59 -2.59 -3.68 0.69
CA ILE A 59 -1.65 -4.72 0.94
C ILE A 59 -2.20 -5.63 2.05
N THR A 60 -1.84 -6.90 2.00
CA THR A 60 -2.31 -7.86 2.97
C THR A 60 -1.14 -8.22 3.93
N THR A 61 -0.34 -7.23 4.26
CA THR A 61 0.84 -7.43 5.07
C THR A 61 0.46 -7.53 6.57
N SER A 62 1.39 -7.93 7.38
CA SER A 62 1.17 -8.11 8.77
C SER A 62 2.07 -7.20 9.63
N LEU A 63 2.81 -6.33 8.98
CA LEU A 63 3.67 -5.37 9.66
C LEU A 63 2.92 -4.10 10.00
N ALA A 64 3.62 -3.11 10.44
CA ALA A 64 2.96 -1.91 10.90
C ALA A 64 2.98 -0.82 9.85
N ALA A 65 2.21 0.23 10.10
CA ALA A 65 2.07 1.36 9.20
C ALA A 65 3.41 1.99 8.85
N SER A 66 4.20 2.27 9.87
CA SER A 66 5.49 2.90 9.68
C SER A 66 6.47 1.93 8.99
N GLU A 67 6.11 0.64 9.03
CA GLU A 67 6.94 -0.38 8.46
C GLU A 67 6.64 -0.48 7.00
N ILE A 68 5.34 -0.36 6.64
CA ILE A 68 4.95 -0.34 5.23
C ILE A 68 5.67 0.81 4.55
N GLU A 69 5.63 1.96 5.19
CA GLU A 69 6.31 3.14 4.70
C GLU A 69 7.79 2.85 4.48
N ASP A 70 8.45 2.36 5.50
CA ASP A 70 9.87 1.98 5.47
C ASP A 70 10.17 0.99 4.35
N LEU A 71 9.29 0.03 4.22
CA LEU A 71 9.36 -1.05 3.25
C LEU A 71 9.38 -0.47 1.83
N ILE A 72 8.56 0.53 1.61
CA ILE A 72 8.45 1.19 0.32
C ILE A 72 9.57 2.17 0.11
N ARG A 73 9.84 2.97 1.12
CA ARG A 73 10.78 4.06 0.97
C ARG A 73 12.22 3.57 0.86
N LEU A 74 12.51 2.35 1.29
CA LEU A 74 13.85 1.81 1.11
C LEU A 74 13.97 1.20 -0.31
N LYS A 75 12.82 0.97 -0.94
CA LYS A 75 12.77 0.45 -2.31
C LYS A 75 12.87 1.59 -3.30
N CYS A 76 13.01 2.78 -2.76
CA CYS A 76 13.17 3.99 -3.53
C CYS A 76 14.57 4.02 -4.14
N LEU A 77 15.43 3.11 -3.69
CA LEU A 77 16.77 2.96 -4.25
C LEU A 77 16.69 2.43 -5.67
N ASP A 78 15.58 1.79 -6.00
CA ASP A 78 15.37 1.23 -7.34
C ASP A 78 15.16 2.35 -8.31
N LEU A 79 14.29 3.23 -7.92
CA LEU A 79 13.92 4.37 -8.72
C LEU A 79 14.97 5.50 -8.56
N PRO A 80 14.99 6.50 -9.47
CA PRO A 80 15.91 7.63 -9.36
C PRO A 80 15.74 8.41 -8.03
N ASP A 81 14.67 9.18 -7.91
CA ASP A 81 14.36 9.95 -6.68
C ASP A 81 12.98 10.54 -6.78
N ILE A 82 12.26 10.55 -5.67
CA ILE A 82 10.92 11.06 -5.63
C ILE A 82 10.56 11.53 -4.24
N ASP A 83 10.15 12.76 -4.17
CA ASP A 83 9.59 13.31 -2.96
C ASP A 83 8.11 12.97 -2.94
N PHE A 84 7.78 11.98 -2.18
CA PHE A 84 6.41 11.56 -2.03
C PHE A 84 6.12 11.37 -0.58
N ASP A 85 4.88 11.38 -0.23
CA ASP A 85 4.47 11.14 1.11
C ASP A 85 3.25 10.27 1.07
N LEU A 86 3.32 9.15 1.73
CA LEU A 86 2.25 8.21 1.69
C LEU A 86 1.56 8.17 3.03
N ASN A 87 0.30 7.94 2.99
CA ASN A 87 -0.48 7.80 4.16
C ASN A 87 -0.99 6.38 4.26
N ILE A 88 -0.44 5.63 5.17
CA ILE A 88 -0.89 4.29 5.44
C ILE A 88 -2.11 4.35 6.36
N MET A 89 -3.07 3.55 6.04
CA MET A 89 -4.26 3.42 6.82
C MET A 89 -4.69 1.98 6.66
N THR A 90 -5.54 1.50 7.50
CA THR A 90 -6.10 0.20 7.29
C THR A 90 -7.14 0.27 6.19
N VAL A 91 -7.41 -0.85 5.57
CA VAL A 91 -8.46 -0.93 4.56
C VAL A 91 -9.80 -0.49 5.16
N ASP A 92 -9.99 -0.88 6.42
CA ASP A 92 -11.14 -0.52 7.22
C ASP A 92 -11.29 0.98 7.27
N ASP A 93 -10.15 1.65 7.47
CA ASP A 93 -10.12 3.12 7.60
C ASP A 93 -10.18 3.80 6.27
N TYR A 94 -10.04 3.04 5.25
CA TYR A 94 -10.08 3.59 3.95
C TYR A 94 -11.49 3.67 3.42
N PHE A 95 -12.14 2.53 3.36
CA PHE A 95 -13.49 2.45 2.83
C PHE A 95 -14.51 3.23 3.66
N ARG A 96 -14.17 3.48 4.90
CA ARG A 96 -14.99 4.30 5.78
C ARG A 96 -15.03 5.76 5.34
N GLN A 97 -14.17 6.13 4.41
CA GLN A 97 -14.16 7.47 3.86
C GLN A 97 -14.91 7.45 2.55
N PHE A 98 -14.62 6.46 1.75
CA PHE A 98 -15.22 6.32 0.43
C PHE A 98 -16.21 5.21 0.49
N TYR A 99 -17.43 5.55 0.76
CA TYR A 99 -18.48 4.58 0.98
C TYR A 99 -18.89 3.86 -0.28
N LYS A 100 -19.67 2.85 -0.09
CA LYS A 100 -20.18 2.05 -1.14
C LYS A 100 -21.36 2.77 -1.76
N GLY A 1 9.75 -22.94 23.32
CA GLY A 1 8.68 -23.06 22.35
C GLY A 1 8.62 -21.86 21.45
N HIS A 2 7.63 -21.85 20.56
CA HIS A 2 7.38 -20.76 19.61
C HIS A 2 8.33 -20.66 18.45
N MET A 3 7.78 -20.18 17.38
CA MET A 3 8.43 -19.90 16.13
C MET A 3 7.36 -19.27 15.28
N GLU A 4 7.25 -17.97 15.33
CA GLU A 4 6.21 -17.31 14.66
C GLU A 4 6.55 -17.09 13.21
N GLY A 5 5.77 -17.69 12.36
CA GLY A 5 5.89 -17.38 10.99
C GLY A 5 5.10 -16.14 10.74
N LYS A 6 3.80 -16.31 10.64
CA LYS A 6 2.85 -15.23 10.49
C LYS A 6 1.51 -15.84 10.25
N ASN A 7 0.61 -15.68 11.17
CA ASN A 7 -0.71 -16.24 11.03
C ASN A 7 -1.69 -15.14 10.80
N LYS A 8 -1.36 -13.97 11.27
CA LYS A 8 -2.22 -12.85 11.15
C LYS A 8 -1.75 -11.97 10.02
N PHE A 9 -2.37 -12.11 8.90
CA PHE A 9 -2.11 -11.22 7.81
C PHE A 9 -3.13 -10.16 7.84
N ASN A 10 -2.70 -8.95 8.01
CA ASN A 10 -3.61 -7.85 8.10
C ASN A 10 -3.76 -7.25 6.75
N THR A 11 -4.51 -6.21 6.64
CA THR A 11 -4.68 -5.60 5.39
C THR A 11 -4.65 -4.07 5.54
N TYR A 12 -3.82 -3.44 4.75
CA TYR A 12 -3.62 -2.01 4.79
C TYR A 12 -3.89 -1.40 3.46
N VAL A 13 -4.02 -0.11 3.45
CA VAL A 13 -4.24 0.71 2.29
C VAL A 13 -3.27 1.88 2.31
N VAL A 14 -2.73 2.20 1.19
CA VAL A 14 -1.84 3.30 1.07
C VAL A 14 -2.39 4.31 0.09
N SER A 15 -2.37 5.52 0.47
CA SER A 15 -2.85 6.60 -0.33
C SER A 15 -1.67 7.44 -0.79
N PHE A 16 -1.37 7.37 -2.07
CA PHE A 16 -0.25 8.13 -2.63
C PHE A 16 -0.66 9.48 -3.16
N ASP A 17 0.17 10.45 -2.92
CA ASP A 17 0.03 11.80 -3.42
C ASP A 17 1.30 12.19 -4.11
N TYR A 18 1.18 12.59 -5.35
CA TYR A 18 2.30 13.01 -6.15
C TYR A 18 1.79 13.89 -7.29
N PRO A 19 2.53 14.94 -7.64
CA PRO A 19 2.21 15.74 -8.81
C PRO A 19 2.35 14.90 -10.08
N SER A 20 1.61 15.28 -11.11
CA SER A 20 1.53 14.50 -12.35
C SER A 20 2.84 14.57 -13.17
N SER A 21 3.80 15.32 -12.69
CA SER A 21 5.09 15.43 -13.33
C SER A 21 5.96 14.20 -13.01
N TYR A 22 5.54 13.39 -12.04
CA TYR A 22 6.31 12.21 -11.69
C TYR A 22 5.61 10.93 -12.08
N SER A 23 4.62 11.03 -12.93
CA SER A 23 3.84 9.89 -13.33
C SER A 23 4.72 8.86 -14.06
N SER A 24 5.56 9.35 -14.95
CA SER A 24 6.43 8.52 -15.77
C SER A 24 7.50 7.81 -14.92
N VAL A 25 7.71 8.36 -13.75
CA VAL A 25 8.67 7.86 -12.79
C VAL A 25 8.00 6.87 -11.87
N PHE A 26 6.78 7.16 -11.54
CA PHE A 26 6.03 6.40 -10.61
C PHE A 26 5.64 5.06 -11.19
N LEU A 27 5.69 4.94 -12.48
CA LEU A 27 5.35 3.69 -13.14
C LEU A 27 6.34 2.60 -12.70
N ARG A 28 7.49 3.03 -12.26
CA ARG A 28 8.48 2.11 -11.78
C ARG A 28 8.06 1.66 -10.39
N LEU A 29 7.68 2.66 -9.59
CA LEU A 29 7.23 2.44 -8.22
C LEU A 29 5.98 1.56 -8.19
N ARG A 30 5.11 1.69 -9.20
CA ARG A 30 3.88 0.90 -9.24
C ARG A 30 4.23 -0.56 -9.43
N SER A 31 5.19 -0.79 -10.28
CA SER A 31 5.68 -2.11 -10.55
C SER A 31 6.38 -2.69 -9.32
N LEU A 32 6.96 -1.80 -8.51
CA LEU A 32 7.59 -2.20 -7.26
C LEU A 32 6.55 -2.63 -6.24
N MET A 33 5.44 -1.93 -6.21
CA MET A 33 4.34 -2.25 -5.33
C MET A 33 3.76 -3.60 -5.63
N TYR A 34 3.48 -3.86 -6.89
CA TYR A 34 2.93 -5.16 -7.31
C TYR A 34 3.99 -6.25 -7.27
N ASP A 35 5.24 -5.83 -7.25
CA ASP A 35 6.39 -6.74 -7.06
C ASP A 35 6.37 -7.21 -5.63
N MET A 36 5.91 -6.33 -4.77
CA MET A 36 5.69 -6.59 -3.39
C MET A 36 4.24 -7.08 -3.22
N ASN A 37 3.69 -6.96 -2.04
CA ASN A 37 2.36 -7.53 -1.77
C ASN A 37 1.20 -6.60 -2.06
N PHE A 38 1.50 -5.41 -2.54
CA PHE A 38 0.45 -4.44 -2.85
C PHE A 38 -0.45 -4.92 -3.99
N SER A 39 -1.69 -4.55 -3.92
CA SER A 39 -2.68 -4.94 -4.90
C SER A 39 -3.51 -3.74 -5.34
N SER A 40 -4.20 -3.90 -6.45
CA SER A 40 -5.09 -2.90 -7.01
C SER A 40 -6.50 -3.09 -6.50
N ILE A 41 -6.75 -4.27 -5.97
CA ILE A 41 -8.04 -4.66 -5.47
C ILE A 41 -7.89 -5.14 -4.03
N VAL A 42 -8.88 -4.87 -3.25
CA VAL A 42 -8.98 -5.36 -1.91
C VAL A 42 -10.45 -5.51 -1.62
N ALA A 43 -10.80 -6.47 -0.85
CA ALA A 43 -12.15 -6.66 -0.47
C ALA A 43 -12.62 -5.53 0.45
N ASP A 44 -13.85 -5.13 0.24
CA ASP A 44 -14.53 -4.09 1.01
C ASP A 44 -14.98 -4.72 2.32
N GLU A 45 -15.83 -4.08 3.05
CA GLU A 45 -16.26 -4.59 4.33
C GLU A 45 -17.22 -5.75 4.11
N TYR A 46 -17.82 -5.77 2.92
CA TYR A 46 -18.76 -6.79 2.55
C TYR A 46 -18.04 -7.97 1.91
N GLY A 47 -16.74 -7.81 1.68
CA GLY A 47 -15.99 -8.86 1.03
C GLY A 47 -15.94 -8.69 -0.48
N ILE A 48 -16.42 -7.56 -0.98
CA ILE A 48 -16.47 -7.30 -2.40
C ILE A 48 -15.16 -6.69 -2.85
N PRO A 49 -14.54 -7.21 -3.90
CA PRO A 49 -13.26 -6.72 -4.42
C PRO A 49 -13.38 -5.30 -5.00
N ARG A 50 -12.98 -4.34 -4.24
CA ARG A 50 -13.00 -2.96 -4.62
C ARG A 50 -11.67 -2.57 -5.28
N GLN A 51 -11.72 -1.62 -6.19
CA GLN A 51 -10.52 -1.11 -6.82
C GLN A 51 -9.95 0.03 -6.01
N LEU A 52 -8.70 0.28 -6.21
CA LEU A 52 -7.96 1.23 -5.40
C LEU A 52 -7.28 2.29 -6.23
N ASN A 53 -7.03 1.98 -7.50
CA ASN A 53 -6.13 2.74 -8.47
C ASN A 53 -6.56 4.15 -8.81
N GLU A 54 -7.24 4.72 -7.92
CA GLU A 54 -7.65 6.08 -8.00
C GLU A 54 -6.51 6.91 -7.41
N ASN A 55 -5.83 6.30 -6.43
CA ASN A 55 -4.70 6.90 -5.70
C ASN A 55 -4.22 5.91 -4.63
N SER A 56 -5.15 5.11 -4.13
CA SER A 56 -4.88 4.19 -3.09
C SER A 56 -4.49 2.84 -3.65
N PHE A 57 -3.91 2.04 -2.81
CA PHE A 57 -3.56 0.68 -3.12
C PHE A 57 -3.63 -0.07 -1.80
N ALA A 58 -3.62 -1.38 -1.82
CA ALA A 58 -3.74 -2.14 -0.58
C ALA A 58 -2.69 -3.18 -0.50
N ILE A 59 -2.50 -3.72 0.68
CA ILE A 59 -1.53 -4.74 0.89
C ILE A 59 -1.93 -5.63 2.06
N THR A 60 -1.61 -6.89 1.99
CA THR A 60 -1.88 -7.77 3.05
C THR A 60 -0.54 -8.08 3.73
N THR A 61 -0.31 -7.38 4.78
CA THR A 61 0.90 -7.49 5.52
C THR A 61 0.56 -7.38 7.00
N SER A 62 1.51 -7.56 7.85
CA SER A 62 1.25 -7.48 9.25
C SER A 62 2.27 -6.56 9.94
N LEU A 63 3.08 -5.91 9.14
CA LEU A 63 4.03 -4.95 9.66
C LEU A 63 3.34 -3.64 9.94
N ALA A 64 4.05 -2.72 10.51
CA ALA A 64 3.43 -1.49 10.90
C ALA A 64 3.37 -0.51 9.76
N ALA A 65 2.58 0.52 9.94
CA ALA A 65 2.35 1.53 8.91
C ALA A 65 3.63 2.18 8.46
N SER A 66 4.46 2.54 9.38
CA SER A 66 5.70 3.18 9.04
C SER A 66 6.75 2.19 8.57
N GLU A 67 6.41 0.92 8.63
CA GLU A 67 7.26 -0.10 8.09
C GLU A 67 6.91 -0.23 6.63
N ILE A 68 5.60 -0.16 6.32
CA ILE A 68 5.16 -0.17 4.91
C ILE A 68 5.80 0.99 4.21
N GLU A 69 5.75 2.16 4.87
CA GLU A 69 6.38 3.36 4.34
C GLU A 69 7.82 3.08 4.05
N ASP A 70 8.52 2.58 5.05
CA ASP A 70 9.95 2.27 4.94
C ASP A 70 10.25 1.31 3.81
N LEU A 71 9.40 0.31 3.65
CA LEU A 71 9.50 -0.64 2.56
C LEU A 71 9.41 0.08 1.22
N ILE A 72 8.43 0.93 1.09
CA ILE A 72 8.21 1.64 -0.15
C ILE A 72 9.36 2.62 -0.40
N ARG A 73 9.77 3.31 0.65
CA ARG A 73 10.81 4.30 0.56
C ARG A 73 12.18 3.65 0.29
N LEU A 74 12.36 2.37 0.66
CA LEU A 74 13.62 1.71 0.38
C LEU A 74 13.58 1.06 -1.01
N LYS A 75 12.37 0.84 -1.53
CA LYS A 75 12.21 0.36 -2.89
C LYS A 75 12.23 1.53 -3.85
N CYS A 76 12.18 2.72 -3.28
CA CYS A 76 12.27 3.96 -4.03
C CYS A 76 13.74 4.17 -4.43
N LEU A 77 14.61 3.40 -3.82
CA LEU A 77 16.01 3.43 -4.14
C LEU A 77 16.25 2.69 -5.47
N ASP A 78 15.26 1.90 -5.86
CA ASP A 78 15.33 1.11 -7.10
C ASP A 78 14.97 2.00 -8.25
N LEU A 79 13.93 2.78 -8.05
CA LEU A 79 13.48 3.72 -9.05
C LEU A 79 14.43 4.93 -9.08
N PRO A 80 14.42 5.74 -10.17
CA PRO A 80 15.28 6.92 -10.28
C PRO A 80 15.08 7.93 -9.12
N ASP A 81 13.99 8.70 -9.15
CA ASP A 81 13.70 9.68 -8.09
C ASP A 81 12.32 10.29 -8.24
N ILE A 82 11.54 10.24 -7.18
CA ILE A 82 10.21 10.80 -7.12
C ILE A 82 9.90 11.24 -5.72
N ASP A 83 9.66 12.50 -5.57
CA ASP A 83 9.18 13.01 -4.32
C ASP A 83 7.69 12.82 -4.25
N PHE A 84 7.30 11.81 -3.53
CA PHE A 84 5.91 11.49 -3.35
C PHE A 84 5.60 11.56 -1.87
N ASP A 85 4.35 11.45 -1.54
CA ASP A 85 3.91 11.38 -0.17
C ASP A 85 2.89 10.29 -0.08
N LEU A 86 2.98 9.45 0.89
CA LEU A 86 2.01 8.41 1.03
C LEU A 86 1.42 8.45 2.40
N ASN A 87 0.22 8.01 2.51
CA ASN A 87 -0.40 7.85 3.78
C ASN A 87 -0.85 6.42 3.92
N ILE A 88 -0.25 5.71 4.83
CA ILE A 88 -0.66 4.37 5.14
C ILE A 88 -1.86 4.43 6.07
N MET A 89 -2.79 3.56 5.85
CA MET A 89 -3.93 3.42 6.69
C MET A 89 -4.36 1.97 6.61
N THR A 90 -5.07 1.52 7.56
CA THR A 90 -5.68 0.23 7.50
C THR A 90 -6.86 0.26 6.54
N VAL A 91 -7.09 -0.84 5.81
CA VAL A 91 -8.25 -0.98 4.89
C VAL A 91 -9.56 -0.64 5.62
N ASP A 92 -9.62 -1.06 6.87
CA ASP A 92 -10.75 -0.85 7.77
C ASP A 92 -10.97 0.64 7.96
N ASP A 93 -9.88 1.37 7.94
CA ASP A 93 -9.87 2.82 8.11
C ASP A 93 -10.01 3.52 6.80
N TYR A 94 -9.88 2.79 5.75
CA TYR A 94 -9.99 3.34 4.46
C TYR A 94 -11.42 3.38 3.99
N PHE A 95 -12.05 2.23 3.91
CA PHE A 95 -13.43 2.14 3.43
C PHE A 95 -14.42 2.89 4.31
N ARG A 96 -14.04 3.11 5.53
CA ARG A 96 -14.85 3.91 6.45
C ARG A 96 -14.87 5.40 6.10
N GLN A 97 -14.05 5.81 5.15
CA GLN A 97 -14.06 7.20 4.71
C GLN A 97 -14.89 7.29 3.45
N PHE A 98 -14.71 6.34 2.58
CA PHE A 98 -15.37 6.31 1.31
C PHE A 98 -16.48 5.31 1.37
N TYR A 99 -17.63 5.77 1.71
CA TYR A 99 -18.79 4.94 1.87
C TYR A 99 -19.39 4.56 0.53
N LYS A 100 -20.50 3.90 0.60
CA LYS A 100 -21.19 3.47 -0.55
C LYS A 100 -21.82 4.67 -1.22
N GLY A 1 12.98 -24.36 19.57
CA GLY A 1 12.43 -23.02 19.49
C GLY A 1 11.03 -23.06 18.98
N HIS A 2 10.66 -22.05 18.24
CA HIS A 2 9.35 -21.99 17.64
C HIS A 2 9.39 -21.02 16.49
N MET A 3 9.34 -21.55 15.31
CA MET A 3 9.27 -20.74 14.13
C MET A 3 7.84 -20.26 14.04
N GLU A 4 7.62 -19.09 14.55
CA GLU A 4 6.34 -18.54 14.63
C GLU A 4 6.02 -17.82 13.37
N GLY A 5 5.00 -18.24 12.72
CA GLY A 5 4.55 -17.58 11.54
C GLY A 5 3.37 -16.73 11.87
N LYS A 6 2.59 -16.41 10.90
CA LYS A 6 1.43 -15.63 11.10
C LYS A 6 0.28 -16.18 10.34
N ASN A 7 -0.78 -16.36 11.05
CA ASN A 7 -2.02 -16.84 10.48
C ASN A 7 -2.91 -15.64 10.22
N LYS A 8 -2.45 -14.52 10.68
CA LYS A 8 -3.11 -13.28 10.52
C LYS A 8 -2.32 -12.36 9.62
N PHE A 9 -2.53 -12.52 8.36
CA PHE A 9 -2.08 -11.57 7.41
C PHE A 9 -3.13 -10.54 7.36
N ASN A 10 -2.73 -9.35 7.59
CA ASN A 10 -3.64 -8.27 7.75
C ASN A 10 -3.90 -7.66 6.42
N THR A 11 -4.59 -6.59 6.39
CA THR A 11 -4.85 -5.98 5.17
C THR A 11 -4.81 -4.46 5.35
N TYR A 12 -3.88 -3.87 4.70
CA TYR A 12 -3.62 -2.47 4.81
C TYR A 12 -3.85 -1.81 3.50
N VAL A 13 -3.97 -0.53 3.57
CA VAL A 13 -4.14 0.32 2.45
C VAL A 13 -3.11 1.44 2.51
N VAL A 14 -2.50 1.69 1.41
CA VAL A 14 -1.55 2.73 1.32
C VAL A 14 -2.08 3.78 0.39
N SER A 15 -2.03 4.96 0.82
CA SER A 15 -2.48 6.06 0.06
C SER A 15 -1.29 6.91 -0.32
N PHE A 16 -1.02 6.99 -1.60
CA PHE A 16 0.08 7.75 -2.10
C PHE A 16 -0.33 9.11 -2.50
N ASP A 17 0.42 10.05 -2.08
CA ASP A 17 0.15 11.41 -2.40
C ASP A 17 1.35 11.96 -2.99
N TYR A 18 1.17 12.57 -4.09
CA TYR A 18 2.26 13.07 -4.85
C TYR A 18 1.71 13.96 -5.96
N PRO A 19 2.44 15.03 -6.31
CA PRO A 19 2.03 15.91 -7.40
C PRO A 19 2.11 15.22 -8.76
N SER A 20 1.42 15.79 -9.72
CA SER A 20 1.32 15.24 -11.07
C SER A 20 2.67 15.37 -11.85
N SER A 21 3.66 15.92 -11.20
CA SER A 21 4.97 16.09 -11.76
C SER A 21 5.75 14.75 -11.68
N TYR A 22 5.29 13.84 -10.83
CA TYR A 22 5.97 12.54 -10.70
C TYR A 22 5.10 11.40 -11.19
N SER A 23 4.08 11.72 -11.94
CA SER A 23 3.15 10.71 -12.43
C SER A 23 3.89 9.64 -13.25
N SER A 24 4.77 10.05 -14.15
CA SER A 24 5.46 9.10 -15.02
C SER A 24 6.60 8.38 -14.27
N VAL A 25 6.93 8.90 -13.12
CA VAL A 25 7.99 8.36 -12.29
C VAL A 25 7.44 7.30 -11.37
N PHE A 26 6.27 7.57 -10.89
CA PHE A 26 5.63 6.74 -9.93
C PHE A 26 5.15 5.43 -10.54
N LEU A 27 4.98 5.43 -11.84
CA LEU A 27 4.52 4.24 -12.53
C LEU A 27 5.52 3.11 -12.35
N ARG A 28 6.74 3.48 -12.02
CA ARG A 28 7.77 2.49 -11.78
C ARG A 28 7.52 1.86 -10.41
N LEU A 29 7.18 2.71 -9.47
CA LEU A 29 6.94 2.35 -8.08
C LEU A 29 5.69 1.48 -7.97
N ARG A 30 4.74 1.69 -8.88
CA ARG A 30 3.52 0.90 -8.84
C ARG A 30 3.81 -0.53 -9.23
N SER A 31 4.74 -0.69 -10.15
CA SER A 31 5.19 -2.00 -10.57
C SER A 31 5.81 -2.76 -9.39
N LEU A 32 6.49 -2.01 -8.53
CA LEU A 32 7.11 -2.59 -7.33
C LEU A 32 6.05 -3.15 -6.39
N MET A 33 4.94 -2.43 -6.32
CA MET A 33 3.82 -2.81 -5.47
C MET A 33 3.29 -4.17 -5.85
N TYR A 34 3.01 -4.36 -7.12
CA TYR A 34 2.40 -5.59 -7.58
C TYR A 34 3.42 -6.71 -7.63
N ASP A 35 4.68 -6.33 -7.63
CA ASP A 35 5.78 -7.28 -7.49
C ASP A 35 5.78 -7.81 -6.05
N MET A 36 5.44 -6.93 -5.15
CA MET A 36 5.32 -7.24 -3.75
C MET A 36 3.88 -7.69 -3.46
N ASN A 37 3.44 -7.55 -2.24
CA ASN A 37 2.13 -8.08 -1.82
C ASN A 37 0.98 -7.14 -2.05
N PHE A 38 1.24 -5.98 -2.59
CA PHE A 38 0.20 -5.00 -2.86
C PHE A 38 -0.78 -5.47 -3.94
N SER A 39 -1.90 -4.80 -4.03
CA SER A 39 -2.94 -5.14 -4.99
C SER A 39 -3.64 -3.86 -5.49
N SER A 40 -4.47 -4.01 -6.52
CA SER A 40 -5.24 -2.91 -7.08
C SER A 40 -6.70 -3.01 -6.62
N ILE A 41 -7.07 -4.20 -6.17
CA ILE A 41 -8.42 -4.51 -5.72
C ILE A 41 -8.34 -5.16 -4.34
N VAL A 42 -9.32 -4.88 -3.50
CA VAL A 42 -9.44 -5.50 -2.21
C VAL A 42 -10.92 -5.54 -1.85
N ALA A 43 -11.32 -6.53 -1.10
CA ALA A 43 -12.69 -6.64 -0.66
C ALA A 43 -13.00 -5.59 0.39
N ASP A 44 -14.16 -4.97 0.23
CA ASP A 44 -14.69 -3.95 1.13
C ASP A 44 -15.28 -4.68 2.36
N GLU A 45 -16.05 -3.98 3.17
CA GLU A 45 -16.66 -4.60 4.33
C GLU A 45 -17.82 -5.48 3.87
N TYR A 46 -18.32 -5.13 2.70
CA TYR A 46 -19.44 -5.81 2.10
C TYR A 46 -18.94 -7.03 1.35
N GLY A 47 -17.63 -7.14 1.24
CA GLY A 47 -17.03 -8.24 0.51
C GLY A 47 -16.98 -7.97 -0.97
N ILE A 48 -17.14 -6.71 -1.33
CA ILE A 48 -17.09 -6.33 -2.72
C ILE A 48 -15.67 -5.95 -3.07
N PRO A 49 -15.12 -6.56 -4.12
CA PRO A 49 -13.79 -6.24 -4.62
C PRO A 49 -13.77 -4.82 -5.22
N ARG A 50 -13.28 -3.89 -4.45
CA ARG A 50 -13.22 -2.50 -4.81
C ARG A 50 -11.87 -2.19 -5.42
N GLN A 51 -11.83 -1.18 -6.28
CA GLN A 51 -10.57 -0.70 -6.81
C GLN A 51 -10.00 0.30 -5.86
N LEU A 52 -8.73 0.27 -5.76
CA LEU A 52 -7.99 1.13 -4.87
C LEU A 52 -7.46 2.31 -5.62
N ASN A 53 -7.46 2.18 -6.92
CA ASN A 53 -6.81 3.13 -7.82
C ASN A 53 -7.54 4.47 -7.96
N GLU A 54 -7.53 5.14 -6.84
CA GLU A 54 -7.95 6.48 -6.66
C GLU A 54 -6.66 7.22 -6.44
N ASN A 55 -5.98 6.78 -5.39
CA ASN A 55 -4.59 7.15 -5.08
C ASN A 55 -4.08 6.16 -4.05
N SER A 56 -4.75 5.04 -3.95
CA SER A 56 -4.48 4.14 -2.91
C SER A 56 -4.28 2.76 -3.47
N PHE A 57 -3.74 1.89 -2.65
CA PHE A 57 -3.50 0.51 -2.98
C PHE A 57 -3.62 -0.27 -1.68
N ALA A 58 -3.66 -1.57 -1.75
CA ALA A 58 -3.82 -2.38 -0.54
C ALA A 58 -2.82 -3.47 -0.52
N ILE A 59 -2.65 -4.06 0.62
CA ILE A 59 -1.70 -5.12 0.79
C ILE A 59 -2.13 -6.05 1.94
N THR A 60 -1.90 -7.32 1.78
CA THR A 60 -2.28 -8.30 2.77
C THR A 60 -1.08 -8.64 3.70
N THR A 61 -0.27 -7.66 3.96
CA THR A 61 0.92 -7.87 4.74
C THR A 61 0.56 -7.92 6.26
N SER A 62 1.47 -8.38 7.07
CA SER A 62 1.22 -8.48 8.48
C SER A 62 2.15 -7.59 9.32
N LEU A 63 3.08 -6.90 8.67
CA LEU A 63 3.94 -5.98 9.39
C LEU A 63 3.23 -4.68 9.74
N ALA A 64 3.91 -3.81 10.43
CA ALA A 64 3.30 -2.58 10.88
C ALA A 64 3.30 -1.55 9.80
N ALA A 65 2.53 -0.52 10.01
CA ALA A 65 2.34 0.55 9.05
C ALA A 65 3.67 1.20 8.66
N SER A 66 4.46 1.54 9.64
CA SER A 66 5.72 2.17 9.38
C SER A 66 6.73 1.19 8.77
N GLU A 67 6.42 -0.11 8.83
CA GLU A 67 7.26 -1.09 8.25
C GLU A 67 6.96 -1.19 6.78
N ILE A 68 5.66 -1.08 6.44
CA ILE A 68 5.26 -1.09 5.03
C ILE A 68 5.90 0.09 4.35
N GLU A 69 5.91 1.22 5.05
CA GLU A 69 6.54 2.44 4.56
C GLU A 69 7.98 2.17 4.21
N ASP A 70 8.72 1.57 5.14
CA ASP A 70 10.15 1.26 4.94
C ASP A 70 10.35 0.38 3.73
N LEU A 71 9.47 -0.60 3.58
CA LEU A 71 9.47 -1.51 2.44
C LEU A 71 9.38 -0.74 1.15
N ILE A 72 8.44 0.16 1.09
CA ILE A 72 8.19 0.91 -0.11
C ILE A 72 9.31 1.91 -0.38
N ARG A 73 9.77 2.57 0.67
CA ARG A 73 10.76 3.60 0.52
C ARG A 73 12.13 3.02 0.11
N LEU A 74 12.41 1.76 0.47
CA LEU A 74 13.68 1.17 0.08
C LEU A 74 13.59 0.66 -1.37
N LYS A 75 12.36 0.56 -1.88
CA LYS A 75 12.14 0.16 -3.29
C LYS A 75 12.26 1.39 -4.18
N CYS A 76 12.31 2.54 -3.56
CA CYS A 76 12.45 3.79 -4.27
C CYS A 76 13.89 3.99 -4.72
N LEU A 77 14.78 3.12 -4.25
CA LEU A 77 16.16 3.20 -4.62
C LEU A 77 16.34 2.66 -6.03
N ASP A 78 15.38 1.85 -6.46
CA ASP A 78 15.35 1.26 -7.78
C ASP A 78 15.01 2.32 -8.80
N LEU A 79 13.95 3.01 -8.51
CA LEU A 79 13.43 4.04 -9.40
C LEU A 79 14.31 5.29 -9.28
N PRO A 80 14.24 6.21 -10.28
CA PRO A 80 15.04 7.44 -10.30
C PRO A 80 14.97 8.18 -8.97
N ASP A 81 13.80 8.74 -8.67
CA ASP A 81 13.49 9.41 -7.40
C ASP A 81 12.16 10.09 -7.51
N ILE A 82 11.42 10.02 -6.46
CA ILE A 82 10.15 10.65 -6.34
C ILE A 82 9.95 10.96 -4.90
N ASP A 83 9.73 12.20 -4.62
CA ASP A 83 9.41 12.58 -3.28
C ASP A 83 7.92 12.46 -3.10
N PHE A 84 7.53 11.38 -2.51
CA PHE A 84 6.14 11.09 -2.30
C PHE A 84 5.84 11.03 -0.83
N ASP A 85 4.59 11.18 -0.53
CA ASP A 85 4.10 11.08 0.81
C ASP A 85 3.03 10.01 0.86
N LEU A 86 3.35 8.87 1.41
CA LEU A 86 2.40 7.82 1.46
C LEU A 86 1.81 7.79 2.85
N ASN A 87 0.66 7.26 2.96
CA ASN A 87 0.03 7.10 4.21
C ASN A 87 -0.50 5.68 4.30
N ILE A 88 0.06 4.92 5.20
CA ILE A 88 -0.42 3.58 5.44
C ILE A 88 -1.58 3.64 6.40
N MET A 89 -2.59 2.89 6.11
CA MET A 89 -3.73 2.77 6.97
C MET A 89 -4.25 1.38 6.79
N THR A 90 -5.05 0.95 7.65
CA THR A 90 -5.73 -0.30 7.54
C THR A 90 -6.89 -0.18 6.55
N VAL A 91 -7.18 -1.25 5.83
CA VAL A 91 -8.29 -1.32 4.87
C VAL A 91 -9.62 -0.88 5.51
N ASP A 92 -9.86 -1.32 6.75
CA ASP A 92 -11.08 -0.95 7.50
C ASP A 92 -11.13 0.55 7.70
N ASP A 93 -9.98 1.12 7.96
CA ASP A 93 -9.86 2.55 8.22
C ASP A 93 -9.82 3.33 6.93
N TYR A 94 -9.71 2.63 5.84
CA TYR A 94 -9.72 3.23 4.55
C TYR A 94 -11.12 3.35 4.01
N PHE A 95 -11.76 2.20 3.83
CA PHE A 95 -13.10 2.15 3.25
C PHE A 95 -14.13 2.92 4.02
N ARG A 96 -13.89 3.07 5.29
CA ARG A 96 -14.77 3.84 6.16
C ARG A 96 -14.81 5.33 5.77
N GLN A 97 -13.83 5.78 4.99
CA GLN A 97 -13.76 7.18 4.59
C GLN A 97 -14.50 7.37 3.29
N PHE A 98 -14.32 6.42 2.40
CA PHE A 98 -14.85 6.49 1.07
C PHE A 98 -16.29 6.06 1.00
N TYR A 99 -16.95 6.50 -0.04
CA TYR A 99 -18.33 6.19 -0.26
C TYR A 99 -18.49 5.14 -1.32
N LYS A 100 -19.71 4.69 -1.47
CA LYS A 100 -20.10 3.70 -2.44
C LYS A 100 -19.68 4.11 -3.85
N GLY A 1 13.21 -22.46 22.58
CA GLY A 1 13.56 -22.52 21.16
C GLY A 1 12.36 -22.33 20.25
N HIS A 2 11.46 -21.45 20.62
CA HIS A 2 10.27 -21.20 19.84
C HIS A 2 10.39 -19.93 19.07
N MET A 3 10.44 -20.06 17.78
CA MET A 3 10.42 -18.92 16.92
C MET A 3 9.09 -18.93 16.21
N GLU A 4 8.12 -18.34 16.85
CA GLU A 4 6.81 -18.33 16.34
C GLU A 4 6.65 -17.12 15.46
N GLY A 5 6.05 -17.31 14.31
CA GLY A 5 5.86 -16.24 13.41
C GLY A 5 4.52 -15.60 13.59
N LYS A 6 3.74 -15.58 12.55
CA LYS A 6 2.48 -14.92 12.57
C LYS A 6 1.65 -15.45 11.41
N ASN A 7 0.45 -15.87 11.68
CA ASN A 7 -0.43 -16.39 10.66
C ASN A 7 -1.47 -15.36 10.35
N LYS A 8 -1.48 -14.32 11.16
CA LYS A 8 -2.39 -13.24 10.99
C LYS A 8 -1.87 -12.26 9.94
N PHE A 9 -2.26 -12.50 8.73
CA PHE A 9 -1.97 -11.60 7.66
C PHE A 9 -3.04 -10.55 7.63
N ASN A 10 -2.61 -9.35 7.83
CA ASN A 10 -3.51 -8.25 7.97
C ASN A 10 -3.72 -7.61 6.65
N THR A 11 -4.45 -6.57 6.60
CA THR A 11 -4.68 -5.92 5.38
C THR A 11 -4.65 -4.40 5.55
N TYR A 12 -3.78 -3.78 4.80
CA TYR A 12 -3.55 -2.36 4.90
C TYR A 12 -3.76 -1.70 3.58
N VAL A 13 -3.87 -0.41 3.65
CA VAL A 13 -4.01 0.46 2.51
C VAL A 13 -3.03 1.63 2.62
N VAL A 14 -2.36 1.92 1.55
CA VAL A 14 -1.43 3.01 1.52
C VAL A 14 -1.95 4.05 0.56
N SER A 15 -1.86 5.27 0.95
CA SER A 15 -2.29 6.38 0.15
C SER A 15 -1.08 7.25 -0.20
N PHE A 16 -0.70 7.26 -1.46
CA PHE A 16 0.48 7.99 -1.91
C PHE A 16 0.19 9.43 -2.30
N ASP A 17 1.06 10.31 -1.88
CA ASP A 17 0.96 11.73 -2.16
C ASP A 17 2.14 12.12 -3.00
N TYR A 18 1.88 12.53 -4.21
CA TYR A 18 2.89 12.97 -5.14
C TYR A 18 2.20 13.65 -6.31
N PRO A 19 2.78 14.70 -6.88
CA PRO A 19 2.23 15.30 -8.08
C PRO A 19 2.48 14.42 -9.31
N SER A 20 1.62 14.54 -10.29
CA SER A 20 1.64 13.76 -11.52
C SER A 20 2.93 14.01 -12.35
N SER A 21 3.67 15.05 -12.01
CA SER A 21 4.90 15.39 -12.68
C SER A 21 5.96 14.26 -12.48
N TYR A 22 5.80 13.46 -11.42
CA TYR A 22 6.71 12.35 -11.16
C TYR A 22 6.06 11.03 -11.54
N SER A 23 5.01 11.08 -12.36
CA SER A 23 4.25 9.88 -12.70
C SER A 23 5.16 8.79 -13.31
N SER A 24 6.00 9.18 -14.25
CA SER A 24 6.82 8.24 -15.00
C SER A 24 7.92 7.63 -14.11
N VAL A 25 8.23 8.33 -13.06
CA VAL A 25 9.23 7.92 -12.11
C VAL A 25 8.61 7.04 -11.06
N PHE A 26 7.39 7.30 -10.77
CA PHE A 26 6.68 6.62 -9.77
C PHE A 26 6.26 5.25 -10.27
N LEU A 27 6.21 5.10 -11.58
CA LEU A 27 5.86 3.84 -12.19
C LEU A 27 6.83 2.77 -11.74
N ARG A 28 8.03 3.19 -11.41
CA ARG A 28 9.08 2.29 -11.00
C ARG A 28 8.76 1.77 -9.60
N LEU A 29 8.15 2.63 -8.82
CA LEU A 29 7.78 2.34 -7.45
C LEU A 29 6.50 1.51 -7.44
N ARG A 30 5.60 1.77 -8.39
CA ARG A 30 4.34 1.04 -8.47
C ARG A 30 4.59 -0.39 -8.91
N SER A 31 5.58 -0.55 -9.75
CA SER A 31 5.98 -1.88 -10.20
C SER A 31 6.53 -2.66 -9.02
N LEU A 32 7.15 -1.95 -8.09
CA LEU A 32 7.72 -2.55 -6.92
C LEU A 32 6.66 -3.04 -5.99
N MET A 33 5.57 -2.35 -5.98
CA MET A 33 4.47 -2.69 -5.12
C MET A 33 3.98 -4.10 -5.43
N TYR A 34 3.79 -4.36 -6.69
CA TYR A 34 3.29 -5.65 -7.16
C TYR A 34 4.40 -6.68 -7.19
N ASP A 35 5.60 -6.19 -7.09
CA ASP A 35 6.77 -7.04 -6.90
C ASP A 35 6.77 -7.51 -5.45
N MET A 36 6.26 -6.65 -4.60
CA MET A 36 6.07 -6.93 -3.21
C MET A 36 4.64 -7.49 -3.02
N ASN A 37 4.07 -7.33 -1.85
CA ASN A 37 2.74 -7.94 -1.55
C ASN A 37 1.55 -7.03 -1.84
N PHE A 38 1.81 -5.85 -2.33
CA PHE A 38 0.74 -4.88 -2.61
C PHE A 38 -0.18 -5.34 -3.76
N SER A 39 -1.39 -4.82 -3.77
CA SER A 39 -2.38 -5.15 -4.77
C SER A 39 -3.06 -3.88 -5.29
N SER A 40 -3.83 -4.02 -6.36
CA SER A 40 -4.52 -2.92 -7.01
C SER A 40 -5.99 -2.89 -6.61
N ILE A 41 -6.48 -4.02 -6.17
CA ILE A 41 -7.85 -4.21 -5.77
C ILE A 41 -7.87 -4.82 -4.38
N VAL A 42 -8.88 -4.49 -3.62
CA VAL A 42 -9.13 -5.09 -2.34
C VAL A 42 -10.64 -5.04 -2.12
N ALA A 43 -11.17 -6.02 -1.46
CA ALA A 43 -12.58 -6.06 -1.20
C ALA A 43 -12.91 -5.13 -0.05
N ASP A 44 -14.00 -4.43 -0.20
CA ASP A 44 -14.48 -3.52 0.84
C ASP A 44 -15.22 -4.32 1.92
N GLU A 45 -15.92 -3.62 2.79
CA GLU A 45 -16.64 -4.23 3.91
C GLU A 45 -17.82 -5.07 3.41
N TYR A 46 -18.27 -4.78 2.20
CA TYR A 46 -19.41 -5.43 1.64
C TYR A 46 -18.94 -6.69 0.93
N GLY A 47 -17.76 -6.59 0.35
CA GLY A 47 -17.17 -7.69 -0.35
C GLY A 47 -16.90 -7.33 -1.80
N ILE A 48 -16.98 -6.05 -2.11
CA ILE A 48 -16.80 -5.60 -3.45
C ILE A 48 -15.34 -5.29 -3.69
N PRO A 49 -14.76 -5.86 -4.74
CA PRO A 49 -13.39 -5.63 -5.09
C PRO A 49 -13.21 -4.23 -5.69
N ARG A 50 -12.74 -3.34 -4.88
CA ARG A 50 -12.53 -1.96 -5.25
C ARG A 50 -11.15 -1.76 -5.81
N GLN A 51 -11.00 -0.79 -6.69
CA GLN A 51 -9.71 -0.40 -7.20
C GLN A 51 -9.14 0.63 -6.31
N LEU A 52 -7.88 0.59 -6.21
CA LEU A 52 -7.16 1.47 -5.35
C LEU A 52 -6.41 2.49 -6.16
N ASN A 53 -6.21 2.14 -7.43
CA ASN A 53 -5.34 2.86 -8.40
C ASN A 53 -5.80 4.26 -8.78
N GLU A 54 -5.98 5.02 -7.79
CA GLU A 54 -6.27 6.42 -7.83
C GLU A 54 -5.16 7.13 -7.07
N ASN A 55 -4.84 6.55 -5.92
CA ASN A 55 -3.93 7.11 -4.93
C ASN A 55 -3.49 6.03 -3.93
N SER A 56 -4.39 5.13 -3.64
CA SER A 56 -4.17 4.11 -2.69
C SER A 56 -3.78 2.80 -3.33
N PHE A 57 -3.31 1.90 -2.50
CA PHE A 57 -2.99 0.55 -2.85
C PHE A 57 -3.15 -0.25 -1.58
N ALA A 58 -3.26 -1.54 -1.66
CA ALA A 58 -3.49 -2.35 -0.47
C ALA A 58 -2.46 -3.42 -0.40
N ILE A 59 -2.36 -4.05 0.74
CA ILE A 59 -1.43 -5.12 0.94
C ILE A 59 -1.96 -6.07 2.03
N THR A 60 -1.62 -7.33 1.92
CA THR A 60 -2.04 -8.33 2.90
C THR A 60 -0.88 -8.67 3.85
N THR A 61 -0.07 -7.68 4.15
CA THR A 61 1.08 -7.89 4.97
C THR A 61 0.67 -7.96 6.45
N SER A 62 1.53 -8.47 7.26
CA SER A 62 1.25 -8.64 8.64
C SER A 62 2.10 -7.70 9.50
N LEU A 63 2.98 -6.96 8.85
CA LEU A 63 3.86 -6.02 9.53
C LEU A 63 3.12 -4.74 9.89
N ALA A 64 3.82 -3.84 10.51
CA ALA A 64 3.19 -2.65 10.97
C ALA A 64 3.28 -1.53 9.96
N ALA A 65 2.53 -0.47 10.20
CA ALA A 65 2.47 0.71 9.33
C ALA A 65 3.84 1.30 9.08
N SER A 66 4.60 1.42 10.15
CA SER A 66 5.93 1.95 10.10
C SER A 66 6.83 1.08 9.22
N GLU A 67 6.49 -0.22 9.14
CA GLU A 67 7.28 -1.15 8.41
C GLU A 67 6.96 -1.04 6.95
N ILE A 68 5.67 -0.92 6.63
CA ILE A 68 5.26 -0.77 5.22
C ILE A 68 5.95 0.44 4.64
N GLU A 69 5.92 1.55 5.37
CA GLU A 69 6.61 2.74 4.93
C GLU A 69 8.08 2.48 4.74
N ASP A 70 8.69 1.84 5.73
CA ASP A 70 10.13 1.50 5.68
C ASP A 70 10.46 0.67 4.44
N LEU A 71 9.62 -0.32 4.17
CA LEU A 71 9.71 -1.14 2.97
C LEU A 71 9.75 -0.26 1.74
N ILE A 72 8.79 0.63 1.64
CA ILE A 72 8.65 1.48 0.49
C ILE A 72 9.76 2.53 0.42
N ARG A 73 10.19 3.01 1.58
CA ARG A 73 11.23 4.02 1.60
C ARG A 73 12.57 3.45 1.15
N LEU A 74 12.83 2.18 1.44
CA LEU A 74 14.09 1.59 1.04
C LEU A 74 14.04 1.12 -0.42
N LYS A 75 12.82 1.00 -0.93
CA LYS A 75 12.60 0.66 -2.33
C LYS A 75 12.79 1.89 -3.20
N CYS A 76 12.86 3.03 -2.56
CA CYS A 76 13.06 4.28 -3.27
C CYS A 76 14.51 4.41 -3.73
N LEU A 77 15.36 3.51 -3.26
CA LEU A 77 16.74 3.50 -3.66
C LEU A 77 16.89 2.78 -5.01
N ASP A 78 15.85 2.02 -5.36
CA ASP A 78 15.82 1.23 -6.59
C ASP A 78 15.39 2.11 -7.73
N LEU A 79 14.54 3.03 -7.39
CA LEU A 79 14.05 4.02 -8.35
C LEU A 79 15.04 5.18 -8.42
N PRO A 80 15.01 5.99 -9.52
CA PRO A 80 15.88 7.16 -9.66
C PRO A 80 15.69 8.18 -8.52
N ASP A 81 14.61 8.98 -8.57
CA ASP A 81 14.34 9.94 -7.51
C ASP A 81 12.95 10.55 -7.63
N ILE A 82 12.23 10.54 -6.53
CA ILE A 82 10.91 11.09 -6.42
C ILE A 82 10.65 11.44 -4.98
N ASP A 83 10.33 12.66 -4.73
CA ASP A 83 9.91 13.08 -3.43
C ASP A 83 8.42 12.80 -3.29
N PHE A 84 8.12 11.74 -2.61
CA PHE A 84 6.74 11.33 -2.41
C PHE A 84 6.48 11.06 -0.94
N ASP A 85 5.23 11.15 -0.57
CA ASP A 85 4.79 10.79 0.76
C ASP A 85 3.77 9.72 0.63
N LEU A 86 3.56 8.99 1.67
CA LEU A 86 2.56 7.98 1.69
C LEU A 86 1.92 7.96 3.05
N ASN A 87 0.74 7.48 3.13
CA ASN A 87 0.04 7.35 4.35
C ASN A 87 -0.47 5.93 4.47
N ILE A 88 0.04 5.19 5.41
CA ILE A 88 -0.43 3.85 5.67
C ILE A 88 -1.65 3.91 6.57
N MET A 89 -2.62 3.15 6.24
CA MET A 89 -3.81 3.02 7.03
C MET A 89 -4.30 1.61 6.85
N THR A 90 -5.09 1.16 7.72
CA THR A 90 -5.76 -0.09 7.61
C THR A 90 -6.90 0.01 6.58
N VAL A 91 -7.16 -1.07 5.86
CA VAL A 91 -8.24 -1.14 4.87
C VAL A 91 -9.58 -0.70 5.49
N ASP A 92 -9.82 -1.16 6.71
CA ASP A 92 -11.01 -0.81 7.48
C ASP A 92 -11.14 0.69 7.66
N ASP A 93 -10.02 1.33 7.89
CA ASP A 93 -9.98 2.75 8.14
C ASP A 93 -9.89 3.54 6.87
N TYR A 94 -9.77 2.84 5.78
CA TYR A 94 -9.71 3.44 4.49
C TYR A 94 -11.10 3.59 3.91
N PHE A 95 -11.78 2.48 3.75
CA PHE A 95 -13.11 2.47 3.12
C PHE A 95 -14.14 3.25 3.89
N ARG A 96 -13.88 3.46 5.14
CA ARG A 96 -14.75 4.28 5.98
C ARG A 96 -14.75 5.76 5.52
N GLN A 97 -13.81 6.12 4.64
CA GLN A 97 -13.74 7.46 4.07
C GLN A 97 -14.34 7.44 2.67
N PHE A 98 -14.12 6.34 1.97
CA PHE A 98 -14.47 6.26 0.56
C PHE A 98 -15.54 5.22 0.35
N TYR A 99 -16.74 5.67 0.15
CA TYR A 99 -17.84 4.81 -0.12
C TYR A 99 -18.25 4.89 -1.55
N LYS A 100 -19.33 4.24 -1.87
CA LYS A 100 -19.84 4.23 -3.20
C LYS A 100 -20.72 5.46 -3.37
N GLY A 1 6.79 -22.69 24.44
CA GLY A 1 6.55 -23.40 23.18
C GLY A 1 5.70 -22.60 22.22
N HIS A 2 6.19 -21.47 21.78
CA HIS A 2 5.50 -20.65 20.81
C HIS A 2 6.47 -20.18 19.77
N MET A 3 6.45 -20.78 18.62
CA MET A 3 7.25 -20.28 17.53
C MET A 3 6.49 -19.17 16.88
N GLU A 4 6.67 -18.01 17.40
CA GLU A 4 6.00 -16.90 16.92
C GLU A 4 6.81 -16.24 15.86
N GLY A 5 6.35 -16.34 14.66
CA GLY A 5 6.98 -15.69 13.59
C GLY A 5 6.07 -14.62 13.12
N LYS A 6 5.20 -14.98 12.21
CA LYS A 6 4.17 -14.09 11.74
C LYS A 6 3.18 -14.86 10.90
N ASN A 7 2.05 -15.17 11.47
CA ASN A 7 1.02 -15.86 10.73
C ASN A 7 -0.18 -14.97 10.58
N LYS A 8 -0.18 -13.88 11.30
CA LYS A 8 -1.25 -12.94 11.27
C LYS A 8 -0.97 -11.92 10.20
N PHE A 9 -1.44 -12.18 9.03
CA PHE A 9 -1.28 -11.25 7.97
C PHE A 9 -2.40 -10.25 8.04
N ASN A 10 -2.04 -9.00 8.18
CA ASN A 10 -3.02 -7.95 8.31
C ASN A 10 -3.25 -7.40 6.94
N THR A 11 -4.07 -6.41 6.83
CA THR A 11 -4.34 -5.84 5.56
C THR A 11 -4.38 -4.30 5.67
N TYR A 12 -3.52 -3.65 4.93
CA TYR A 12 -3.38 -2.22 5.00
C TYR A 12 -3.64 -1.59 3.68
N VAL A 13 -3.83 -0.31 3.71
CA VAL A 13 -4.06 0.52 2.57
C VAL A 13 -3.11 1.73 2.60
N VAL A 14 -2.59 2.10 1.47
CA VAL A 14 -1.72 3.22 1.38
C VAL A 14 -2.25 4.22 0.39
N SER A 15 -2.33 5.42 0.81
CA SER A 15 -2.83 6.49 0.02
C SER A 15 -1.64 7.35 -0.38
N PHE A 16 -1.45 7.53 -1.67
CA PHE A 16 -0.33 8.32 -2.13
C PHE A 16 -0.72 9.73 -2.54
N ASP A 17 0.13 10.66 -2.19
CA ASP A 17 0.01 12.05 -2.56
C ASP A 17 1.26 12.50 -3.23
N TYR A 18 1.09 13.05 -4.40
CA TYR A 18 2.17 13.56 -5.21
C TYR A 18 1.57 14.40 -6.31
N PRO A 19 2.24 15.47 -6.74
CA PRO A 19 1.77 16.26 -7.86
C PRO A 19 1.78 15.42 -9.13
N SER A 20 0.87 15.71 -10.02
CA SER A 20 0.68 14.96 -11.24
C SER A 20 1.91 15.05 -12.16
N SER A 21 2.79 15.99 -11.89
CA SER A 21 4.04 16.15 -12.60
C SER A 21 4.88 14.85 -12.52
N TYR A 22 4.79 14.13 -11.41
CA TYR A 22 5.57 12.92 -11.22
C TYR A 22 4.83 11.67 -11.69
N SER A 23 3.77 11.84 -12.43
CA SER A 23 2.99 10.71 -12.92
C SER A 23 3.86 9.75 -13.72
N SER A 24 4.68 10.31 -14.59
CA SER A 24 5.55 9.56 -15.48
C SER A 24 6.68 8.85 -14.72
N VAL A 25 6.89 9.27 -13.51
CA VAL A 25 7.92 8.74 -12.65
C VAL A 25 7.35 7.68 -11.73
N PHE A 26 6.16 7.93 -11.26
CA PHE A 26 5.52 7.10 -10.30
C PHE A 26 5.15 5.75 -10.90
N LEU A 27 5.12 5.69 -12.22
CA LEU A 27 4.80 4.47 -12.92
C LEU A 27 5.86 3.40 -12.60
N ARG A 28 6.99 3.84 -12.09
CA ARG A 28 8.03 2.92 -11.69
C ARG A 28 7.71 2.42 -10.30
N LEU A 29 7.32 3.36 -9.44
CA LEU A 29 7.00 3.09 -8.05
C LEU A 29 5.81 2.12 -7.96
N ARG A 30 4.90 2.20 -8.93
CA ARG A 30 3.75 1.30 -8.94
C ARG A 30 4.19 -0.12 -9.21
N SER A 31 5.11 -0.23 -10.12
CA SER A 31 5.70 -1.50 -10.49
C SER A 31 6.51 -2.06 -9.31
N LEU A 32 7.02 -1.19 -8.48
CA LEU A 32 7.72 -1.58 -7.26
C LEU A 32 6.72 -2.13 -6.26
N MET A 33 5.59 -1.47 -6.13
CA MET A 33 4.52 -1.90 -5.24
C MET A 33 3.99 -3.27 -5.59
N TYR A 34 3.73 -3.49 -6.86
CA TYR A 34 3.24 -4.80 -7.31
C TYR A 34 4.33 -5.85 -7.36
N ASP A 35 5.56 -5.40 -7.33
CA ASP A 35 6.70 -6.30 -7.15
C ASP A 35 6.72 -6.77 -5.71
N MET A 36 6.28 -5.88 -4.85
CA MET A 36 6.10 -6.15 -3.45
C MET A 36 4.72 -6.74 -3.22
N ASN A 37 4.22 -6.67 -2.02
CA ASN A 37 2.96 -7.32 -1.68
C ASN A 37 1.71 -6.50 -1.95
N PHE A 38 1.88 -5.32 -2.47
CA PHE A 38 0.74 -4.42 -2.74
C PHE A 38 -0.18 -4.96 -3.85
N SER A 39 -1.44 -4.57 -3.82
CA SER A 39 -2.43 -5.02 -4.78
C SER A 39 -3.28 -3.84 -5.30
N SER A 40 -4.05 -4.10 -6.36
CA SER A 40 -4.91 -3.12 -6.99
C SER A 40 -6.34 -3.24 -6.50
N ILE A 41 -6.69 -4.41 -6.05
CA ILE A 41 -8.01 -4.72 -5.55
C ILE A 41 -7.89 -5.33 -4.15
N VAL A 42 -8.84 -5.02 -3.32
CA VAL A 42 -8.95 -5.61 -2.01
C VAL A 42 -10.44 -5.69 -1.68
N ALA A 43 -10.83 -6.71 -1.00
CA ALA A 43 -12.21 -6.86 -0.59
C ALA A 43 -12.51 -5.97 0.58
N ASP A 44 -13.67 -5.34 0.53
CA ASP A 44 -14.15 -4.50 1.62
C ASP A 44 -14.82 -5.36 2.69
N GLU A 45 -15.53 -4.72 3.61
CA GLU A 45 -16.17 -5.44 4.72
C GLU A 45 -17.40 -6.22 4.23
N TYR A 46 -17.89 -5.86 3.06
CA TYR A 46 -19.07 -6.46 2.51
C TYR A 46 -18.67 -7.69 1.72
N GLY A 47 -17.44 -7.65 1.26
CA GLY A 47 -16.89 -8.74 0.51
C GLY A 47 -16.79 -8.39 -0.94
N ILE A 48 -16.77 -7.10 -1.23
CA ILE A 48 -16.68 -6.64 -2.57
C ILE A 48 -15.24 -6.30 -2.91
N PRO A 49 -14.72 -6.88 -3.99
CA PRO A 49 -13.38 -6.59 -4.47
C PRO A 49 -13.32 -5.19 -5.09
N ARG A 50 -12.83 -4.26 -4.32
CA ARG A 50 -12.77 -2.88 -4.71
C ARG A 50 -11.44 -2.54 -5.35
N GLN A 51 -11.46 -1.62 -6.29
CA GLN A 51 -10.27 -1.09 -6.88
C GLN A 51 -9.75 0.01 -6.01
N LEU A 52 -8.48 0.09 -5.98
CA LEU A 52 -7.77 1.06 -5.18
C LEU A 52 -7.20 2.13 -6.05
N ASN A 53 -7.06 1.80 -7.32
CA ASN A 53 -6.32 2.60 -8.34
C ASN A 53 -6.99 3.91 -8.71
N GLU A 54 -7.18 4.68 -7.73
CA GLU A 54 -7.65 6.01 -7.80
C GLU A 54 -6.57 6.85 -7.17
N ASN A 55 -6.17 6.43 -5.98
CA ASN A 55 -5.10 7.09 -5.24
C ASN A 55 -4.43 6.14 -4.23
N SER A 56 -5.20 5.19 -3.70
CA SER A 56 -4.71 4.28 -2.71
C SER A 56 -4.39 2.92 -3.30
N PHE A 57 -3.77 2.08 -2.48
CA PHE A 57 -3.44 0.71 -2.83
C PHE A 57 -3.50 -0.09 -1.53
N ALA A 58 -3.46 -1.41 -1.61
CA ALA A 58 -3.57 -2.22 -0.40
C ALA A 58 -2.47 -3.24 -0.35
N ILE A 59 -2.26 -3.82 0.81
CA ILE A 59 -1.23 -4.79 1.01
C ILE A 59 -1.58 -5.69 2.19
N THR A 60 -1.21 -6.94 2.10
CA THR A 60 -1.37 -7.81 3.19
C THR A 60 0.02 -8.00 3.82
N THR A 61 0.17 -7.36 4.91
CA THR A 61 1.37 -7.40 5.64
C THR A 61 1.02 -7.22 7.10
N SER A 62 1.92 -7.51 7.99
CA SER A 62 1.66 -7.35 9.39
C SER A 62 2.57 -6.30 10.00
N LEU A 63 3.49 -5.79 9.22
CA LEU A 63 4.37 -4.73 9.69
C LEU A 63 3.58 -3.45 9.87
N ALA A 64 4.09 -2.55 10.63
CA ALA A 64 3.32 -1.40 11.00
C ALA A 64 3.30 -0.35 9.93
N ALA A 65 2.48 0.65 10.14
CA ALA A 65 2.29 1.74 9.20
C ALA A 65 3.59 2.44 8.85
N SER A 66 4.36 2.73 9.86
CA SER A 66 5.62 3.42 9.68
C SER A 66 6.65 2.50 8.99
N GLU A 67 6.37 1.20 8.98
CA GLU A 67 7.25 0.24 8.40
C GLU A 67 6.94 0.16 6.91
N ILE A 68 5.64 0.17 6.57
CA ILE A 68 5.21 0.12 5.15
C ILE A 68 5.81 1.30 4.41
N GLU A 69 5.79 2.46 5.05
CA GLU A 69 6.36 3.66 4.48
C GLU A 69 7.80 3.44 4.14
N ASP A 70 8.54 2.90 5.09
CA ASP A 70 9.97 2.64 4.92
C ASP A 70 10.22 1.72 3.76
N LEU A 71 9.40 0.71 3.65
CA LEU A 71 9.46 -0.26 2.57
C LEU A 71 9.33 0.43 1.23
N ILE A 72 8.38 1.31 1.13
CA ILE A 72 8.12 1.99 -0.10
C ILE A 72 9.20 3.04 -0.39
N ARG A 73 9.55 3.78 0.65
CA ARG A 73 10.51 4.88 0.51
C ARG A 73 11.91 4.39 0.16
N LEU A 74 12.27 3.19 0.61
CA LEU A 74 13.59 2.67 0.27
C LEU A 74 13.57 2.07 -1.14
N LYS A 75 12.36 1.81 -1.66
CA LYS A 75 12.20 1.34 -3.03
C LYS A 75 12.18 2.51 -3.99
N CYS A 76 12.09 3.69 -3.44
CA CYS A 76 12.11 4.90 -4.21
C CYS A 76 13.57 5.21 -4.60
N LEU A 77 14.50 4.50 -3.95
CA LEU A 77 15.92 4.63 -4.23
C LEU A 77 16.26 3.81 -5.49
N ASP A 78 15.29 3.06 -5.94
CA ASP A 78 15.42 2.24 -7.14
C ASP A 78 15.03 3.08 -8.32
N LEU A 79 13.91 3.77 -8.16
CA LEU A 79 13.35 4.61 -9.21
C LEU A 79 14.16 5.92 -9.38
N PRO A 80 13.87 6.77 -10.44
CA PRO A 80 14.61 8.01 -10.66
C PRO A 80 14.54 8.99 -9.46
N ASP A 81 13.39 9.67 -9.30
CA ASP A 81 13.20 10.64 -8.21
C ASP A 81 11.79 11.17 -8.20
N ILE A 82 11.16 11.08 -7.06
CA ILE A 82 9.82 11.56 -6.84
C ILE A 82 9.63 11.88 -5.39
N ASP A 83 9.37 13.12 -5.10
CA ASP A 83 9.08 13.51 -3.74
C ASP A 83 7.60 13.28 -3.50
N PHE A 84 7.28 12.16 -2.91
CA PHE A 84 5.89 11.82 -2.67
C PHE A 84 5.65 11.70 -1.19
N ASP A 85 4.42 11.72 -0.82
CA ASP A 85 4.02 11.55 0.54
C ASP A 85 2.95 10.51 0.54
N LEU A 86 2.98 9.62 1.48
CA LEU A 86 2.00 8.60 1.53
C LEU A 86 1.37 8.56 2.89
N ASN A 87 0.21 8.03 2.96
CA ASN A 87 -0.47 7.83 4.18
C ASN A 87 -0.88 6.39 4.30
N ILE A 88 -0.34 5.71 5.25
CA ILE A 88 -0.73 4.35 5.52
C ILE A 88 -1.95 4.35 6.44
N MET A 89 -2.85 3.46 6.19
CA MET A 89 -4.00 3.24 7.01
C MET A 89 -4.36 1.78 6.87
N THR A 90 -5.14 1.27 7.74
CA THR A 90 -5.67 -0.06 7.58
C THR A 90 -6.77 -0.04 6.54
N VAL A 91 -7.04 -1.17 5.96
CA VAL A 91 -8.13 -1.33 5.02
C VAL A 91 -9.47 -0.90 5.66
N ASP A 92 -9.62 -1.22 6.94
CA ASP A 92 -10.81 -0.84 7.72
C ASP A 92 -10.94 0.66 7.76
N ASP A 93 -9.83 1.32 7.97
CA ASP A 93 -9.80 2.78 8.10
C ASP A 93 -9.85 3.45 6.75
N TYR A 94 -9.77 2.66 5.73
CA TYR A 94 -9.86 3.14 4.40
C TYR A 94 -11.29 3.11 3.92
N PHE A 95 -11.88 1.95 3.95
CA PHE A 95 -13.24 1.76 3.47
C PHE A 95 -14.27 2.48 4.29
N ARG A 96 -13.92 2.83 5.48
CA ARG A 96 -14.78 3.63 6.34
C ARG A 96 -14.98 5.04 5.76
N GLN A 97 -14.05 5.49 4.91
CA GLN A 97 -14.14 6.83 4.32
C GLN A 97 -14.97 6.77 3.06
N PHE A 98 -14.74 5.71 2.31
CA PHE A 98 -15.41 5.50 1.05
C PHE A 98 -16.78 4.91 1.25
N TYR A 99 -17.51 4.75 0.19
CA TYR A 99 -18.86 4.31 0.29
C TYR A 99 -19.13 3.05 -0.50
N LYS A 100 -20.26 2.47 -0.22
CA LYS A 100 -20.73 1.26 -0.80
C LYS A 100 -21.15 1.51 -2.24
N GLY A 1 0.62 -24.26 18.73
CA GLY A 1 0.50 -23.69 17.39
C GLY A 1 1.77 -22.98 17.01
N HIS A 2 1.72 -22.18 15.97
CA HIS A 2 2.88 -21.45 15.53
C HIS A 2 2.53 -20.05 15.15
N MET A 3 3.38 -19.15 15.55
CA MET A 3 3.33 -17.78 15.16
C MET A 3 4.71 -17.41 14.66
N GLU A 4 4.99 -17.94 13.51
CA GLU A 4 6.25 -17.85 12.89
C GLU A 4 6.41 -16.51 12.23
N GLY A 5 7.06 -15.61 12.93
CA GLY A 5 7.22 -14.29 12.44
C GLY A 5 5.94 -13.50 12.65
N LYS A 6 5.04 -13.68 11.72
CA LYS A 6 3.73 -13.13 11.73
C LYS A 6 2.86 -13.92 10.77
N ASN A 7 1.91 -14.63 11.31
CA ASN A 7 1.04 -15.46 10.51
C ASN A 7 -0.30 -14.80 10.40
N LYS A 8 -0.52 -13.85 11.27
CA LYS A 8 -1.68 -13.04 11.16
C LYS A 8 -1.32 -11.88 10.27
N PHE A 9 -1.70 -11.97 9.06
CA PHE A 9 -1.50 -10.93 8.11
C PHE A 9 -2.57 -9.90 8.27
N ASN A 10 -2.17 -8.71 8.55
CA ASN A 10 -3.10 -7.62 8.75
C ASN A 10 -3.25 -6.93 7.42
N THR A 11 -4.11 -5.98 7.33
CA THR A 11 -4.32 -5.39 6.06
C THR A 11 -4.36 -3.86 6.16
N TYR A 12 -3.53 -3.24 5.37
CA TYR A 12 -3.38 -1.80 5.36
C TYR A 12 -3.58 -1.24 3.99
N VAL A 13 -3.84 0.03 3.94
CA VAL A 13 -4.03 0.78 2.73
C VAL A 13 -3.08 1.98 2.71
N VAL A 14 -2.57 2.30 1.56
CA VAL A 14 -1.73 3.43 1.39
C VAL A 14 -2.33 4.34 0.36
N SER A 15 -2.28 5.59 0.62
CA SER A 15 -2.78 6.59 -0.27
C SER A 15 -1.62 7.47 -0.73
N PHE A 16 -1.30 7.40 -2.00
CA PHE A 16 -0.19 8.16 -2.55
C PHE A 16 -0.61 9.46 -3.14
N ASP A 17 0.14 10.47 -2.83
CA ASP A 17 -0.09 11.78 -3.36
C ASP A 17 1.15 12.33 -3.89
N TYR A 18 1.02 12.90 -5.02
CA TYR A 18 2.09 13.46 -5.74
C TYR A 18 1.48 14.10 -6.99
N PRO A 19 2.10 15.13 -7.55
CA PRO A 19 1.62 15.75 -8.78
C PRO A 19 1.87 14.86 -9.99
N SER A 20 1.07 15.07 -11.03
CA SER A 20 1.10 14.28 -12.27
C SER A 20 2.47 14.31 -12.97
N SER A 21 3.28 15.28 -12.61
CA SER A 21 4.60 15.41 -13.15
C SER A 21 5.49 14.21 -12.77
N TYR A 22 5.20 13.58 -11.64
CA TYR A 22 6.02 12.45 -11.19
C TYR A 22 5.38 11.13 -11.53
N SER A 23 4.28 11.16 -12.23
CA SER A 23 3.57 9.95 -12.60
C SER A 23 4.43 9.07 -13.48
N SER A 24 5.25 9.69 -14.29
CA SER A 24 6.08 8.96 -15.20
C SER A 24 7.25 8.30 -14.47
N VAL A 25 7.54 8.78 -13.29
CA VAL A 25 8.65 8.25 -12.53
C VAL A 25 8.10 7.32 -11.43
N PHE A 26 6.82 7.50 -11.12
CA PHE A 26 6.14 6.71 -10.12
C PHE A 26 5.92 5.31 -10.64
N LEU A 27 5.98 5.17 -11.94
CA LEU A 27 5.76 3.89 -12.59
C LEU A 27 6.83 2.89 -12.15
N ARG A 28 7.91 3.39 -11.58
CA ARG A 28 8.95 2.55 -11.07
C ARG A 28 8.52 2.06 -9.70
N LEU A 29 8.02 3.01 -8.90
CA LEU A 29 7.59 2.76 -7.53
C LEU A 29 6.40 1.79 -7.52
N ARG A 30 5.57 1.86 -8.56
CA ARG A 30 4.41 0.96 -8.66
C ARG A 30 4.88 -0.46 -8.81
N SER A 31 5.92 -0.62 -9.61
CA SER A 31 6.53 -1.90 -9.84
C SER A 31 7.09 -2.45 -8.53
N LEU A 32 7.59 -1.54 -7.70
CA LEU A 32 8.17 -1.89 -6.40
C LEU A 32 7.11 -2.39 -5.44
N MET A 33 5.97 -1.73 -5.43
CA MET A 33 4.87 -2.11 -4.57
C MET A 33 4.36 -3.51 -4.84
N TYR A 34 4.15 -3.82 -6.09
CA TYR A 34 3.67 -5.15 -6.46
C TYR A 34 4.82 -6.16 -6.44
N ASP A 35 6.03 -5.63 -6.41
CA ASP A 35 7.24 -6.44 -6.20
C ASP A 35 7.30 -6.84 -4.72
N MET A 36 6.61 -6.05 -3.92
CA MET A 36 6.40 -6.31 -2.52
C MET A 36 5.00 -6.94 -2.33
N ASN A 37 4.38 -6.78 -1.17
CA ASN A 37 3.08 -7.44 -0.89
C ASN A 37 1.85 -6.61 -1.24
N PHE A 38 2.05 -5.42 -1.76
CA PHE A 38 0.93 -4.54 -2.13
C PHE A 38 0.05 -5.16 -3.23
N SER A 39 -1.20 -4.74 -3.30
CA SER A 39 -2.14 -5.27 -4.27
C SER A 39 -3.02 -4.15 -4.85
N SER A 40 -3.78 -4.49 -5.88
CA SER A 40 -4.62 -3.53 -6.57
C SER A 40 -6.07 -3.61 -6.11
N ILE A 41 -6.43 -4.73 -5.53
CA ILE A 41 -7.78 -5.00 -5.07
C ILE A 41 -7.74 -5.51 -3.63
N VAL A 42 -8.71 -5.10 -2.86
CA VAL A 42 -8.90 -5.57 -1.50
C VAL A 42 -10.40 -5.54 -1.21
N ALA A 43 -10.86 -6.42 -0.37
CA ALA A 43 -12.26 -6.47 0.01
C ALA A 43 -12.65 -5.25 0.81
N ASP A 44 -13.79 -4.70 0.47
CA ASP A 44 -14.35 -3.51 1.12
C ASP A 44 -15.00 -3.98 2.42
N GLU A 45 -15.74 -3.11 3.05
CA GLU A 45 -16.45 -3.46 4.25
C GLU A 45 -17.71 -4.19 3.82
N TYR A 46 -18.05 -3.99 2.55
CA TYR A 46 -19.19 -4.64 1.93
C TYR A 46 -18.76 -6.06 1.54
N GLY A 47 -17.46 -6.30 1.56
CA GLY A 47 -16.92 -7.60 1.17
C GLY A 47 -16.64 -7.66 -0.31
N ILE A 48 -16.82 -6.55 -0.98
CA ILE A 48 -16.63 -6.46 -2.41
C ILE A 48 -15.19 -6.13 -2.71
N PRO A 49 -14.55 -6.86 -3.62
CA PRO A 49 -13.17 -6.61 -4.01
C PRO A 49 -13.05 -5.27 -4.76
N ARG A 50 -12.63 -4.28 -4.04
CA ARG A 50 -12.52 -2.94 -4.51
C ARG A 50 -11.14 -2.65 -5.06
N GLN A 51 -11.12 -1.90 -6.14
CA GLN A 51 -9.90 -1.44 -6.76
C GLN A 51 -9.35 -0.30 -5.97
N LEU A 52 -8.09 -0.21 -5.98
CA LEU A 52 -7.38 0.79 -5.24
C LEU A 52 -6.72 1.77 -6.15
N ASN A 53 -6.47 1.34 -7.39
CA ASN A 53 -5.61 2.05 -8.43
C ASN A 53 -6.15 3.38 -8.89
N GLU A 54 -7.02 3.89 -8.13
CA GLU A 54 -7.60 5.18 -8.32
C GLU A 54 -6.65 6.22 -7.75
N ASN A 55 -5.89 5.79 -6.71
CA ASN A 55 -4.88 6.64 -6.01
C ASN A 55 -4.21 5.84 -4.86
N SER A 56 -4.96 4.94 -4.29
CA SER A 56 -4.56 4.16 -3.16
C SER A 56 -4.13 2.75 -3.54
N PHE A 57 -3.60 2.02 -2.58
CA PHE A 57 -3.19 0.64 -2.74
C PHE A 57 -3.32 -0.03 -1.39
N ALA A 58 -3.26 -1.34 -1.33
CA ALA A 58 -3.40 -2.08 -0.08
C ALA A 58 -2.33 -3.10 0.05
N ILE A 59 -2.12 -3.56 1.24
CA ILE A 59 -1.12 -4.55 1.49
C ILE A 59 -1.55 -5.43 2.66
N THR A 60 -1.10 -6.65 2.65
CA THR A 60 -1.31 -7.54 3.68
C THR A 60 0.05 -7.76 4.36
N THR A 61 0.19 -7.15 5.48
CA THR A 61 1.40 -7.18 6.22
C THR A 61 1.05 -7.07 7.70
N SER A 62 1.99 -7.31 8.55
CA SER A 62 1.72 -7.23 9.96
C SER A 62 2.63 -6.21 10.64
N LEU A 63 3.33 -5.44 9.83
CA LEU A 63 4.17 -4.38 10.33
C LEU A 63 3.37 -3.13 10.59
N ALA A 64 4.02 -2.08 10.98
CA ALA A 64 3.29 -0.90 11.39
C ALA A 64 3.20 0.10 10.28
N ALA A 65 2.34 1.08 10.45
CA ALA A 65 2.10 2.11 9.44
C ALA A 65 3.38 2.85 9.08
N SER A 66 4.13 3.22 10.09
CA SER A 66 5.39 3.91 9.91
C SER A 66 6.41 3.01 9.19
N GLU A 67 6.21 1.70 9.31
CA GLU A 67 7.13 0.75 8.75
C GLU A 67 6.83 0.60 7.29
N ILE A 68 5.54 0.56 6.95
CA ILE A 68 5.13 0.47 5.54
C ILE A 68 5.69 1.66 4.79
N GLU A 69 5.58 2.84 5.40
CA GLU A 69 6.11 4.05 4.80
C GLU A 69 7.56 3.91 4.46
N ASP A 70 8.36 3.58 5.44
CA ASP A 70 9.80 3.54 5.24
C ASP A 70 10.17 2.41 4.30
N LEU A 71 9.39 1.34 4.34
CA LEU A 71 9.54 0.18 3.47
C LEU A 71 9.46 0.65 2.01
N ILE A 72 8.44 1.44 1.71
CA ILE A 72 8.23 1.99 0.39
C ILE A 72 9.33 3.01 0.05
N ARG A 73 9.62 3.88 0.99
CA ARG A 73 10.58 4.96 0.78
C ARG A 73 12.00 4.43 0.53
N LEU A 74 12.33 3.26 1.07
CA LEU A 74 13.65 2.72 0.86
C LEU A 74 13.68 1.90 -0.44
N LYS A 75 12.50 1.63 -0.99
CA LYS A 75 12.38 0.98 -2.29
C LYS A 75 12.40 2.06 -3.35
N CYS A 76 12.25 3.28 -2.91
CA CYS A 76 12.27 4.44 -3.77
C CYS A 76 13.73 4.77 -4.12
N LEU A 77 14.65 4.10 -3.46
CA LEU A 77 16.07 4.24 -3.74
C LEU A 77 16.40 3.48 -5.02
N ASP A 78 15.50 2.57 -5.40
CA ASP A 78 15.65 1.75 -6.60
C ASP A 78 15.43 2.63 -7.80
N LEU A 79 14.42 3.43 -7.69
CA LEU A 79 14.02 4.33 -8.73
C LEU A 79 14.83 5.67 -8.63
N PRO A 80 14.66 6.65 -9.58
CA PRO A 80 15.37 7.93 -9.53
C PRO A 80 15.07 8.73 -8.25
N ASP A 81 13.85 9.28 -8.16
CA ASP A 81 13.40 10.11 -7.02
C ASP A 81 12.01 10.62 -7.30
N ILE A 82 11.19 10.65 -6.29
CA ILE A 82 9.86 11.18 -6.36
C ILE A 82 9.46 11.65 -4.99
N ASP A 83 9.21 12.92 -4.87
CA ASP A 83 8.74 13.45 -3.62
C ASP A 83 7.26 13.24 -3.54
N PHE A 84 6.89 12.16 -2.92
CA PHE A 84 5.52 11.81 -2.76
C PHE A 84 5.15 11.86 -1.29
N ASP A 85 3.90 12.04 -1.05
CA ASP A 85 3.32 12.03 0.26
C ASP A 85 2.41 10.84 0.33
N LEU A 86 2.74 9.87 1.11
CA LEU A 86 1.89 8.72 1.21
C LEU A 86 1.26 8.74 2.56
N ASN A 87 0.12 8.15 2.65
CA ASN A 87 -0.57 8.05 3.87
C ASN A 87 -0.99 6.62 4.09
N ILE A 88 -0.42 6.00 5.09
CA ILE A 88 -0.80 4.66 5.47
C ILE A 88 -1.97 4.72 6.42
N MET A 89 -2.92 3.88 6.20
CA MET A 89 -4.08 3.77 7.03
C MET A 89 -4.54 2.33 6.96
N THR A 90 -5.24 1.88 7.93
CA THR A 90 -5.85 0.58 7.89
C THR A 90 -6.96 0.56 6.82
N VAL A 91 -7.16 -0.60 6.21
CA VAL A 91 -8.21 -0.82 5.19
C VAL A 91 -9.59 -0.35 5.72
N ASP A 92 -9.86 -0.69 6.97
CA ASP A 92 -11.10 -0.30 7.66
C ASP A 92 -11.24 1.21 7.66
N ASP A 93 -10.11 1.85 7.93
CA ASP A 93 -10.05 3.30 8.06
C ASP A 93 -9.99 3.97 6.72
N TYR A 94 -9.84 3.18 5.71
CA TYR A 94 -9.83 3.65 4.37
C TYR A 94 -11.22 3.67 3.80
N PHE A 95 -11.84 2.53 3.80
CA PHE A 95 -13.17 2.37 3.24
C PHE A 95 -14.22 3.16 3.98
N ARG A 96 -13.93 3.48 5.21
CA ARG A 96 -14.81 4.32 6.02
C ARG A 96 -14.93 5.74 5.42
N GLN A 97 -13.98 6.14 4.60
CA GLN A 97 -14.03 7.45 3.98
C GLN A 97 -14.85 7.35 2.72
N PHE A 98 -14.59 6.27 2.00
CA PHE A 98 -15.21 6.01 0.73
C PHE A 98 -16.65 5.58 0.89
N TYR A 99 -17.36 5.54 -0.21
CA TYR A 99 -18.75 5.25 -0.21
C TYR A 99 -19.06 4.04 -1.05
N LYS A 100 -20.34 3.77 -1.15
CA LYS A 100 -20.83 2.65 -1.86
C LYS A 100 -20.82 2.94 -3.35
N GLY A 1 14.61 -24.17 15.33
CA GLY A 1 14.25 -22.94 14.65
C GLY A 1 13.04 -22.34 15.28
N HIS A 2 12.77 -21.09 14.97
CA HIS A 2 11.58 -20.41 15.46
C HIS A 2 11.16 -19.33 14.51
N MET A 3 10.48 -19.73 13.49
CA MET A 3 9.89 -18.79 12.58
C MET A 3 8.47 -18.56 13.04
N GLU A 4 8.38 -17.86 14.14
CA GLU A 4 7.19 -17.61 14.78
C GLU A 4 7.16 -16.14 15.18
N GLY A 5 5.98 -15.62 15.39
CA GLY A 5 5.81 -14.27 15.81
C GLY A 5 4.35 -13.94 15.82
N LYS A 6 3.88 -13.41 14.74
CA LYS A 6 2.50 -13.15 14.56
C LYS A 6 2.09 -13.59 13.17
N ASN A 7 1.14 -14.44 13.14
CA ASN A 7 0.71 -15.11 11.94
C ASN A 7 -0.58 -14.52 11.49
N LYS A 8 -1.06 -13.57 12.26
CA LYS A 8 -2.24 -12.87 11.88
C LYS A 8 -1.88 -11.87 10.81
N PHE A 9 -2.06 -12.26 9.60
CA PHE A 9 -1.90 -11.37 8.49
C PHE A 9 -3.03 -10.38 8.48
N ASN A 10 -2.66 -9.14 8.57
CA ASN A 10 -3.61 -8.05 8.66
C ASN A 10 -3.96 -7.64 7.26
N THR A 11 -4.67 -6.58 7.12
CA THR A 11 -4.94 -6.06 5.85
C THR A 11 -4.95 -4.53 5.92
N TYR A 12 -4.01 -3.95 5.25
CA TYR A 12 -3.80 -2.53 5.27
C TYR A 12 -4.05 -1.92 3.94
N VAL A 13 -4.18 -0.64 3.97
CA VAL A 13 -4.37 0.19 2.81
C VAL A 13 -3.38 1.33 2.86
N VAL A 14 -2.75 1.60 1.77
CA VAL A 14 -1.86 2.69 1.66
C VAL A 14 -2.46 3.72 0.74
N SER A 15 -2.37 4.93 1.14
CA SER A 15 -2.87 6.03 0.40
C SER A 15 -1.71 6.90 -0.03
N PHE A 16 -1.50 6.99 -1.32
CA PHE A 16 -0.43 7.78 -1.86
C PHE A 16 -0.87 9.15 -2.30
N ASP A 17 -0.01 10.10 -2.09
CA ASP A 17 -0.18 11.46 -2.51
C ASP A 17 1.03 11.89 -3.29
N TYR A 18 0.86 12.06 -4.55
CA TYR A 18 1.92 12.43 -5.47
C TYR A 18 1.31 13.13 -6.67
N PRO A 19 1.95 14.18 -7.18
CA PRO A 19 1.46 14.89 -8.34
C PRO A 19 1.68 14.09 -9.63
N SER A 20 0.99 14.50 -10.68
CA SER A 20 1.07 13.84 -11.97
C SER A 20 2.43 14.08 -12.65
N SER A 21 3.24 14.93 -12.05
CA SER A 21 4.60 15.18 -12.49
C SER A 21 5.43 13.88 -12.42
N TYR A 22 5.05 12.98 -11.52
CA TYR A 22 5.81 11.75 -11.33
C TYR A 22 5.02 10.55 -11.77
N SER A 23 4.07 10.75 -12.66
CA SER A 23 3.22 9.69 -13.14
C SER A 23 4.04 8.54 -13.74
N SER A 24 4.98 8.87 -14.61
CA SER A 24 5.77 7.85 -15.29
C SER A 24 6.84 7.25 -14.37
N VAL A 25 7.13 7.98 -13.32
CA VAL A 25 8.16 7.59 -12.37
C VAL A 25 7.59 6.64 -11.35
N PHE A 26 6.38 6.92 -10.98
CA PHE A 26 5.69 6.20 -9.97
C PHE A 26 5.31 4.81 -10.45
N LEU A 27 5.31 4.64 -11.75
CA LEU A 27 4.99 3.36 -12.34
C LEU A 27 5.99 2.31 -11.88
N ARG A 28 7.14 2.78 -11.47
CA ARG A 28 8.16 1.90 -10.96
C ARG A 28 7.75 1.47 -9.56
N LEU A 29 7.41 2.44 -8.74
CA LEU A 29 7.01 2.23 -7.36
C LEU A 29 5.76 1.34 -7.30
N ARG A 30 4.86 1.51 -8.28
CA ARG A 30 3.63 0.72 -8.31
C ARG A 30 3.96 -0.72 -8.65
N SER A 31 4.94 -0.87 -9.48
CA SER A 31 5.42 -2.18 -9.86
C SER A 31 6.06 -2.86 -8.65
N LEU A 32 6.68 -2.06 -7.81
CA LEU A 32 7.28 -2.56 -6.58
C LEU A 32 6.22 -3.07 -5.62
N MET A 33 5.07 -2.42 -5.62
CA MET A 33 3.95 -2.82 -4.78
C MET A 33 3.50 -4.21 -5.12
N TYR A 34 3.27 -4.46 -6.39
CA TYR A 34 2.78 -5.74 -6.86
C TYR A 34 3.88 -6.79 -6.88
N ASP A 35 5.10 -6.30 -6.83
CA ASP A 35 6.27 -7.16 -6.67
C ASP A 35 6.33 -7.60 -5.20
N MET A 36 5.78 -6.76 -4.34
CA MET A 36 5.60 -7.05 -2.93
C MET A 36 4.20 -7.64 -2.68
N ASN A 37 3.67 -7.49 -1.48
CA ASN A 37 2.38 -8.12 -1.10
C ASN A 37 1.16 -7.24 -1.41
N PHE A 38 1.38 -6.07 -1.95
CA PHE A 38 0.28 -5.15 -2.27
C PHE A 38 -0.62 -5.67 -3.39
N SER A 39 -1.83 -5.16 -3.45
CA SER A 39 -2.81 -5.56 -4.44
C SER A 39 -3.66 -4.34 -4.89
N SER A 40 -4.46 -4.54 -5.95
CA SER A 40 -5.31 -3.49 -6.50
C SER A 40 -6.74 -3.62 -5.98
N ILE A 41 -7.07 -4.79 -5.50
CA ILE A 41 -8.39 -5.11 -4.98
C ILE A 41 -8.27 -5.61 -3.56
N VAL A 42 -9.27 -5.35 -2.77
CA VAL A 42 -9.39 -5.91 -1.45
C VAL A 42 -10.88 -6.03 -1.14
N ALA A 43 -11.25 -7.01 -0.35
CA ALA A 43 -12.62 -7.13 0.07
C ALA A 43 -12.99 -5.96 0.98
N ASP A 44 -14.14 -5.39 0.71
CA ASP A 44 -14.67 -4.25 1.45
C ASP A 44 -15.27 -4.76 2.75
N GLU A 45 -16.06 -3.94 3.41
CA GLU A 45 -16.68 -4.35 4.65
C GLU A 45 -17.87 -5.20 4.28
N TYR A 46 -18.34 -4.99 3.05
CA TYR A 46 -19.47 -5.73 2.52
C TYR A 46 -18.98 -7.11 2.11
N GLY A 47 -17.67 -7.25 2.01
CA GLY A 47 -17.07 -8.48 1.56
C GLY A 47 -16.90 -8.50 0.05
N ILE A 48 -17.12 -7.35 -0.57
CA ILE A 48 -17.04 -7.23 -2.01
C ILE A 48 -15.66 -6.72 -2.39
N PRO A 49 -15.00 -7.38 -3.35
CA PRO A 49 -13.69 -6.96 -3.84
C PRO A 49 -13.74 -5.58 -4.54
N ARG A 50 -13.28 -4.60 -3.82
CA ARG A 50 -13.24 -3.22 -4.24
C ARG A 50 -11.86 -2.86 -4.81
N GLN A 51 -11.87 -2.00 -5.83
CA GLN A 51 -10.66 -1.48 -6.42
C GLN A 51 -10.12 -0.31 -5.60
N LEU A 52 -8.86 -0.31 -5.44
CA LEU A 52 -8.14 0.64 -4.61
C LEU A 52 -7.56 1.76 -5.41
N ASN A 53 -7.45 1.52 -6.69
CA ASN A 53 -6.69 2.34 -7.66
C ASN A 53 -7.23 3.73 -7.95
N GLU A 54 -7.50 4.42 -6.91
CA GLU A 54 -7.83 5.81 -6.93
C GLU A 54 -6.57 6.52 -6.56
N ASN A 55 -6.07 6.14 -5.40
CA ASN A 55 -4.79 6.57 -4.86
C ASN A 55 -4.40 5.65 -3.72
N SER A 56 -5.02 4.50 -3.69
CA SER A 56 -4.84 3.64 -2.59
C SER A 56 -4.53 2.26 -3.09
N PHE A 57 -3.96 1.47 -2.24
CA PHE A 57 -3.65 0.10 -2.54
C PHE A 57 -3.73 -0.66 -1.22
N ALA A 58 -3.78 -1.96 -1.25
CA ALA A 58 -3.93 -2.73 -0.02
C ALA A 58 -2.91 -3.80 0.07
N ILE A 59 -2.67 -4.25 1.26
CA ILE A 59 -1.70 -5.27 1.49
C ILE A 59 -2.14 -6.15 2.65
N THR A 60 -1.93 -7.43 2.53
CA THR A 60 -2.35 -8.38 3.54
C THR A 60 -1.18 -8.73 4.49
N THR A 61 -0.34 -7.74 4.74
CA THR A 61 0.83 -7.96 5.54
C THR A 61 0.46 -7.97 7.02
N SER A 62 1.29 -8.54 7.84
CA SER A 62 1.04 -8.58 9.23
C SER A 62 1.83 -7.52 9.98
N LEU A 63 2.86 -6.96 9.33
CA LEU A 63 3.68 -5.93 9.96
C LEU A 63 2.91 -4.64 10.18
N ALA A 64 3.51 -3.73 10.89
CA ALA A 64 2.81 -2.53 11.28
C ALA A 64 2.88 -1.46 10.22
N ALA A 65 2.11 -0.41 10.43
CA ALA A 65 1.97 0.70 9.48
C ALA A 65 3.31 1.36 9.19
N SER A 66 4.08 1.57 10.22
CA SER A 66 5.36 2.21 10.12
C SER A 66 6.35 1.27 9.40
N GLU A 67 6.03 -0.02 9.38
CA GLU A 67 6.91 -0.97 8.78
C GLU A 67 6.66 -0.98 7.29
N ILE A 68 5.37 -0.92 6.91
CA ILE A 68 4.98 -0.88 5.49
C ILE A 68 5.62 0.32 4.82
N GLU A 69 5.56 1.49 5.47
CA GLU A 69 6.18 2.69 4.92
C GLU A 69 7.63 2.43 4.65
N ASP A 70 8.34 1.92 5.65
CA ASP A 70 9.78 1.64 5.57
C ASP A 70 10.09 0.72 4.39
N LEU A 71 9.25 -0.29 4.23
CA LEU A 71 9.34 -1.19 3.10
C LEU A 71 9.29 -0.42 1.79
N ILE A 72 8.32 0.46 1.68
CA ILE A 72 8.13 1.24 0.48
C ILE A 72 9.27 2.26 0.30
N ARG A 73 9.74 2.82 1.41
CA ARG A 73 10.79 3.84 1.40
C ARG A 73 12.08 3.29 0.81
N LEU A 74 12.42 2.06 1.17
CA LEU A 74 13.66 1.49 0.71
C LEU A 74 13.49 0.85 -0.68
N LYS A 75 12.24 0.71 -1.13
CA LYS A 75 11.99 0.22 -2.49
C LYS A 75 12.01 1.37 -3.46
N CYS A 76 12.10 2.56 -2.93
CA CYS A 76 12.21 3.75 -3.73
C CYS A 76 13.68 3.92 -4.16
N LEU A 77 14.53 3.05 -3.65
CA LEU A 77 15.92 3.01 -4.01
C LEU A 77 16.10 2.14 -5.24
N ASP A 78 15.02 1.50 -5.63
CA ASP A 78 14.98 0.66 -6.84
C ASP A 78 14.67 1.51 -8.01
N LEU A 79 13.75 2.42 -7.78
CA LEU A 79 13.31 3.35 -8.80
C LEU A 79 14.31 4.55 -8.88
N PRO A 80 14.13 5.53 -9.81
CA PRO A 80 15.04 6.69 -9.89
C PRO A 80 14.91 7.62 -8.67
N ASP A 81 13.79 8.35 -8.60
CA ASP A 81 13.49 9.26 -7.49
C ASP A 81 12.12 9.86 -7.70
N ILE A 82 11.35 9.93 -6.64
CA ILE A 82 10.04 10.51 -6.65
C ILE A 82 9.71 11.04 -5.28
N ASP A 83 9.40 12.29 -5.23
CA ASP A 83 8.88 12.90 -4.04
C ASP A 83 7.41 12.54 -3.89
N PHE A 84 7.15 11.56 -3.06
CA PHE A 84 5.80 11.11 -2.81
C PHE A 84 5.52 11.08 -1.31
N ASP A 85 4.27 11.02 -0.99
CA ASP A 85 3.81 10.89 0.37
C ASP A 85 2.84 9.73 0.43
N LEU A 86 2.82 9.00 1.52
CA LEU A 86 1.92 7.93 1.66
C LEU A 86 1.39 7.89 3.08
N ASN A 87 0.23 7.35 3.22
CA ASN A 87 -0.35 7.12 4.50
C ASN A 87 -0.83 5.70 4.58
N ILE A 88 -0.28 4.96 5.51
CA ILE A 88 -0.72 3.61 5.76
C ILE A 88 -1.86 3.64 6.75
N MET A 89 -2.87 2.86 6.48
CA MET A 89 -3.98 2.70 7.35
C MET A 89 -4.47 1.29 7.17
N THR A 90 -5.27 0.84 8.02
CA THR A 90 -5.92 -0.43 7.90
C THR A 90 -7.09 -0.34 6.89
N VAL A 91 -7.34 -1.42 6.17
CA VAL A 91 -8.44 -1.50 5.17
C VAL A 91 -9.77 -1.13 5.83
N ASP A 92 -9.95 -1.62 7.04
CA ASP A 92 -11.14 -1.40 7.85
C ASP A 92 -11.31 0.09 8.12
N ASP A 93 -10.19 0.75 8.35
CA ASP A 93 -10.19 2.17 8.65
C ASP A 93 -10.13 3.00 7.40
N TYR A 94 -10.01 2.34 6.29
CA TYR A 94 -10.02 2.99 5.01
C TYR A 94 -11.40 3.16 4.46
N PHE A 95 -12.07 2.05 4.24
CA PHE A 95 -13.40 2.06 3.62
C PHE A 95 -14.42 2.81 4.45
N ARG A 96 -14.18 2.88 5.72
CA ARG A 96 -15.05 3.62 6.64
C ARG A 96 -15.04 5.14 6.35
N GLN A 97 -14.10 5.57 5.52
CA GLN A 97 -14.01 6.97 5.12
C GLN A 97 -14.55 7.11 3.70
N PHE A 98 -14.23 6.12 2.87
CA PHE A 98 -14.52 6.18 1.45
C PHE A 98 -15.70 5.32 1.09
N TYR A 99 -16.82 5.93 0.98
CA TYR A 99 -17.99 5.26 0.52
C TYR A 99 -18.30 5.72 -0.87
N LYS A 100 -19.42 5.33 -1.35
CA LYS A 100 -19.83 5.68 -2.67
C LYS A 100 -20.43 7.07 -2.66
N GLY A 1 13.27 -21.13 21.09
CA GLY A 1 13.56 -19.96 20.28
C GLY A 1 12.29 -19.24 19.92
N HIS A 2 12.39 -18.19 19.14
CA HIS A 2 11.21 -17.47 18.72
C HIS A 2 11.16 -17.42 17.23
N MET A 3 10.44 -18.34 16.67
CA MET A 3 10.22 -18.40 15.24
C MET A 3 8.75 -18.61 15.02
N GLU A 4 8.04 -17.55 15.26
CA GLU A 4 6.64 -17.57 15.31
C GLU A 4 6.04 -17.49 13.93
N GLY A 5 5.10 -18.35 13.67
CA GLY A 5 4.41 -18.30 12.43
C GLY A 5 3.21 -17.40 12.55
N LYS A 6 2.69 -16.94 11.46
CA LYS A 6 1.59 -16.06 11.45
C LYS A 6 0.48 -16.65 10.67
N ASN A 7 -0.62 -16.78 11.29
CA ASN A 7 -1.82 -17.25 10.67
C ASN A 7 -2.68 -16.05 10.36
N LYS A 8 -2.32 -14.94 10.97
CA LYS A 8 -3.03 -13.74 10.76
C LYS A 8 -2.22 -12.72 10.00
N PHE A 9 -2.47 -12.70 8.74
CA PHE A 9 -1.98 -11.66 7.88
C PHE A 9 -3.00 -10.57 7.95
N ASN A 10 -2.54 -9.38 8.18
CA ASN A 10 -3.45 -8.27 8.40
C ASN A 10 -3.62 -7.54 7.12
N THR A 11 -4.32 -6.46 7.13
CA THR A 11 -4.54 -5.80 5.92
C THR A 11 -4.43 -4.27 6.12
N TYR A 12 -3.49 -3.70 5.44
CA TYR A 12 -3.20 -2.31 5.56
C TYR A 12 -3.37 -1.62 4.25
N VAL A 13 -3.51 -0.35 4.31
CA VAL A 13 -3.66 0.52 3.19
C VAL A 13 -2.63 1.63 3.23
N VAL A 14 -2.06 1.94 2.11
CA VAL A 14 -1.11 3.00 2.01
C VAL A 14 -1.65 4.03 1.08
N SER A 15 -1.62 5.22 1.52
CA SER A 15 -2.11 6.32 0.76
C SER A 15 -0.95 7.20 0.33
N PHE A 16 -0.71 7.27 -0.96
CA PHE A 16 0.39 8.05 -1.47
C PHE A 16 0.00 9.43 -1.89
N ASP A 17 0.77 10.38 -1.48
CA ASP A 17 0.56 11.76 -1.83
C ASP A 17 1.63 12.17 -2.73
N TYR A 18 1.21 12.67 -3.83
CA TYR A 18 2.11 13.10 -4.85
C TYR A 18 1.34 13.80 -5.94
N PRO A 19 1.84 14.94 -6.42
CA PRO A 19 1.21 15.66 -7.52
C PRO A 19 1.28 14.84 -8.83
N SER A 20 0.33 15.09 -9.73
CA SER A 20 0.20 14.38 -11.00
C SER A 20 1.45 14.49 -11.89
N SER A 21 2.28 15.47 -11.62
CA SER A 21 3.51 15.66 -12.34
C SER A 21 4.46 14.45 -12.14
N TYR A 22 4.34 13.76 -10.99
CA TYR A 22 5.25 12.65 -10.71
C TYR A 22 4.64 11.31 -11.03
N SER A 23 3.50 11.31 -11.68
CA SER A 23 2.82 10.06 -12.01
C SER A 23 3.72 9.20 -12.92
N SER A 24 4.39 9.86 -13.86
CA SER A 24 5.28 9.22 -14.83
C SER A 24 6.44 8.50 -14.12
N VAL A 25 6.74 8.94 -12.94
CA VAL A 25 7.83 8.43 -12.15
C VAL A 25 7.34 7.38 -11.18
N PHE A 26 6.15 7.56 -10.71
CA PHE A 26 5.62 6.75 -9.68
C PHE A 26 5.24 5.37 -10.19
N LEU A 27 5.03 5.25 -11.48
CA LEU A 27 4.66 3.97 -12.07
C LEU A 27 5.77 2.94 -11.83
N ARG A 28 6.96 3.44 -11.58
CA ARG A 28 8.10 2.61 -11.31
C ARG A 28 7.97 2.06 -9.89
N LEU A 29 7.66 2.97 -8.96
CA LEU A 29 7.46 2.65 -7.54
C LEU A 29 6.26 1.70 -7.38
N ARG A 30 5.26 1.86 -8.23
CA ARG A 30 4.07 1.02 -8.12
C ARG A 30 4.43 -0.41 -8.49
N SER A 31 5.32 -0.53 -9.45
CA SER A 31 5.82 -1.82 -9.90
C SER A 31 6.61 -2.49 -8.78
N LEU A 32 7.22 -1.68 -7.93
CA LEU A 32 7.94 -2.17 -6.76
C LEU A 32 6.96 -2.68 -5.73
N MET A 33 5.84 -2.01 -5.60
CA MET A 33 4.79 -2.39 -4.69
C MET A 33 4.14 -3.70 -5.06
N TYR A 34 3.79 -3.86 -6.32
CA TYR A 34 3.16 -5.12 -6.77
C TYR A 34 4.18 -6.24 -6.83
N ASP A 35 5.44 -5.86 -6.84
CA ASP A 35 6.56 -6.81 -6.70
C ASP A 35 6.53 -7.38 -5.28
N MET A 36 6.09 -6.54 -4.37
CA MET A 36 5.89 -6.89 -2.99
C MET A 36 4.43 -7.36 -2.79
N ASN A 37 3.91 -7.23 -1.60
CA ASN A 37 2.58 -7.76 -1.28
C ASN A 37 1.45 -6.78 -1.49
N PHE A 38 1.78 -5.60 -1.95
CA PHE A 38 0.76 -4.59 -2.20
C PHE A 38 -0.16 -5.03 -3.33
N SER A 39 -1.40 -4.62 -3.25
CA SER A 39 -2.39 -4.98 -4.21
C SER A 39 -3.17 -3.76 -4.68
N SER A 40 -3.90 -3.95 -5.75
CA SER A 40 -4.72 -2.93 -6.35
C SER A 40 -6.15 -3.07 -5.90
N ILE A 41 -6.48 -4.26 -5.42
CA ILE A 41 -7.81 -4.60 -4.96
C ILE A 41 -7.73 -5.15 -3.54
N VAL A 42 -8.73 -4.86 -2.74
CA VAL A 42 -8.90 -5.41 -1.42
C VAL A 42 -10.39 -5.31 -1.09
N ALA A 43 -10.87 -6.16 -0.24
CA ALA A 43 -12.25 -6.13 0.16
C ALA A 43 -12.56 -4.89 1.00
N ASP A 44 -13.76 -4.37 0.77
CA ASP A 44 -14.33 -3.22 1.48
C ASP A 44 -14.84 -3.74 2.82
N GLU A 45 -15.62 -2.96 3.52
CA GLU A 45 -16.12 -3.38 4.80
C GLU A 45 -17.30 -4.29 4.54
N TYR A 46 -17.88 -4.12 3.34
CA TYR A 46 -18.97 -4.96 2.90
C TYR A 46 -18.42 -6.30 2.46
N GLY A 47 -17.15 -6.29 2.11
CA GLY A 47 -16.52 -7.48 1.57
C GLY A 47 -16.39 -7.41 0.07
N ILE A 48 -16.62 -6.24 -0.50
CA ILE A 48 -16.56 -6.05 -1.94
C ILE A 48 -15.15 -5.68 -2.35
N PRO A 49 -14.57 -6.41 -3.29
CA PRO A 49 -13.23 -6.12 -3.78
C PRO A 49 -13.15 -4.78 -4.51
N ARG A 50 -12.66 -3.80 -3.81
CA ARG A 50 -12.52 -2.45 -4.31
C ARG A 50 -11.19 -2.24 -4.99
N GLN A 51 -11.15 -1.28 -5.89
CA GLN A 51 -9.91 -0.84 -6.48
C GLN A 51 -9.36 0.29 -5.66
N LEU A 52 -8.10 0.26 -5.47
CA LEU A 52 -7.41 1.22 -4.61
C LEU A 52 -6.73 2.29 -5.41
N ASN A 53 -6.53 1.99 -6.69
CA ASN A 53 -5.71 2.77 -7.69
C ASN A 53 -6.24 4.17 -8.00
N GLU A 54 -6.72 4.76 -7.01
CA GLU A 54 -7.16 6.10 -7.00
C GLU A 54 -6.03 6.94 -6.49
N ASN A 55 -5.41 6.42 -5.44
CA ASN A 55 -4.47 7.14 -4.62
C ASN A 55 -3.85 6.23 -3.56
N SER A 56 -4.62 5.28 -3.09
CA SER A 56 -4.16 4.38 -2.06
C SER A 56 -3.94 2.97 -2.62
N PHE A 57 -3.37 2.11 -1.82
CA PHE A 57 -3.12 0.73 -2.18
C PHE A 57 -3.21 -0.07 -0.90
N ALA A 58 -3.23 -1.38 -0.99
CA ALA A 58 -3.35 -2.21 0.21
C ALA A 58 -2.33 -3.28 0.22
N ILE A 59 -2.16 -3.90 1.35
CA ILE A 59 -1.22 -4.96 1.51
C ILE A 59 -1.70 -5.92 2.60
N THR A 60 -1.43 -7.20 2.44
CA THR A 60 -1.86 -8.22 3.39
C THR A 60 -0.73 -8.57 4.39
N THR A 61 0.08 -7.61 4.69
CA THR A 61 1.21 -7.84 5.54
C THR A 61 0.76 -7.87 7.03
N SER A 62 1.63 -8.35 7.89
CA SER A 62 1.33 -8.40 9.28
C SER A 62 2.34 -7.53 10.07
N LEU A 63 3.26 -6.91 9.34
CA LEU A 63 4.21 -6.00 9.97
C LEU A 63 3.55 -4.69 10.31
N ALA A 64 4.26 -3.83 10.95
CA ALA A 64 3.66 -2.62 11.43
C ALA A 64 3.71 -1.50 10.40
N ALA A 65 2.98 -0.44 10.68
CA ALA A 65 2.88 0.72 9.80
C ALA A 65 4.25 1.31 9.49
N SER A 66 5.05 1.49 10.51
CA SER A 66 6.36 2.07 10.35
C SER A 66 7.33 1.07 9.68
N GLU A 67 6.89 -0.17 9.55
CA GLU A 67 7.66 -1.17 8.89
C GLU A 67 7.36 -1.08 7.41
N ILE A 68 6.05 -1.00 7.06
CA ILE A 68 5.63 -0.90 5.66
C ILE A 68 6.27 0.32 5.05
N GLU A 69 6.16 1.42 5.78
CA GLU A 69 6.72 2.66 5.40
C GLU A 69 8.20 2.53 5.05
N ASP A 70 8.97 1.94 5.94
CA ASP A 70 10.41 1.83 5.77
C ASP A 70 10.77 0.91 4.61
N LEU A 71 9.93 -0.11 4.41
CA LEU A 71 10.04 -0.99 3.26
C LEU A 71 9.96 -0.18 1.99
N ILE A 72 8.94 0.65 1.90
CA ILE A 72 8.70 1.48 0.75
C ILE A 72 9.82 2.52 0.58
N ARG A 73 10.31 3.06 1.71
CA ARG A 73 11.37 4.07 1.71
C ARG A 73 12.60 3.58 0.96
N LEU A 74 13.00 2.34 1.24
CA LEU A 74 14.22 1.81 0.64
C LEU A 74 14.00 1.34 -0.80
N LYS A 75 12.74 1.22 -1.23
CA LYS A 75 12.48 0.88 -2.62
C LYS A 75 12.44 2.15 -3.46
N CYS A 76 12.47 3.28 -2.79
CA CYS A 76 12.52 4.55 -3.46
C CYS A 76 13.94 4.81 -3.96
N LEU A 77 14.87 4.02 -3.44
CA LEU A 77 16.26 4.09 -3.84
C LEU A 77 16.43 3.44 -5.23
N ASP A 78 15.40 2.70 -5.64
CA ASP A 78 15.39 2.03 -6.94
C ASP A 78 14.93 2.98 -7.99
N LEU A 79 13.87 3.67 -7.67
CA LEU A 79 13.25 4.63 -8.60
C LEU A 79 14.17 5.83 -8.81
N PRO A 80 13.99 6.59 -9.92
CA PRO A 80 14.78 7.80 -10.18
C PRO A 80 14.64 8.85 -9.05
N ASP A 81 13.50 9.54 -8.99
CA ASP A 81 13.24 10.52 -7.94
C ASP A 81 11.81 11.04 -8.00
N ILE A 82 11.15 10.96 -6.87
CA ILE A 82 9.82 11.45 -6.68
C ILE A 82 9.69 11.84 -5.25
N ASP A 83 9.32 13.06 -5.02
CA ASP A 83 9.03 13.52 -3.68
C ASP A 83 7.60 13.17 -3.37
N PHE A 84 7.42 12.08 -2.69
CA PHE A 84 6.11 11.64 -2.32
C PHE A 84 6.01 11.61 -0.83
N ASP A 85 4.84 11.38 -0.34
CA ASP A 85 4.62 11.22 1.06
C ASP A 85 3.51 10.22 1.23
N LEU A 86 3.71 9.20 1.99
CA LEU A 86 2.69 8.19 2.12
C LEU A 86 2.07 8.22 3.50
N ASN A 87 1.02 7.50 3.67
CA ASN A 87 0.39 7.33 4.93
C ASN A 87 -0.10 5.91 5.03
N ILE A 88 0.41 5.19 5.99
CA ILE A 88 -0.05 3.86 6.25
C ILE A 88 -1.22 3.91 7.22
N MET A 89 -2.24 3.20 6.90
CA MET A 89 -3.40 3.09 7.72
C MET A 89 -3.92 1.67 7.53
N THR A 90 -4.74 1.18 8.40
CA THR A 90 -5.34 -0.11 8.16
C THR A 90 -6.43 0.04 7.10
N VAL A 91 -6.78 -1.06 6.48
CA VAL A 91 -7.88 -1.09 5.53
C VAL A 91 -9.16 -0.60 6.21
N ASP A 92 -9.32 -1.00 7.46
CA ASP A 92 -10.45 -0.60 8.29
C ASP A 92 -10.44 0.92 8.55
N ASP A 93 -9.25 1.51 8.63
CA ASP A 93 -9.09 2.97 8.80
C ASP A 93 -9.26 3.68 7.48
N TYR A 94 -9.22 2.94 6.43
CA TYR A 94 -9.28 3.47 5.11
C TYR A 94 -10.68 3.58 4.60
N PHE A 95 -11.36 2.45 4.53
CA PHE A 95 -12.71 2.41 3.97
C PHE A 95 -13.73 3.20 4.74
N ARG A 96 -13.39 3.52 5.95
CA ARG A 96 -14.22 4.36 6.76
C ARG A 96 -14.30 5.80 6.17
N GLN A 97 -13.36 6.12 5.27
CA GLN A 97 -13.30 7.43 4.60
C GLN A 97 -13.81 7.28 3.16
N PHE A 98 -13.62 6.11 2.60
CA PHE A 98 -13.90 5.85 1.19
C PHE A 98 -14.98 4.82 1.02
N TYR A 99 -16.05 5.22 0.43
CA TYR A 99 -17.17 4.37 0.18
C TYR A 99 -17.50 4.38 -1.31
N LYS A 100 -18.69 3.96 -1.62
CA LYS A 100 -19.21 3.93 -2.96
C LYS A 100 -19.32 5.36 -3.52
#